data_1V70
# 
_entry.id   1V70 
# 
_audit_conform.dict_name       mmcif_pdbx.dic 
_audit_conform.dict_version    5.383 
_audit_conform.dict_location   http://mmcif.pdb.org/dictionaries/ascii/mmcif_pdbx.dic 
# 
loop_
_database_2.database_id 
_database_2.database_code 
_database_2.pdbx_database_accession 
_database_2.pdbx_DOI 
PDB   1V70         pdb_00001v70 10.2210/pdb1v70/pdb 
RCSB  RCSB006285   ?            ?                   
WWPDB D_1000006285 ?            ?                   
# 
loop_
_pdbx_audit_revision_history.ordinal 
_pdbx_audit_revision_history.data_content_type 
_pdbx_audit_revision_history.major_revision 
_pdbx_audit_revision_history.minor_revision 
_pdbx_audit_revision_history.revision_date 
1 'Structure model' 1 0 2004-12-14 
2 'Structure model' 1 1 2008-04-27 
3 'Structure model' 1 2 2011-07-13 
4 'Structure model' 1 3 2023-12-27 
# 
_pdbx_audit_revision_details.ordinal             1 
_pdbx_audit_revision_details.revision_ordinal    1 
_pdbx_audit_revision_details.data_content_type   'Structure model' 
_pdbx_audit_revision_details.provider            repository 
_pdbx_audit_revision_details.type                'Initial release' 
_pdbx_audit_revision_details.description         ? 
_pdbx_audit_revision_details.details             ? 
# 
loop_
_pdbx_audit_revision_group.ordinal 
_pdbx_audit_revision_group.revision_ordinal 
_pdbx_audit_revision_group.data_content_type 
_pdbx_audit_revision_group.group 
1 2 'Structure model' 'Version format compliance' 
2 3 'Structure model' 'Derived calculations'      
3 3 'Structure model' 'Source and taxonomy'       
4 3 'Structure model' 'Version format compliance' 
5 4 'Structure model' 'Data collection'           
6 4 'Structure model' 'Database references'       
7 4 'Structure model' 'Derived calculations'      
# 
loop_
_pdbx_audit_revision_category.ordinal 
_pdbx_audit_revision_category.revision_ordinal 
_pdbx_audit_revision_category.data_content_type 
_pdbx_audit_revision_category.category 
1 4 'Structure model' chem_comp_atom         
2 4 'Structure model' chem_comp_bond         
3 4 'Structure model' database_2             
4 4 'Structure model' pdbx_struct_conn_angle 
5 4 'Structure model' struct_conn            
6 4 'Structure model' struct_site            
# 
loop_
_pdbx_audit_revision_item.ordinal 
_pdbx_audit_revision_item.revision_ordinal 
_pdbx_audit_revision_item.data_content_type 
_pdbx_audit_revision_item.item 
1  4 'Structure model' '_database_2.pdbx_DOI'                      
2  4 'Structure model' '_database_2.pdbx_database_accession'       
3  4 'Structure model' '_pdbx_struct_conn_angle.ptnr1_auth_seq_id' 
4  4 'Structure model' '_pdbx_struct_conn_angle.ptnr3_auth_seq_id' 
5  4 'Structure model' '_pdbx_struct_conn_angle.value'             
6  4 'Structure model' '_struct_conn.pdbx_dist_value'              
7  4 'Structure model' '_struct_conn.ptnr1_auth_comp_id'           
8  4 'Structure model' '_struct_conn.ptnr1_auth_seq_id'            
9  4 'Structure model' '_struct_conn.ptnr1_label_asym_id'          
10 4 'Structure model' '_struct_conn.ptnr1_label_atom_id'          
11 4 'Structure model' '_struct_conn.ptnr1_label_comp_id'          
12 4 'Structure model' '_struct_conn.ptnr1_label_seq_id'           
13 4 'Structure model' '_struct_conn.ptnr2_auth_comp_id'           
14 4 'Structure model' '_struct_conn.ptnr2_auth_seq_id'            
15 4 'Structure model' '_struct_conn.ptnr2_label_asym_id'          
16 4 'Structure model' '_struct_conn.ptnr2_label_atom_id'          
17 4 'Structure model' '_struct_conn.ptnr2_label_comp_id'          
18 4 'Structure model' '_struct_conn.ptnr2_label_seq_id'           
19 4 'Structure model' '_struct_site.pdbx_auth_asym_id'            
20 4 'Structure model' '_struct_site.pdbx_auth_comp_id'            
21 4 'Structure model' '_struct_site.pdbx_auth_seq_id'             
# 
_pdbx_database_status.status_code                     REL 
_pdbx_database_status.entry_id                        1V70 
_pdbx_database_status.recvd_initial_deposition_date   2003-12-05 
_pdbx_database_status.deposit_site                    PDBJ 
_pdbx_database_status.process_site                    PDBJ 
_pdbx_database_status.status_code_sf                  REL 
_pdbx_database_status.SG_entry                        Y 
_pdbx_database_status.pdb_format_compatible           Y 
_pdbx_database_status.status_code_mr                  ? 
_pdbx_database_status.status_code_cs                  ? 
_pdbx_database_status.status_code_nmr_data            ? 
_pdbx_database_status.methods_development_category    ? 
# 
_pdbx_database_related.db_name        TargetDB 
_pdbx_database_related.db_id          ttk003001209.1 
_pdbx_database_related.details        . 
_pdbx_database_related.content_type   unspecified 
# 
loop_
_audit_author.name 
_audit_author.pdbx_ordinal 
'Asada, Y.'                                              1 
'Kunishima, N.'                                          2 
'RIKEN Structural Genomics/Proteomics Initiative (RSGI)' 3 
# 
_citation.id                        primary 
_citation.title                     'Crystal Structure of probable antibiotics synthesis protein from Thermus thermophilus HB8' 
_citation.journal_abbrev            'To be Published' 
_citation.journal_volume            ? 
_citation.page_first                ? 
_citation.page_last                 ? 
_citation.year                      ? 
_citation.journal_id_ASTM           ? 
_citation.country                   ? 
_citation.journal_id_ISSN           ? 
_citation.journal_id_CSD            0353 
_citation.book_publisher            ? 
_citation.pdbx_database_id_PubMed   ? 
_citation.pdbx_database_id_DOI      ? 
# 
loop_
_citation_author.citation_id 
_citation_author.name 
_citation_author.ordinal 
_citation_author.identifier_ORCID 
primary 'Asada, Y.'     1 ? 
primary 'Kunishima, N.' 2 ? 
# 
loop_
_entity.id 
_entity.type 
_entity.src_method 
_entity.pdbx_description 
_entity.formula_weight 
_entity.pdbx_number_of_molecules 
_entity.pdbx_ec 
_entity.pdbx_mutation 
_entity.pdbx_fragment 
_entity.details 
1 polymer     man 'probable antibiotics synthesis protein' 11498.314 1   ? ? ? ? 
2 non-polymer syn 'SODIUM ION'                             22.990    1   ? ? ? ? 
3 water       nat water                                    18.015    122 ? ? ? ? 
# 
_entity_poly.entity_id                      1 
_entity_poly.type                           'polypeptide(L)' 
_entity_poly.nstd_linkage                   no 
_entity_poly.nstd_monomer                   no 
_entity_poly.pdbx_seq_one_letter_code       
;MEIKDLKRLARYNPEKMAKIPVFQSERMLYDLYALLPGQAQKVHVHEGSDKVYYALEGEVVVRVGEEEALLAPGMAAFAP
AGAPHGVRNESASPALLLVVTAPRP
;
_entity_poly.pdbx_seq_one_letter_code_can   
;MEIKDLKRLARYNPEKMAKIPVFQSERMLYDLYALLPGQAQKVHVHEGSDKVYYALEGEVVVRVGEEEALLAPGMAAFAP
AGAPHGVRNESASPALLLVVTAPRP
;
_entity_poly.pdbx_strand_id                 A 
_entity_poly.pdbx_target_identifier         ttk003001209.1 
# 
loop_
_pdbx_entity_nonpoly.entity_id 
_pdbx_entity_nonpoly.name 
_pdbx_entity_nonpoly.comp_id 
2 'SODIUM ION' NA  
3 water        HOH 
# 
loop_
_entity_poly_seq.entity_id 
_entity_poly_seq.num 
_entity_poly_seq.mon_id 
_entity_poly_seq.hetero 
1 1   MET n 
1 2   GLU n 
1 3   ILE n 
1 4   LYS n 
1 5   ASP n 
1 6   LEU n 
1 7   LYS n 
1 8   ARG n 
1 9   LEU n 
1 10  ALA n 
1 11  ARG n 
1 12  TYR n 
1 13  ASN n 
1 14  PRO n 
1 15  GLU n 
1 16  LYS n 
1 17  MET n 
1 18  ALA n 
1 19  LYS n 
1 20  ILE n 
1 21  PRO n 
1 22  VAL n 
1 23  PHE n 
1 24  GLN n 
1 25  SER n 
1 26  GLU n 
1 27  ARG n 
1 28  MET n 
1 29  LEU n 
1 30  TYR n 
1 31  ASP n 
1 32  LEU n 
1 33  TYR n 
1 34  ALA n 
1 35  LEU n 
1 36  LEU n 
1 37  PRO n 
1 38  GLY n 
1 39  GLN n 
1 40  ALA n 
1 41  GLN n 
1 42  LYS n 
1 43  VAL n 
1 44  HIS n 
1 45  VAL n 
1 46  HIS n 
1 47  GLU n 
1 48  GLY n 
1 49  SER n 
1 50  ASP n 
1 51  LYS n 
1 52  VAL n 
1 53  TYR n 
1 54  TYR n 
1 55  ALA n 
1 56  LEU n 
1 57  GLU n 
1 58  GLY n 
1 59  GLU n 
1 60  VAL n 
1 61  VAL n 
1 62  VAL n 
1 63  ARG n 
1 64  VAL n 
1 65  GLY n 
1 66  GLU n 
1 67  GLU n 
1 68  GLU n 
1 69  ALA n 
1 70  LEU n 
1 71  LEU n 
1 72  ALA n 
1 73  PRO n 
1 74  GLY n 
1 75  MET n 
1 76  ALA n 
1 77  ALA n 
1 78  PHE n 
1 79  ALA n 
1 80  PRO n 
1 81  ALA n 
1 82  GLY n 
1 83  ALA n 
1 84  PRO n 
1 85  HIS n 
1 86  GLY n 
1 87  VAL n 
1 88  ARG n 
1 89  ASN n 
1 90  GLU n 
1 91  SER n 
1 92  ALA n 
1 93  SER n 
1 94  PRO n 
1 95  ALA n 
1 96  LEU n 
1 97  LEU n 
1 98  LEU n 
1 99  VAL n 
1 100 VAL n 
1 101 THR n 
1 102 ALA n 
1 103 PRO n 
1 104 ARG n 
1 105 PRO n 
# 
_entity_src_gen.entity_id                          1 
_entity_src_gen.pdbx_src_id                        1 
_entity_src_gen.pdbx_alt_source_flag               sample 
_entity_src_gen.pdbx_seq_type                      ? 
_entity_src_gen.pdbx_beg_seq_num                   ? 
_entity_src_gen.pdbx_end_seq_num                   ? 
_entity_src_gen.gene_src_common_name               ? 
_entity_src_gen.gene_src_genus                     Thermus 
_entity_src_gen.pdbx_gene_src_gene                 ? 
_entity_src_gen.gene_src_species                   'Thermus thermophilus' 
_entity_src_gen.gene_src_strain                    HB8 
_entity_src_gen.gene_src_tissue                    ? 
_entity_src_gen.gene_src_tissue_fraction           ? 
_entity_src_gen.gene_src_details                   ? 
_entity_src_gen.pdbx_gene_src_fragment             ? 
_entity_src_gen.pdbx_gene_src_scientific_name      'Thermus thermophilus' 
_entity_src_gen.pdbx_gene_src_ncbi_taxonomy_id     300852 
_entity_src_gen.pdbx_gene_src_variant              ? 
_entity_src_gen.pdbx_gene_src_cell_line            ? 
_entity_src_gen.pdbx_gene_src_atcc                 ? 
_entity_src_gen.pdbx_gene_src_organ                ? 
_entity_src_gen.pdbx_gene_src_organelle            ? 
_entity_src_gen.pdbx_gene_src_cell                 ? 
_entity_src_gen.pdbx_gene_src_cellular_location    ? 
_entity_src_gen.host_org_common_name               ? 
_entity_src_gen.pdbx_host_org_scientific_name      'Escherichia coli BL21(DE3)' 
_entity_src_gen.pdbx_host_org_ncbi_taxonomy_id     469008 
_entity_src_gen.host_org_genus                     Escherichia 
_entity_src_gen.pdbx_host_org_gene                 ? 
_entity_src_gen.pdbx_host_org_organ                ? 
_entity_src_gen.host_org_species                   'Escherichia coli' 
_entity_src_gen.pdbx_host_org_tissue               ? 
_entity_src_gen.pdbx_host_org_tissue_fraction      ? 
_entity_src_gen.pdbx_host_org_strain               'BL21(DE3)' 
_entity_src_gen.pdbx_host_org_variant              ? 
_entity_src_gen.pdbx_host_org_cell_line            ? 
_entity_src_gen.pdbx_host_org_atcc                 ? 
_entity_src_gen.pdbx_host_org_culture_collection   ? 
_entity_src_gen.pdbx_host_org_cell                 ? 
_entity_src_gen.pdbx_host_org_organelle            ? 
_entity_src_gen.pdbx_host_org_cellular_location    ? 
_entity_src_gen.pdbx_host_org_vector_type          PLASMID 
_entity_src_gen.pdbx_host_org_vector               ? 
_entity_src_gen.host_org_details                   ? 
_entity_src_gen.expression_system_id               ? 
_entity_src_gen.plasmid_name                       pET11a 
_entity_src_gen.plasmid_details                    ? 
_entity_src_gen.pdbx_description                   ? 
# 
loop_
_chem_comp.id 
_chem_comp.type 
_chem_comp.mon_nstd_flag 
_chem_comp.name 
_chem_comp.pdbx_synonyms 
_chem_comp.formula 
_chem_comp.formula_weight 
ALA 'L-peptide linking' y ALANINE         ? 'C3 H7 N O2'     89.093  
ARG 'L-peptide linking' y ARGININE        ? 'C6 H15 N4 O2 1' 175.209 
ASN 'L-peptide linking' y ASPARAGINE      ? 'C4 H8 N2 O3'    132.118 
ASP 'L-peptide linking' y 'ASPARTIC ACID' ? 'C4 H7 N O4'     133.103 
GLN 'L-peptide linking' y GLUTAMINE       ? 'C5 H10 N2 O3'   146.144 
GLU 'L-peptide linking' y 'GLUTAMIC ACID' ? 'C5 H9 N O4'     147.129 
GLY 'peptide linking'   y GLYCINE         ? 'C2 H5 N O2'     75.067  
HIS 'L-peptide linking' y HISTIDINE       ? 'C6 H10 N3 O2 1' 156.162 
HOH non-polymer         . WATER           ? 'H2 O'           18.015  
ILE 'L-peptide linking' y ISOLEUCINE      ? 'C6 H13 N O2'    131.173 
LEU 'L-peptide linking' y LEUCINE         ? 'C6 H13 N O2'    131.173 
LYS 'L-peptide linking' y LYSINE          ? 'C6 H15 N2 O2 1' 147.195 
MET 'L-peptide linking' y METHIONINE      ? 'C5 H11 N O2 S'  149.211 
NA  non-polymer         . 'SODIUM ION'    ? 'Na 1'           22.990  
PHE 'L-peptide linking' y PHENYLALANINE   ? 'C9 H11 N O2'    165.189 
PRO 'L-peptide linking' y PROLINE         ? 'C5 H9 N O2'     115.130 
SER 'L-peptide linking' y SERINE          ? 'C3 H7 N O3'     105.093 
THR 'L-peptide linking' y THREONINE       ? 'C4 H9 N O3'     119.119 
TYR 'L-peptide linking' y TYROSINE        ? 'C9 H11 N O3'    181.189 
VAL 'L-peptide linking' y VALINE          ? 'C5 H11 N O2'    117.146 
# 
loop_
_pdbx_poly_seq_scheme.asym_id 
_pdbx_poly_seq_scheme.entity_id 
_pdbx_poly_seq_scheme.seq_id 
_pdbx_poly_seq_scheme.mon_id 
_pdbx_poly_seq_scheme.ndb_seq_num 
_pdbx_poly_seq_scheme.pdb_seq_num 
_pdbx_poly_seq_scheme.auth_seq_num 
_pdbx_poly_seq_scheme.pdb_mon_id 
_pdbx_poly_seq_scheme.auth_mon_id 
_pdbx_poly_seq_scheme.pdb_strand_id 
_pdbx_poly_seq_scheme.pdb_ins_code 
_pdbx_poly_seq_scheme.hetero 
A 1 1   MET 1   1   1   MET MET A . n 
A 1 2   GLU 2   2   2   GLU GLU A . n 
A 1 3   ILE 3   3   3   ILE ILE A . n 
A 1 4   LYS 4   4   4   LYS LYS A . n 
A 1 5   ASP 5   5   5   ASP ASP A . n 
A 1 6   LEU 6   6   6   LEU LEU A . n 
A 1 7   LYS 7   7   7   LYS LYS A . n 
A 1 8   ARG 8   8   8   ARG ARG A . n 
A 1 9   LEU 9   9   9   LEU LEU A . n 
A 1 10  ALA 10  10  10  ALA ALA A . n 
A 1 11  ARG 11  11  11  ARG ARG A . n 
A 1 12  TYR 12  12  12  TYR TYR A . n 
A 1 13  ASN 13  13  13  ASN ASN A . n 
A 1 14  PRO 14  14  14  PRO PRO A . n 
A 1 15  GLU 15  15  15  GLU GLU A . n 
A 1 16  LYS 16  16  16  LYS LYS A . n 
A 1 17  MET 17  17  17  MET MET A . n 
A 1 18  ALA 18  18  18  ALA ALA A . n 
A 1 19  LYS 19  19  19  LYS LYS A . n 
A 1 20  ILE 20  20  20  ILE ILE A . n 
A 1 21  PRO 21  21  21  PRO PRO A . n 
A 1 22  VAL 22  22  22  VAL VAL A . n 
A 1 23  PHE 23  23  23  PHE PHE A . n 
A 1 24  GLN 24  24  24  GLN GLN A . n 
A 1 25  SER 25  25  25  SER SER A . n 
A 1 26  GLU 26  26  26  GLU GLU A . n 
A 1 27  ARG 27  27  27  ARG ARG A . n 
A 1 28  MET 28  28  28  MET MET A . n 
A 1 29  LEU 29  29  29  LEU LEU A . n 
A 1 30  TYR 30  30  30  TYR TYR A . n 
A 1 31  ASP 31  31  31  ASP ASP A . n 
A 1 32  LEU 32  32  32  LEU LEU A . n 
A 1 33  TYR 33  33  33  TYR TYR A . n 
A 1 34  ALA 34  34  34  ALA ALA A . n 
A 1 35  LEU 35  35  35  LEU LEU A . n 
A 1 36  LEU 36  36  36  LEU LEU A . n 
A 1 37  PRO 37  37  37  PRO PRO A . n 
A 1 38  GLY 38  38  38  GLY GLY A . n 
A 1 39  GLN 39  39  39  GLN GLN A . n 
A 1 40  ALA 40  40  40  ALA ALA A . n 
A 1 41  GLN 41  41  41  GLN GLN A . n 
A 1 42  LYS 42  42  42  LYS LYS A . n 
A 1 43  VAL 43  43  43  VAL VAL A . n 
A 1 44  HIS 44  44  44  HIS HIS A . n 
A 1 45  VAL 45  45  45  VAL VAL A . n 
A 1 46  HIS 46  46  46  HIS HIS A . n 
A 1 47  GLU 47  47  47  GLU GLU A . n 
A 1 48  GLY 48  48  48  GLY GLY A . n 
A 1 49  SER 49  49  49  SER SER A . n 
A 1 50  ASP 50  50  50  ASP ASP A . n 
A 1 51  LYS 51  51  51  LYS LYS A . n 
A 1 52  VAL 52  52  52  VAL VAL A . n 
A 1 53  TYR 53  53  53  TYR TYR A . n 
A 1 54  TYR 54  54  54  TYR TYR A . n 
A 1 55  ALA 55  55  55  ALA ALA A . n 
A 1 56  LEU 56  56  56  LEU LEU A . n 
A 1 57  GLU 57  57  57  GLU GLU A . n 
A 1 58  GLY 58  58  58  GLY GLY A . n 
A 1 59  GLU 59  59  59  GLU GLU A . n 
A 1 60  VAL 60  60  60  VAL VAL A . n 
A 1 61  VAL 61  61  61  VAL VAL A . n 
A 1 62  VAL 62  62  62  VAL VAL A . n 
A 1 63  ARG 63  63  63  ARG ARG A . n 
A 1 64  VAL 64  64  64  VAL VAL A . n 
A 1 65  GLY 65  65  65  GLY GLY A . n 
A 1 66  GLU 66  66  66  GLU GLU A . n 
A 1 67  GLU 67  67  67  GLU GLU A . n 
A 1 68  GLU 68  68  68  GLU GLU A . n 
A 1 69  ALA 69  69  69  ALA ALA A . n 
A 1 70  LEU 70  70  70  LEU LEU A . n 
A 1 71  LEU 71  71  71  LEU LEU A . n 
A 1 72  ALA 72  72  72  ALA ALA A . n 
A 1 73  PRO 73  73  73  PRO PRO A . n 
A 1 74  GLY 74  74  74  GLY GLY A . n 
A 1 75  MET 75  75  75  MET MET A . n 
A 1 76  ALA 76  76  76  ALA ALA A . n 
A 1 77  ALA 77  77  77  ALA ALA A . n 
A 1 78  PHE 78  78  78  PHE PHE A . n 
A 1 79  ALA 79  79  79  ALA ALA A . n 
A 1 80  PRO 80  80  80  PRO PRO A . n 
A 1 81  ALA 81  81  81  ALA ALA A . n 
A 1 82  GLY 82  82  82  GLY GLY A . n 
A 1 83  ALA 83  83  83  ALA ALA A . n 
A 1 84  PRO 84  84  84  PRO PRO A . n 
A 1 85  HIS 85  85  85  HIS HIS A . n 
A 1 86  GLY 86  86  86  GLY GLY A . n 
A 1 87  VAL 87  87  87  VAL VAL A . n 
A 1 88  ARG 88  88  88  ARG ARG A . n 
A 1 89  ASN 89  89  89  ASN ASN A . n 
A 1 90  GLU 90  90  90  GLU GLU A . n 
A 1 91  SER 91  91  91  SER SER A . n 
A 1 92  ALA 92  92  92  ALA ALA A . n 
A 1 93  SER 93  93  93  SER SER A . n 
A 1 94  PRO 94  94  94  PRO PRO A . n 
A 1 95  ALA 95  95  95  ALA ALA A . n 
A 1 96  LEU 96  96  96  LEU LEU A . n 
A 1 97  LEU 97  97  97  LEU LEU A . n 
A 1 98  LEU 98  98  98  LEU LEU A . n 
A 1 99  VAL 99  99  99  VAL VAL A . n 
A 1 100 VAL 100 100 100 VAL VAL A . n 
A 1 101 THR 101 101 101 THR THR A . n 
A 1 102 ALA 102 102 102 ALA ALA A . n 
A 1 103 PRO 103 103 103 PRO PRO A . n 
A 1 104 ARG 104 104 104 ARG ARG A . n 
A 1 105 PRO 105 105 105 PRO PRO A . n 
# 
loop_
_pdbx_nonpoly_scheme.asym_id 
_pdbx_nonpoly_scheme.entity_id 
_pdbx_nonpoly_scheme.mon_id 
_pdbx_nonpoly_scheme.ndb_seq_num 
_pdbx_nonpoly_scheme.pdb_seq_num 
_pdbx_nonpoly_scheme.auth_seq_num 
_pdbx_nonpoly_scheme.pdb_mon_id 
_pdbx_nonpoly_scheme.auth_mon_id 
_pdbx_nonpoly_scheme.pdb_strand_id 
_pdbx_nonpoly_scheme.pdb_ins_code 
B 2 NA  1   1001 1001 NA  NA1 A . 
C 3 HOH 1   1002 1    HOH HOH A . 
C 3 HOH 2   1003 2    HOH HOH A . 
C 3 HOH 3   1004 3    HOH HOH A . 
C 3 HOH 4   1005 4    HOH HOH A . 
C 3 HOH 5   1006 5    HOH HOH A . 
C 3 HOH 6   1007 6    HOH HOH A . 
C 3 HOH 7   1008 7    HOH HOH A . 
C 3 HOH 8   1009 8    HOH HOH A . 
C 3 HOH 9   1010 9    HOH HOH A . 
C 3 HOH 10  1011 10   HOH HOH A . 
C 3 HOH 11  1012 11   HOH HOH A . 
C 3 HOH 12  1013 12   HOH HOH A . 
C 3 HOH 13  1014 13   HOH HOH A . 
C 3 HOH 14  1015 14   HOH HOH A . 
C 3 HOH 15  1016 15   HOH HOH A . 
C 3 HOH 16  1017 16   HOH HOH A . 
C 3 HOH 17  1018 17   HOH HOH A . 
C 3 HOH 18  1019 18   HOH HOH A . 
C 3 HOH 19  1020 19   HOH HOH A . 
C 3 HOH 20  1021 20   HOH HOH A . 
C 3 HOH 21  1022 21   HOH HOH A . 
C 3 HOH 22  1023 22   HOH HOH A . 
C 3 HOH 23  1024 23   HOH HOH A . 
C 3 HOH 24  1025 24   HOH HOH A . 
C 3 HOH 25  1026 25   HOH HOH A . 
C 3 HOH 26  1027 26   HOH HOH A . 
C 3 HOH 27  1028 27   HOH HOH A . 
C 3 HOH 28  1029 28   HOH HOH A . 
C 3 HOH 29  1030 29   HOH HOH A . 
C 3 HOH 30  1031 30   HOH HOH A . 
C 3 HOH 31  1032 31   HOH HOH A . 
C 3 HOH 32  1033 32   HOH HOH A . 
C 3 HOH 33  1034 33   HOH HOH A . 
C 3 HOH 34  1035 34   HOH HOH A . 
C 3 HOH 35  1036 35   HOH HOH A . 
C 3 HOH 36  1037 36   HOH HOH A . 
C 3 HOH 37  1038 37   HOH HOH A . 
C 3 HOH 38  1039 38   HOH HOH A . 
C 3 HOH 39  1040 39   HOH HOH A . 
C 3 HOH 40  1041 40   HOH HOH A . 
C 3 HOH 41  1042 41   HOH HOH A . 
C 3 HOH 42  1043 42   HOH HOH A . 
C 3 HOH 43  1044 43   HOH HOH A . 
C 3 HOH 44  1045 44   HOH HOH A . 
C 3 HOH 45  1046 45   HOH HOH A . 
C 3 HOH 46  1047 46   HOH HOH A . 
C 3 HOH 47  1048 47   HOH HOH A . 
C 3 HOH 48  1049 48   HOH HOH A . 
C 3 HOH 49  1050 49   HOH HOH A . 
C 3 HOH 50  1051 50   HOH HOH A . 
C 3 HOH 51  1052 51   HOH HOH A . 
C 3 HOH 52  1053 52   HOH HOH A . 
C 3 HOH 53  1054 53   HOH HOH A . 
C 3 HOH 54  1055 54   HOH HOH A . 
C 3 HOH 55  1056 55   HOH HOH A . 
C 3 HOH 56  1057 56   HOH HOH A . 
C 3 HOH 57  1058 57   HOH HOH A . 
C 3 HOH 58  1059 58   HOH HOH A . 
C 3 HOH 59  1060 59   HOH HOH A . 
C 3 HOH 60  1061 60   HOH HOH A . 
C 3 HOH 61  1062 61   HOH HOH A . 
C 3 HOH 62  1063 62   HOH HOH A . 
C 3 HOH 63  1064 63   HOH HOH A . 
C 3 HOH 64  1065 64   HOH HOH A . 
C 3 HOH 65  1066 65   HOH HOH A . 
C 3 HOH 66  1067 66   HOH HOH A . 
C 3 HOH 67  1068 67   HOH HOH A . 
C 3 HOH 68  1069 68   HOH HOH A . 
C 3 HOH 69  1070 69   HOH HOH A . 
C 3 HOH 70  1071 70   HOH HOH A . 
C 3 HOH 71  1072 71   HOH HOH A . 
C 3 HOH 72  1073 72   HOH HOH A . 
C 3 HOH 73  1074 73   HOH HOH A . 
C 3 HOH 74  1075 74   HOH HOH A . 
C 3 HOH 75  1076 75   HOH HOH A . 
C 3 HOH 76  1077 76   HOH HOH A . 
C 3 HOH 77  1078 77   HOH HOH A . 
C 3 HOH 78  1079 78   HOH HOH A . 
C 3 HOH 79  1080 79   HOH HOH A . 
C 3 HOH 80  1081 80   HOH HOH A . 
C 3 HOH 81  1082 81   HOH HOH A . 
C 3 HOH 82  1083 82   HOH HOH A . 
C 3 HOH 83  1084 83   HOH HOH A . 
C 3 HOH 84  1085 84   HOH HOH A . 
C 3 HOH 85  1086 85   HOH HOH A . 
C 3 HOH 86  1087 86   HOH HOH A . 
C 3 HOH 87  1088 87   HOH HOH A . 
C 3 HOH 88  1089 88   HOH HOH A . 
C 3 HOH 89  1090 89   HOH HOH A . 
C 3 HOH 90  1091 90   HOH HOH A . 
C 3 HOH 91  1092 91   HOH HOH A . 
C 3 HOH 92  1093 92   HOH HOH A . 
C 3 HOH 93  1094 93   HOH HOH A . 
C 3 HOH 94  1095 94   HOH HOH A . 
C 3 HOH 95  1096 95   HOH HOH A . 
C 3 HOH 96  1097 96   HOH HOH A . 
C 3 HOH 97  1098 97   HOH HOH A . 
C 3 HOH 98  1099 98   HOH HOH A . 
C 3 HOH 99  1100 99   HOH HOH A . 
C 3 HOH 100 1101 100  HOH HOH A . 
C 3 HOH 101 1102 101  HOH HOH A . 
C 3 HOH 102 1103 102  HOH HOH A . 
C 3 HOH 103 1104 103  HOH HOH A . 
C 3 HOH 104 1105 104  HOH HOH A . 
C 3 HOH 105 1106 105  HOH HOH A . 
C 3 HOH 106 1107 106  HOH HOH A . 
C 3 HOH 107 1108 107  HOH HOH A . 
C 3 HOH 108 1109 108  HOH HOH A . 
C 3 HOH 109 1110 109  HOH HOH A . 
C 3 HOH 110 1111 110  HOH HOH A . 
C 3 HOH 111 1112 111  HOH HOH A . 
C 3 HOH 112 1113 112  HOH HOH A . 
C 3 HOH 113 1114 113  HOH HOH A . 
C 3 HOH 114 1115 114  HOH HOH A . 
C 3 HOH 115 1116 115  HOH HOH A . 
C 3 HOH 116 1117 116  HOH HOH A . 
C 3 HOH 117 1118 117  HOH HOH A . 
C 3 HOH 118 1119 118  HOH HOH A . 
C 3 HOH 119 1120 119  HOH HOH A . 
C 3 HOH 120 1121 120  HOH HOH A . 
C 3 HOH 121 1122 121  HOH HOH A . 
C 3 HOH 122 1123 122  HOH HOH A . 
# 
loop_
_pdbx_unobs_or_zero_occ_atoms.id 
_pdbx_unobs_or_zero_occ_atoms.PDB_model_num 
_pdbx_unobs_or_zero_occ_atoms.polymer_flag 
_pdbx_unobs_or_zero_occ_atoms.occupancy_flag 
_pdbx_unobs_or_zero_occ_atoms.auth_asym_id 
_pdbx_unobs_or_zero_occ_atoms.auth_comp_id 
_pdbx_unobs_or_zero_occ_atoms.auth_seq_id 
_pdbx_unobs_or_zero_occ_atoms.PDB_ins_code 
_pdbx_unobs_or_zero_occ_atoms.auth_atom_id 
_pdbx_unobs_or_zero_occ_atoms.label_alt_id 
_pdbx_unobs_or_zero_occ_atoms.label_asym_id 
_pdbx_unobs_or_zero_occ_atoms.label_comp_id 
_pdbx_unobs_or_zero_occ_atoms.label_seq_id 
_pdbx_unobs_or_zero_occ_atoms.label_atom_id 
1 1 Y 0 A GLU 26 ? CD  ? A GLU 26 CD  
2 1 Y 0 A GLU 26 ? OE1 ? A GLU 26 OE1 
3 1 Y 0 A GLU 26 ? OE2 ? A GLU 26 OE2 
4 1 Y 0 A GLU 47 ? CD  ? A GLU 47 CD  
5 1 Y 0 A GLU 47 ? OE1 ? A GLU 47 OE1 
6 1 Y 0 A GLU 47 ? OE2 ? A GLU 47 OE2 
# 
loop_
_software.name 
_software.classification 
_software.version 
_software.citation_id 
_software.pdbx_ordinal 
HKL-2000  'data collection' .   ? 1 
SCALEPACK 'data scaling'    .   ? 2 
SOLVE     phasing           .   ? 3 
CNS       refinement        1.1 ? 4 
HKL-2000  'data reduction'  .   ? 5 
# 
_cell.entry_id           1V70 
_cell.length_a           74.527 
_cell.length_b           74.527 
_cell.length_c           40.985 
_cell.angle_alpha        90.00 
_cell.angle_beta         90.00 
_cell.angle_gamma        120.00 
_cell.Z_PDB              6 
_cell.pdbx_unique_axis   ? 
# 
_symmetry.entry_id                         1V70 
_symmetry.space_group_name_H-M             'P 31 2 1' 
_symmetry.pdbx_full_space_group_name_H-M   ? 
_symmetry.cell_setting                     ? 
_symmetry.Int_Tables_number                152 
_symmetry.space_group_name_Hall            ? 
# 
_exptl.entry_id          1V70 
_exptl.method            'X-RAY DIFFRACTION' 
_exptl.crystals_number   2 
# 
_exptl_crystal.id                    1 
_exptl_crystal.density_meas          ? 
_exptl_crystal.density_percent_sol   56.00 
_exptl_crystal.description           ? 
_exptl_crystal.density_Matthews      2.82 
_exptl_crystal.F_000                 ? 
_exptl_crystal.preparation           ? 
# 
_exptl_crystal_grow.crystal_id      1 
_exptl_crystal_grow.method          MICROBATCH 
_exptl_crystal_grow.temp            291 
_exptl_crystal_grow.temp_details    ? 
_exptl_crystal_grow.pH              7.1 
_exptl_crystal_grow.pdbx_details    'sodium citrate, HEPES, pH 7.1, MICROBATCH, temperature 291K' 
_exptl_crystal_grow.pdbx_pH_range   . 
# 
loop_
_diffrn.id 
_diffrn.ambient_temp 
_diffrn.ambient_temp_details 
_diffrn.crystal_id 
1   100.0 ? 1 
2   ?     ? 1 
1,2 ?     ? 1 
# 
_diffrn_detector.diffrn_id              1 
_diffrn_detector.detector               'IMAGE PLATE' 
_diffrn_detector.type                   'RIGAKU RAXIS V' 
_diffrn_detector.pdbx_collection_date   2003-10-21 
_diffrn_detector.details                mirrors 
# 
loop_
_diffrn_radiation.diffrn_id 
_diffrn_radiation.wavelength_id 
_diffrn_radiation.pdbx_monochromatic_or_laue_m_l 
_diffrn_radiation.monochromator 
_diffrn_radiation.pdbx_diffrn_protocol 
_diffrn_radiation.pdbx_scattering_type 
1 1 M 'Bending Magnet' 'SINGLE WAVELENGTH' x-ray 
2 2 M ?                'SINGLE WAVELENGTH' x-ray 
# 
loop_
_diffrn_radiation_wavelength.id 
_diffrn_radiation_wavelength.wavelength 
_diffrn_radiation_wavelength.wt 
1 1.0     1.0 
2 0.97954 1.0 
# 
_diffrn_source.diffrn_id                   1 
_diffrn_source.source                      SYNCHROTRON 
_diffrn_source.type                        'SPRING-8 BEAMLINE BL26B1' 
_diffrn_source.pdbx_synchrotron_site       SPring-8 
_diffrn_source.pdbx_synchrotron_beamline   BL26B1 
_diffrn_source.pdbx_wavelength             ? 
_diffrn_source.pdbx_wavelength_list        '1.0, 0.97954' 
# 
_reflns.entry_id                     1V70 
_reflns.observed_criterion_sigma_F   0.0 
_reflns.observed_criterion_sigma_I   0.0 
_reflns.d_resolution_high            1.3 
_reflns.d_resolution_low             30 
_reflns.number_all                   32494 
_reflns.number_obs                   32494 
_reflns.percent_possible_obs         100 
_reflns.pdbx_Rmerge_I_obs            0.062 
_reflns.pdbx_Rsym_value              0.058 
_reflns.pdbx_netI_over_sigmaI        14 
_reflns.B_iso_Wilson_estimate        14.3 
_reflns.pdbx_redundancy              7.0 
_reflns.R_free_details               ? 
_reflns.limit_h_max                  ? 
_reflns.limit_h_min                  ? 
_reflns.limit_k_max                  ? 
_reflns.limit_k_min                  ? 
_reflns.limit_l_max                  ? 
_reflns.limit_l_min                  ? 
_reflns.observed_criterion_F_max     ? 
_reflns.observed_criterion_F_min     ? 
_reflns.pdbx_chi_squared             ? 
_reflns.pdbx_scaling_rejects         ? 
_reflns.pdbx_ordinal                 1 
_reflns.pdbx_diffrn_id               1,2 
# 
_reflns_shell.d_res_high             1.30 
_reflns_shell.d_res_low              1.35 
_reflns_shell.percent_possible_all   100.0 
_reflns_shell.Rmerge_I_obs           0.632 
_reflns_shell.pdbx_Rsym_value        0.582 
_reflns_shell.meanI_over_sigI_obs    3.62 
_reflns_shell.pdbx_redundancy        6.8 
_reflns_shell.percent_possible_obs   ? 
_reflns_shell.number_unique_all      3200 
_reflns_shell.number_measured_all    ? 
_reflns_shell.number_measured_obs    ? 
_reflns_shell.number_unique_obs      ? 
_reflns_shell.pdbx_chi_squared       ? 
_reflns_shell.pdbx_ordinal           1 
_reflns_shell.pdbx_diffrn_id         1,2 
# 
_refine.entry_id                                 1V70 
_refine.ls_d_res_high                            1.30 
_refine.ls_d_res_low                             27.57 
_refine.pdbx_ls_sigma_F                          0.0 
_refine.pdbx_ls_sigma_I                          ? 
_refine.ls_number_reflns_all                     32473 
_refine.ls_number_reflns_obs                     32473 
_refine.ls_number_reflns_R_free                  1592 
_refine.ls_percent_reflns_obs                    99.7 
_refine.ls_R_factor_all                          ? 
_refine.ls_R_factor_obs                          0.204 
_refine.ls_R_factor_R_work                       0.203 
_refine.ls_R_factor_R_free                       0.204 
_refine.ls_redundancy_reflns_obs                 ? 
_refine.pdbx_data_cutoff_high_absF               ? 
_refine.pdbx_data_cutoff_low_absF                ? 
_refine.ls_number_parameters                     ? 
_refine.ls_number_restraints                     ? 
_refine.ls_percent_reflns_R_free                 ? 
_refine.ls_R_factor_R_free_error                 ? 
_refine.ls_R_factor_R_free_error_details         ? 
_refine.pdbx_method_to_determine_struct          'SAD with data collection on Se-Met crystal at 0.97954 A' 
_refine.pdbx_starting_model                      ? 
_refine.pdbx_ls_cross_valid_method               THROUGHOUT 
_refine.pdbx_R_Free_selection_details            RANDOM 
_refine.pdbx_stereochem_target_val_spec_case     ? 
_refine.pdbx_stereochemistry_target_values       'Engh & Huber' 
_refine.solvent_model_details                    ? 
_refine.solvent_model_param_bsol                 ? 
_refine.solvent_model_param_ksol                 ? 
_refine.occupancy_max                            ? 
_refine.occupancy_min                            ? 
_refine.pdbx_isotropic_thermal_model             Anisotropic 
_refine.B_iso_mean                               19.2 
_refine.aniso_B[1][1]                            2.11 
_refine.aniso_B[1][2]                            0.72 
_refine.aniso_B[1][3]                            0.00 
_refine.aniso_B[2][2]                            2.11 
_refine.aniso_B[2][3]                            0.00 
_refine.aniso_B[3][3]                            -4.22 
_refine.details                                  ? 
_refine.B_iso_min                                ? 
_refine.B_iso_max                                ? 
_refine.correlation_coeff_Fo_to_Fc               ? 
_refine.correlation_coeff_Fo_to_Fc_free          ? 
_refine.pdbx_solvent_vdw_probe_radii             ? 
_refine.pdbx_solvent_ion_probe_radii             ? 
_refine.pdbx_solvent_shrinkage_radii             ? 
_refine.overall_SU_R_Cruickshank_DPI             ? 
_refine.overall_SU_R_free                        ? 
_refine.overall_SU_B                             ? 
_refine.overall_SU_ML                            ? 
_refine.pdbx_overall_ESU_R                       ? 
_refine.pdbx_overall_ESU_R_Free                  ? 
_refine.pdbx_data_cutoff_high_rms_absF           ? 
_refine.ls_wR_factor_R_free                      ? 
_refine.ls_wR_factor_R_work                      ? 
_refine.overall_FOM_free_R_set                   ? 
_refine.overall_FOM_work_R_set                   ? 
_refine.pdbx_refine_id                           'X-RAY DIFFRACTION' 
_refine.pdbx_diffrn_id                           1 
_refine.pdbx_TLS_residual_ADP_flag               ? 
_refine.pdbx_overall_phase_error                 ? 
_refine.pdbx_overall_SU_R_free_Cruickshank_DPI   ? 
_refine.pdbx_overall_SU_R_Blow_DPI               ? 
_refine.pdbx_overall_SU_R_free_Blow_DPI          ? 
# 
_refine_analyze.entry_id                        1V70 
_refine_analyze.Luzzati_coordinate_error_obs    0.16 
_refine_analyze.Luzzati_sigma_a_obs             0.16 
_refine_analyze.Luzzati_d_res_low_obs           5.00 
_refine_analyze.Luzzati_coordinate_error_free   0.17 
_refine_analyze.Luzzati_sigma_a_free            0.18 
_refine_analyze.Luzzati_d_res_low_free          ? 
_refine_analyze.number_disordered_residues      ? 
_refine_analyze.occupancy_sum_non_hydrogen      ? 
_refine_analyze.occupancy_sum_hydrogen          ? 
_refine_analyze.pdbx_Luzzati_d_res_high_obs     ? 
_refine_analyze.pdbx_refine_id                  'X-RAY DIFFRACTION' 
# 
_refine_hist.pdbx_refine_id                   'X-RAY DIFFRACTION' 
_refine_hist.cycle_id                         LAST 
_refine_hist.pdbx_number_atoms_protein        808 
_refine_hist.pdbx_number_atoms_nucleic_acid   0 
_refine_hist.pdbx_number_atoms_ligand         1 
_refine_hist.number_atoms_solvent             122 
_refine_hist.number_atoms_total               931 
_refine_hist.d_res_high                       1.30 
_refine_hist.d_res_low                        27.57 
# 
loop_
_refine_ls_restr.type 
_refine_ls_restr.dev_ideal 
_refine_ls_restr.dev_ideal_target 
_refine_ls_restr.weight 
_refine_ls_restr.number 
_refine_ls_restr.pdbx_refine_id 
_refine_ls_restr.pdbx_restraint_function 
c_angle_deg 1.5   ? ? ? 'X-RAY DIFFRACTION' ? 
c_bond_d    0.008 ? ? ? 'X-RAY DIFFRACTION' ? 
# 
_refine_ls_shell.pdbx_total_number_of_bins_used   ? 
_refine_ls_shell.d_res_high                       1.30 
_refine_ls_shell.d_res_low                        1.36 
_refine_ls_shell.number_reflns_R_work             ? 
_refine_ls_shell.R_factor_R_work                  0.288 
_refine_ls_shell.percent_reflns_obs               97.7 
_refine_ls_shell.R_factor_R_free                  0.3 
_refine_ls_shell.R_factor_R_free_error            0.022 
_refine_ls_shell.percent_reflns_R_free            ? 
_refine_ls_shell.number_reflns_R_free             188 
_refine_ls_shell.number_reflns_obs                3747 
_refine_ls_shell.redundancy_reflns_obs            ? 
_refine_ls_shell.number_reflns_all                ? 
_refine_ls_shell.pdbx_refine_id                   'X-RAY DIFFRACTION' 
_refine_ls_shell.R_factor_all                     ? 
# 
_struct.entry_id                  1V70 
_struct.title                     'Crystal Structure of probable antibiotics synthesis protein from Thermus thermophilus HB8' 
_struct.pdbx_model_details        ? 
_struct.pdbx_CASP_flag            ? 
_struct.pdbx_model_type_details   ? 
# 
_struct_keywords.entry_id        1V70 
_struct_keywords.pdbx_keywords   'structural genomics, unknown function' 
_struct_keywords.text            
'Structural genomics, Thermus thermophilus HB8, RIKEN Structural Genomics/Proteomics Initiative, RSGI, unknown function' 
# 
loop_
_struct_asym.id 
_struct_asym.pdbx_blank_PDB_chainid_flag 
_struct_asym.pdbx_modified 
_struct_asym.entity_id 
_struct_asym.details 
A N N 1 ? 
B N N 2 ? 
C N N 3 ? 
# 
_struct_ref.id                         1 
_struct_ref.entity_id                  1 
_struct_ref.db_name                    UNP 
_struct_ref.db_code                    Q5SM39_THET8 
_struct_ref.pdbx_db_accession          Q5SM39 
_struct_ref.pdbx_db_isoform            ? 
_struct_ref.pdbx_seq_one_letter_code   ? 
_struct_ref.pdbx_align_begin           ? 
# 
_struct_ref_seq.align_id                      1 
_struct_ref_seq.ref_id                        1 
_struct_ref_seq.pdbx_PDB_id_code              1V70 
_struct_ref_seq.pdbx_strand_id                A 
_struct_ref_seq.seq_align_beg                 1 
_struct_ref_seq.pdbx_seq_align_beg_ins_code   ? 
_struct_ref_seq.seq_align_end                 105 
_struct_ref_seq.pdbx_seq_align_end_ins_code   ? 
_struct_ref_seq.pdbx_db_accession             Q5SM39 
_struct_ref_seq.db_align_beg                  1 
_struct_ref_seq.pdbx_db_align_beg_ins_code    ? 
_struct_ref_seq.db_align_end                  105 
_struct_ref_seq.pdbx_db_align_end_ins_code    ? 
_struct_ref_seq.pdbx_auth_seq_align_beg       1 
_struct_ref_seq.pdbx_auth_seq_align_end       105 
# 
_pdbx_struct_assembly.id                   1 
_pdbx_struct_assembly.details              author_and_software_defined_assembly 
_pdbx_struct_assembly.method_details       PISA,PQS 
_pdbx_struct_assembly.oligomeric_details   dimeric 
_pdbx_struct_assembly.oligomeric_count     2 
# 
loop_
_pdbx_struct_assembly_prop.biol_id 
_pdbx_struct_assembly_prop.type 
_pdbx_struct_assembly_prop.value 
_pdbx_struct_assembly_prop.details 
1 'ABSA (A^2)' 3140 ? 
1 MORE         -43  ? 
1 'SSA (A^2)'  9530 ? 
# 
_pdbx_struct_assembly_gen.assembly_id       1 
_pdbx_struct_assembly_gen.oper_expression   1,2 
_pdbx_struct_assembly_gen.asym_id_list      A,B,C 
# 
loop_
_pdbx_struct_oper_list.id 
_pdbx_struct_oper_list.type 
_pdbx_struct_oper_list.name 
_pdbx_struct_oper_list.symmetry_operation 
_pdbx_struct_oper_list.matrix[1][1] 
_pdbx_struct_oper_list.matrix[1][2] 
_pdbx_struct_oper_list.matrix[1][3] 
_pdbx_struct_oper_list.vector[1] 
_pdbx_struct_oper_list.matrix[2][1] 
_pdbx_struct_oper_list.matrix[2][2] 
_pdbx_struct_oper_list.matrix[2][3] 
_pdbx_struct_oper_list.vector[2] 
_pdbx_struct_oper_list.matrix[3][1] 
_pdbx_struct_oper_list.matrix[3][2] 
_pdbx_struct_oper_list.matrix[3][3] 
_pdbx_struct_oper_list.vector[3] 
1 'identity operation'         1_555 x,y,z  1.0000000000 0.0000000000  0.0000000000  0.0000000000   0.0000000000  1.0000000000  0.0000000000 0.0000000000 0.0000000000  0.0000000000 1.0000000000  0.0000000000   
2 'crystal symmetry operation' 4_555 y,x,-z 0.3353446340 -0.3380785291 -0.8793445767 -10.1343710927 -0.3380785291 -0.9144062971 0.2226298092 4.1148223833 -0.8793445767 0.2226298092 -0.4209383369 -16.9717441270 
# 
_struct_biol.id                    1 
_struct_biol.details               
'The biological assembly is dimer generated from the monomer in the asymmetric unit by the operation: y,x,-z' 
_struct_biol.pdbx_parent_biol_id   ? 
# 
_struct_conf.conf_type_id            HELX_P 
_struct_conf.id                      HELX_P1 
_struct_conf.pdbx_PDB_helix_id       1 
_struct_conf.beg_label_comp_id       ASP 
_struct_conf.beg_label_asym_id       A 
_struct_conf.beg_label_seq_id        5 
_struct_conf.pdbx_beg_PDB_ins_code   ? 
_struct_conf.end_label_comp_id       ALA 
_struct_conf.end_label_asym_id       A 
_struct_conf.end_label_seq_id        10 
_struct_conf.pdbx_end_PDB_ins_code   ? 
_struct_conf.beg_auth_comp_id        ASP 
_struct_conf.beg_auth_asym_id        A 
_struct_conf.beg_auth_seq_id         5 
_struct_conf.end_auth_comp_id        ALA 
_struct_conf.end_auth_asym_id        A 
_struct_conf.end_auth_seq_id         10 
_struct_conf.pdbx_PDB_helix_class    1 
_struct_conf.details                 ? 
_struct_conf.pdbx_PDB_helix_length   6 
# 
_struct_conf_type.id          HELX_P 
_struct_conf_type.criteria    ? 
_struct_conf_type.reference   ? 
# 
loop_
_struct_conn.id 
_struct_conn.conn_type_id 
_struct_conn.pdbx_leaving_atom_flag 
_struct_conn.pdbx_PDB_id 
_struct_conn.ptnr1_label_asym_id 
_struct_conn.ptnr1_label_comp_id 
_struct_conn.ptnr1_label_seq_id 
_struct_conn.ptnr1_label_atom_id 
_struct_conn.pdbx_ptnr1_label_alt_id 
_struct_conn.pdbx_ptnr1_PDB_ins_code 
_struct_conn.pdbx_ptnr1_standard_comp_id 
_struct_conn.ptnr1_symmetry 
_struct_conn.ptnr2_label_asym_id 
_struct_conn.ptnr2_label_comp_id 
_struct_conn.ptnr2_label_seq_id 
_struct_conn.ptnr2_label_atom_id 
_struct_conn.pdbx_ptnr2_label_alt_id 
_struct_conn.pdbx_ptnr2_PDB_ins_code 
_struct_conn.ptnr1_auth_asym_id 
_struct_conn.ptnr1_auth_comp_id 
_struct_conn.ptnr1_auth_seq_id 
_struct_conn.ptnr2_auth_asym_id 
_struct_conn.ptnr2_auth_comp_id 
_struct_conn.ptnr2_auth_seq_id 
_struct_conn.ptnr2_symmetry 
_struct_conn.pdbx_ptnr3_label_atom_id 
_struct_conn.pdbx_ptnr3_label_seq_id 
_struct_conn.pdbx_ptnr3_label_comp_id 
_struct_conn.pdbx_ptnr3_label_asym_id 
_struct_conn.pdbx_ptnr3_label_alt_id 
_struct_conn.pdbx_ptnr3_PDB_ins_code 
_struct_conn.details 
_struct_conn.pdbx_dist_value 
_struct_conn.pdbx_value_order 
_struct_conn.pdbx_role 
metalc1 metalc ? ? A VAL 22 O  ? ? ? 1_555 B NA  . NA ? ? A VAL 22   A NA  1001 1_555 ? ? ? ? ? ? ? 2.326 ? ? 
metalc2 metalc ? ? B NA  .  NA ? ? ? 1_555 C HOH . O  ? ? A NA  1001 A HOH 1035 1_555 ? ? ? ? ? ? ? 2.632 ? ? 
metalc3 metalc ? ? B NA  .  NA ? ? ? 1_555 C HOH . O  ? ? A NA  1001 A HOH 1055 1_555 ? ? ? ? ? ? ? 2.557 ? ? 
metalc4 metalc ? ? B NA  .  NA ? ? ? 1_555 C HOH . O  ? ? A NA  1001 A HOH 1081 1_555 ? ? ? ? ? ? ? 2.612 ? ? 
metalc5 metalc ? ? B NA  .  NA ? ? ? 1_555 C HOH . O  ? ? A NA  1001 A HOH 1085 1_555 ? ? ? ? ? ? ? 2.588 ? ? 
metalc6 metalc ? ? B NA  .  NA ? ? ? 1_555 C HOH . O  ? ? A NA  1001 A HOH 1123 1_555 ? ? ? ? ? ? ? 2.464 ? ? 
# 
_struct_conn_type.id          metalc 
_struct_conn_type.criteria    ? 
_struct_conn_type.reference   ? 
# 
loop_
_pdbx_struct_conn_angle.id 
_pdbx_struct_conn_angle.ptnr1_label_atom_id 
_pdbx_struct_conn_angle.ptnr1_label_alt_id 
_pdbx_struct_conn_angle.ptnr1_label_asym_id 
_pdbx_struct_conn_angle.ptnr1_label_comp_id 
_pdbx_struct_conn_angle.ptnr1_label_seq_id 
_pdbx_struct_conn_angle.ptnr1_auth_atom_id 
_pdbx_struct_conn_angle.ptnr1_auth_asym_id 
_pdbx_struct_conn_angle.ptnr1_auth_comp_id 
_pdbx_struct_conn_angle.ptnr1_auth_seq_id 
_pdbx_struct_conn_angle.ptnr1_PDB_ins_code 
_pdbx_struct_conn_angle.ptnr1_symmetry 
_pdbx_struct_conn_angle.ptnr2_label_atom_id 
_pdbx_struct_conn_angle.ptnr2_label_alt_id 
_pdbx_struct_conn_angle.ptnr2_label_asym_id 
_pdbx_struct_conn_angle.ptnr2_label_comp_id 
_pdbx_struct_conn_angle.ptnr2_label_seq_id 
_pdbx_struct_conn_angle.ptnr2_auth_atom_id 
_pdbx_struct_conn_angle.ptnr2_auth_asym_id 
_pdbx_struct_conn_angle.ptnr2_auth_comp_id 
_pdbx_struct_conn_angle.ptnr2_auth_seq_id 
_pdbx_struct_conn_angle.ptnr2_PDB_ins_code 
_pdbx_struct_conn_angle.ptnr2_symmetry 
_pdbx_struct_conn_angle.ptnr3_label_atom_id 
_pdbx_struct_conn_angle.ptnr3_label_alt_id 
_pdbx_struct_conn_angle.ptnr3_label_asym_id 
_pdbx_struct_conn_angle.ptnr3_label_comp_id 
_pdbx_struct_conn_angle.ptnr3_label_seq_id 
_pdbx_struct_conn_angle.ptnr3_auth_atom_id 
_pdbx_struct_conn_angle.ptnr3_auth_asym_id 
_pdbx_struct_conn_angle.ptnr3_auth_comp_id 
_pdbx_struct_conn_angle.ptnr3_auth_seq_id 
_pdbx_struct_conn_angle.ptnr3_PDB_ins_code 
_pdbx_struct_conn_angle.ptnr3_symmetry 
_pdbx_struct_conn_angle.value 
_pdbx_struct_conn_angle.value_esd 
1  O ? A VAL 22 ? A VAL 22   ? 1_555 NA ? B NA . ? A NA 1001 ? 1_555 O ? C HOH . ? A HOH 1035 ? 1_555 83.1  ? 
2  O ? A VAL 22 ? A VAL 22   ? 1_555 NA ? B NA . ? A NA 1001 ? 1_555 O ? C HOH . ? A HOH 1055 ? 1_555 95.1  ? 
3  O ? C HOH .  ? A HOH 1035 ? 1_555 NA ? B NA . ? A NA 1001 ? 1_555 O ? C HOH . ? A HOH 1055 ? 1_555 78.4  ? 
4  O ? A VAL 22 ? A VAL 22   ? 1_555 NA ? B NA . ? A NA 1001 ? 1_555 O ? C HOH . ? A HOH 1081 ? 1_555 165.2 ? 
5  O ? C HOH .  ? A HOH 1035 ? 1_555 NA ? B NA . ? A NA 1001 ? 1_555 O ? C HOH . ? A HOH 1081 ? 1_555 82.7  ? 
6  O ? C HOH .  ? A HOH 1055 ? 1_555 NA ? B NA . ? A NA 1001 ? 1_555 O ? C HOH . ? A HOH 1081 ? 1_555 86.4  ? 
7  O ? A VAL 22 ? A VAL 22   ? 1_555 NA ? B NA . ? A NA 1001 ? 1_555 O ? C HOH . ? A HOH 1085 ? 1_555 108.1 ? 
8  O ? C HOH .  ? A HOH 1035 ? 1_555 NA ? B NA . ? A NA 1001 ? 1_555 O ? C HOH . ? A HOH 1085 ? 1_555 151.4 ? 
9  O ? C HOH .  ? A HOH 1055 ? 1_555 NA ? B NA . ? A NA 1001 ? 1_555 O ? C HOH . ? A HOH 1085 ? 1_555 74.5  ? 
10 O ? C HOH .  ? A HOH 1081 ? 1_555 NA ? B NA . ? A NA 1001 ? 1_555 O ? C HOH . ? A HOH 1085 ? 1_555 86.6  ? 
11 O ? A VAL 22 ? A VAL 22   ? 1_555 NA ? B NA . ? A NA 1001 ? 1_555 O ? C HOH . ? A HOH 1123 ? 1_555 92.1  ? 
12 O ? C HOH .  ? A HOH 1035 ? 1_555 NA ? B NA . ? A NA 1001 ? 1_555 O ? C HOH . ? A HOH 1123 ? 1_555 121.0 ? 
13 O ? C HOH .  ? A HOH 1055 ? 1_555 NA ? B NA . ? A NA 1001 ? 1_555 O ? C HOH . ? A HOH 1123 ? 1_555 160.1 ? 
14 O ? C HOH .  ? A HOH 1081 ? 1_555 NA ? B NA . ? A NA 1001 ? 1_555 O ? C HOH . ? A HOH 1123 ? 1_555 91.4  ? 
15 O ? C HOH .  ? A HOH 1085 ? 1_555 NA ? B NA . ? A NA 1001 ? 1_555 O ? C HOH . ? A HOH 1123 ? 1_555 85.6  ? 
# 
_struct_mon_prot_cis.pdbx_id                1 
_struct_mon_prot_cis.label_comp_id          ALA 
_struct_mon_prot_cis.label_seq_id           102 
_struct_mon_prot_cis.label_asym_id          A 
_struct_mon_prot_cis.label_alt_id           . 
_struct_mon_prot_cis.pdbx_PDB_ins_code      ? 
_struct_mon_prot_cis.auth_comp_id           ALA 
_struct_mon_prot_cis.auth_seq_id            102 
_struct_mon_prot_cis.auth_asym_id           A 
_struct_mon_prot_cis.pdbx_label_comp_id_2   PRO 
_struct_mon_prot_cis.pdbx_label_seq_id_2    103 
_struct_mon_prot_cis.pdbx_label_asym_id_2   A 
_struct_mon_prot_cis.pdbx_PDB_ins_code_2    ? 
_struct_mon_prot_cis.pdbx_auth_comp_id_2    PRO 
_struct_mon_prot_cis.pdbx_auth_seq_id_2     103 
_struct_mon_prot_cis.pdbx_auth_asym_id_2    A 
_struct_mon_prot_cis.pdbx_PDB_model_num     1 
_struct_mon_prot_cis.pdbx_omega_angle       -0.50 
# 
loop_
_struct_sheet.id 
_struct_sheet.type 
_struct_sheet.number_strands 
_struct_sheet.details 
A ? 5 ? 
B ? 4 ? 
# 
loop_
_struct_sheet_order.sheet_id 
_struct_sheet_order.range_id_1 
_struct_sheet_order.range_id_2 
_struct_sheet_order.offset 
_struct_sheet_order.sense 
A 1 2 ? anti-parallel 
A 2 3 ? anti-parallel 
A 3 4 ? anti-parallel 
A 4 5 ? anti-parallel 
B 1 2 ? anti-parallel 
B 2 3 ? anti-parallel 
B 3 4 ? anti-parallel 
# 
loop_
_struct_sheet_range.sheet_id 
_struct_sheet_range.id 
_struct_sheet_range.beg_label_comp_id 
_struct_sheet_range.beg_label_asym_id 
_struct_sheet_range.beg_label_seq_id 
_struct_sheet_range.pdbx_beg_PDB_ins_code 
_struct_sheet_range.end_label_comp_id 
_struct_sheet_range.end_label_asym_id 
_struct_sheet_range.end_label_seq_id 
_struct_sheet_range.pdbx_end_PDB_ins_code 
_struct_sheet_range.beg_auth_comp_id 
_struct_sheet_range.beg_auth_asym_id 
_struct_sheet_range.beg_auth_seq_id 
_struct_sheet_range.end_auth_comp_id 
_struct_sheet_range.end_auth_asym_id 
_struct_sheet_range.end_auth_seq_id 
A 1 ALA A 18 ? SER A 25  ? ALA A 18 SER A 25  
A 2 MET A 28 ? LEU A 35  ? MET A 28 LEU A 35  
A 3 ALA A 95 ? ALA A 102 ? ALA A 95 ALA A 102 
A 4 ASP A 50 ? GLU A 57  ? ASP A 50 GLU A 57  
A 5 ALA A 76 ? ALA A 79  ? ALA A 76 ALA A 79  
B 1 ALA A 40 ? HIS A 44  ? ALA A 40 HIS A 44  
B 2 HIS A 85 ? ARG A 88  ? HIS A 85 ARG A 88  
B 3 VAL A 60 ? VAL A 64  ? VAL A 60 VAL A 64  
B 4 GLU A 67 ? LEU A 71  ? GLU A 67 LEU A 71  
# 
loop_
_pdbx_struct_sheet_hbond.sheet_id 
_pdbx_struct_sheet_hbond.range_id_1 
_pdbx_struct_sheet_hbond.range_id_2 
_pdbx_struct_sheet_hbond.range_1_label_atom_id 
_pdbx_struct_sheet_hbond.range_1_label_comp_id 
_pdbx_struct_sheet_hbond.range_1_label_asym_id 
_pdbx_struct_sheet_hbond.range_1_label_seq_id 
_pdbx_struct_sheet_hbond.range_1_PDB_ins_code 
_pdbx_struct_sheet_hbond.range_1_auth_atom_id 
_pdbx_struct_sheet_hbond.range_1_auth_comp_id 
_pdbx_struct_sheet_hbond.range_1_auth_asym_id 
_pdbx_struct_sheet_hbond.range_1_auth_seq_id 
_pdbx_struct_sheet_hbond.range_2_label_atom_id 
_pdbx_struct_sheet_hbond.range_2_label_comp_id 
_pdbx_struct_sheet_hbond.range_2_label_asym_id 
_pdbx_struct_sheet_hbond.range_2_label_seq_id 
_pdbx_struct_sheet_hbond.range_2_PDB_ins_code 
_pdbx_struct_sheet_hbond.range_2_auth_atom_id 
_pdbx_struct_sheet_hbond.range_2_auth_comp_id 
_pdbx_struct_sheet_hbond.range_2_auth_asym_id 
_pdbx_struct_sheet_hbond.range_2_auth_seq_id 
A 1 2 N ILE A 20  ? N ILE A 20  O LEU A 32 ? O LEU A 32 
A 2 3 N ASP A 31  ? N ASP A 31  O VAL A 99 ? O VAL A 99 
A 3 4 O ALA A 102 ? O ALA A 102 N ASP A 50 ? N ASP A 50 
A 4 5 N LYS A 51  ? N LYS A 51  O ALA A 79 ? O ALA A 79 
B 1 2 N GLN A 41  ? N GLN A 41  O VAL A 87 ? O VAL A 87 
B 2 3 O ARG A 88  ? O ARG A 88  N VAL A 61 ? N VAL A 61 
B 3 4 N VAL A 60  ? N VAL A 60  O LEU A 71 ? O LEU A 71 
# 
_struct_site.id                   AC1 
_struct_site.pdbx_evidence_code   Software 
_struct_site.pdbx_auth_asym_id    A 
_struct_site.pdbx_auth_comp_id    NA 
_struct_site.pdbx_auth_seq_id     1001 
_struct_site.pdbx_auth_ins_code   ? 
_struct_site.pdbx_num_residues    6 
_struct_site.details              'BINDING SITE FOR RESIDUE NA A 1001' 
# 
loop_
_struct_site_gen.id 
_struct_site_gen.site_id 
_struct_site_gen.pdbx_num_res 
_struct_site_gen.label_comp_id 
_struct_site_gen.label_asym_id 
_struct_site_gen.label_seq_id 
_struct_site_gen.pdbx_auth_ins_code 
_struct_site_gen.auth_comp_id 
_struct_site_gen.auth_asym_id 
_struct_site_gen.auth_seq_id 
_struct_site_gen.label_atom_id 
_struct_site_gen.label_alt_id 
_struct_site_gen.symmetry 
_struct_site_gen.details 
1 AC1 6 VAL A 22 ? VAL A 22   . ? 1_555 ? 
2 AC1 6 HOH C .  ? HOH A 1035 . ? 1_555 ? 
3 AC1 6 HOH C .  ? HOH A 1055 . ? 1_555 ? 
4 AC1 6 HOH C .  ? HOH A 1081 . ? 1_555 ? 
5 AC1 6 HOH C .  ? HOH A 1085 . ? 1_555 ? 
6 AC1 6 HOH C .  ? HOH A 1123 . ? 1_555 ? 
# 
_pdbx_SG_project.id                    1 
_pdbx_SG_project.project_name          ? 
_pdbx_SG_project.full_name_of_center   'RIKEN Structural Genomics/Proteomics Initiative' 
_pdbx_SG_project.initial_of_center     RSGI 
# 
_pdbx_struct_special_symmetry.id              1 
_pdbx_struct_special_symmetry.PDB_model_num   1 
_pdbx_struct_special_symmetry.auth_asym_id    A 
_pdbx_struct_special_symmetry.auth_comp_id    HOH 
_pdbx_struct_special_symmetry.auth_seq_id     1092 
_pdbx_struct_special_symmetry.PDB_ins_code    ? 
_pdbx_struct_special_symmetry.label_asym_id   C 
_pdbx_struct_special_symmetry.label_comp_id   HOH 
_pdbx_struct_special_symmetry.label_seq_id    . 
# 
loop_
_chem_comp_atom.comp_id 
_chem_comp_atom.atom_id 
_chem_comp_atom.type_symbol 
_chem_comp_atom.pdbx_aromatic_flag 
_chem_comp_atom.pdbx_stereo_config 
_chem_comp_atom.pdbx_ordinal 
ALA N    N  N N 1   
ALA CA   C  N S 2   
ALA C    C  N N 3   
ALA O    O  N N 4   
ALA CB   C  N N 5   
ALA OXT  O  N N 6   
ALA H    H  N N 7   
ALA H2   H  N N 8   
ALA HA   H  N N 9   
ALA HB1  H  N N 10  
ALA HB2  H  N N 11  
ALA HB3  H  N N 12  
ALA HXT  H  N N 13  
ARG N    N  N N 14  
ARG CA   C  N S 15  
ARG C    C  N N 16  
ARG O    O  N N 17  
ARG CB   C  N N 18  
ARG CG   C  N N 19  
ARG CD   C  N N 20  
ARG NE   N  N N 21  
ARG CZ   C  N N 22  
ARG NH1  N  N N 23  
ARG NH2  N  N N 24  
ARG OXT  O  N N 25  
ARG H    H  N N 26  
ARG H2   H  N N 27  
ARG HA   H  N N 28  
ARG HB2  H  N N 29  
ARG HB3  H  N N 30  
ARG HG2  H  N N 31  
ARG HG3  H  N N 32  
ARG HD2  H  N N 33  
ARG HD3  H  N N 34  
ARG HE   H  N N 35  
ARG HH11 H  N N 36  
ARG HH12 H  N N 37  
ARG HH21 H  N N 38  
ARG HH22 H  N N 39  
ARG HXT  H  N N 40  
ASN N    N  N N 41  
ASN CA   C  N S 42  
ASN C    C  N N 43  
ASN O    O  N N 44  
ASN CB   C  N N 45  
ASN CG   C  N N 46  
ASN OD1  O  N N 47  
ASN ND2  N  N N 48  
ASN OXT  O  N N 49  
ASN H    H  N N 50  
ASN H2   H  N N 51  
ASN HA   H  N N 52  
ASN HB2  H  N N 53  
ASN HB3  H  N N 54  
ASN HD21 H  N N 55  
ASN HD22 H  N N 56  
ASN HXT  H  N N 57  
ASP N    N  N N 58  
ASP CA   C  N S 59  
ASP C    C  N N 60  
ASP O    O  N N 61  
ASP CB   C  N N 62  
ASP CG   C  N N 63  
ASP OD1  O  N N 64  
ASP OD2  O  N N 65  
ASP OXT  O  N N 66  
ASP H    H  N N 67  
ASP H2   H  N N 68  
ASP HA   H  N N 69  
ASP HB2  H  N N 70  
ASP HB3  H  N N 71  
ASP HD2  H  N N 72  
ASP HXT  H  N N 73  
GLN N    N  N N 74  
GLN CA   C  N S 75  
GLN C    C  N N 76  
GLN O    O  N N 77  
GLN CB   C  N N 78  
GLN CG   C  N N 79  
GLN CD   C  N N 80  
GLN OE1  O  N N 81  
GLN NE2  N  N N 82  
GLN OXT  O  N N 83  
GLN H    H  N N 84  
GLN H2   H  N N 85  
GLN HA   H  N N 86  
GLN HB2  H  N N 87  
GLN HB3  H  N N 88  
GLN HG2  H  N N 89  
GLN HG3  H  N N 90  
GLN HE21 H  N N 91  
GLN HE22 H  N N 92  
GLN HXT  H  N N 93  
GLU N    N  N N 94  
GLU CA   C  N S 95  
GLU C    C  N N 96  
GLU O    O  N N 97  
GLU CB   C  N N 98  
GLU CG   C  N N 99  
GLU CD   C  N N 100 
GLU OE1  O  N N 101 
GLU OE2  O  N N 102 
GLU OXT  O  N N 103 
GLU H    H  N N 104 
GLU H2   H  N N 105 
GLU HA   H  N N 106 
GLU HB2  H  N N 107 
GLU HB3  H  N N 108 
GLU HG2  H  N N 109 
GLU HG3  H  N N 110 
GLU HE2  H  N N 111 
GLU HXT  H  N N 112 
GLY N    N  N N 113 
GLY CA   C  N N 114 
GLY C    C  N N 115 
GLY O    O  N N 116 
GLY OXT  O  N N 117 
GLY H    H  N N 118 
GLY H2   H  N N 119 
GLY HA2  H  N N 120 
GLY HA3  H  N N 121 
GLY HXT  H  N N 122 
HIS N    N  N N 123 
HIS CA   C  N S 124 
HIS C    C  N N 125 
HIS O    O  N N 126 
HIS CB   C  N N 127 
HIS CG   C  Y N 128 
HIS ND1  N  Y N 129 
HIS CD2  C  Y N 130 
HIS CE1  C  Y N 131 
HIS NE2  N  Y N 132 
HIS OXT  O  N N 133 
HIS H    H  N N 134 
HIS H2   H  N N 135 
HIS HA   H  N N 136 
HIS HB2  H  N N 137 
HIS HB3  H  N N 138 
HIS HD1  H  N N 139 
HIS HD2  H  N N 140 
HIS HE1  H  N N 141 
HIS HE2  H  N N 142 
HIS HXT  H  N N 143 
HOH O    O  N N 144 
HOH H1   H  N N 145 
HOH H2   H  N N 146 
ILE N    N  N N 147 
ILE CA   C  N S 148 
ILE C    C  N N 149 
ILE O    O  N N 150 
ILE CB   C  N S 151 
ILE CG1  C  N N 152 
ILE CG2  C  N N 153 
ILE CD1  C  N N 154 
ILE OXT  O  N N 155 
ILE H    H  N N 156 
ILE H2   H  N N 157 
ILE HA   H  N N 158 
ILE HB   H  N N 159 
ILE HG12 H  N N 160 
ILE HG13 H  N N 161 
ILE HG21 H  N N 162 
ILE HG22 H  N N 163 
ILE HG23 H  N N 164 
ILE HD11 H  N N 165 
ILE HD12 H  N N 166 
ILE HD13 H  N N 167 
ILE HXT  H  N N 168 
LEU N    N  N N 169 
LEU CA   C  N S 170 
LEU C    C  N N 171 
LEU O    O  N N 172 
LEU CB   C  N N 173 
LEU CG   C  N N 174 
LEU CD1  C  N N 175 
LEU CD2  C  N N 176 
LEU OXT  O  N N 177 
LEU H    H  N N 178 
LEU H2   H  N N 179 
LEU HA   H  N N 180 
LEU HB2  H  N N 181 
LEU HB3  H  N N 182 
LEU HG   H  N N 183 
LEU HD11 H  N N 184 
LEU HD12 H  N N 185 
LEU HD13 H  N N 186 
LEU HD21 H  N N 187 
LEU HD22 H  N N 188 
LEU HD23 H  N N 189 
LEU HXT  H  N N 190 
LYS N    N  N N 191 
LYS CA   C  N S 192 
LYS C    C  N N 193 
LYS O    O  N N 194 
LYS CB   C  N N 195 
LYS CG   C  N N 196 
LYS CD   C  N N 197 
LYS CE   C  N N 198 
LYS NZ   N  N N 199 
LYS OXT  O  N N 200 
LYS H    H  N N 201 
LYS H2   H  N N 202 
LYS HA   H  N N 203 
LYS HB2  H  N N 204 
LYS HB3  H  N N 205 
LYS HG2  H  N N 206 
LYS HG3  H  N N 207 
LYS HD2  H  N N 208 
LYS HD3  H  N N 209 
LYS HE2  H  N N 210 
LYS HE3  H  N N 211 
LYS HZ1  H  N N 212 
LYS HZ2  H  N N 213 
LYS HZ3  H  N N 214 
LYS HXT  H  N N 215 
MET N    N  N N 216 
MET CA   C  N S 217 
MET C    C  N N 218 
MET O    O  N N 219 
MET CB   C  N N 220 
MET CG   C  N N 221 
MET SD   S  N N 222 
MET CE   C  N N 223 
MET OXT  O  N N 224 
MET H    H  N N 225 
MET H2   H  N N 226 
MET HA   H  N N 227 
MET HB2  H  N N 228 
MET HB3  H  N N 229 
MET HG2  H  N N 230 
MET HG3  H  N N 231 
MET HE1  H  N N 232 
MET HE2  H  N N 233 
MET HE3  H  N N 234 
MET HXT  H  N N 235 
NA  NA   NA N N 236 
PHE N    N  N N 237 
PHE CA   C  N S 238 
PHE C    C  N N 239 
PHE O    O  N N 240 
PHE CB   C  N N 241 
PHE CG   C  Y N 242 
PHE CD1  C  Y N 243 
PHE CD2  C  Y N 244 
PHE CE1  C  Y N 245 
PHE CE2  C  Y N 246 
PHE CZ   C  Y N 247 
PHE OXT  O  N N 248 
PHE H    H  N N 249 
PHE H2   H  N N 250 
PHE HA   H  N N 251 
PHE HB2  H  N N 252 
PHE HB3  H  N N 253 
PHE HD1  H  N N 254 
PHE HD2  H  N N 255 
PHE HE1  H  N N 256 
PHE HE2  H  N N 257 
PHE HZ   H  N N 258 
PHE HXT  H  N N 259 
PRO N    N  N N 260 
PRO CA   C  N S 261 
PRO C    C  N N 262 
PRO O    O  N N 263 
PRO CB   C  N N 264 
PRO CG   C  N N 265 
PRO CD   C  N N 266 
PRO OXT  O  N N 267 
PRO H    H  N N 268 
PRO HA   H  N N 269 
PRO HB2  H  N N 270 
PRO HB3  H  N N 271 
PRO HG2  H  N N 272 
PRO HG3  H  N N 273 
PRO HD2  H  N N 274 
PRO HD3  H  N N 275 
PRO HXT  H  N N 276 
SER N    N  N N 277 
SER CA   C  N S 278 
SER C    C  N N 279 
SER O    O  N N 280 
SER CB   C  N N 281 
SER OG   O  N N 282 
SER OXT  O  N N 283 
SER H    H  N N 284 
SER H2   H  N N 285 
SER HA   H  N N 286 
SER HB2  H  N N 287 
SER HB3  H  N N 288 
SER HG   H  N N 289 
SER HXT  H  N N 290 
THR N    N  N N 291 
THR CA   C  N S 292 
THR C    C  N N 293 
THR O    O  N N 294 
THR CB   C  N R 295 
THR OG1  O  N N 296 
THR CG2  C  N N 297 
THR OXT  O  N N 298 
THR H    H  N N 299 
THR H2   H  N N 300 
THR HA   H  N N 301 
THR HB   H  N N 302 
THR HG1  H  N N 303 
THR HG21 H  N N 304 
THR HG22 H  N N 305 
THR HG23 H  N N 306 
THR HXT  H  N N 307 
TYR N    N  N N 308 
TYR CA   C  N S 309 
TYR C    C  N N 310 
TYR O    O  N N 311 
TYR CB   C  N N 312 
TYR CG   C  Y N 313 
TYR CD1  C  Y N 314 
TYR CD2  C  Y N 315 
TYR CE1  C  Y N 316 
TYR CE2  C  Y N 317 
TYR CZ   C  Y N 318 
TYR OH   O  N N 319 
TYR OXT  O  N N 320 
TYR H    H  N N 321 
TYR H2   H  N N 322 
TYR HA   H  N N 323 
TYR HB2  H  N N 324 
TYR HB3  H  N N 325 
TYR HD1  H  N N 326 
TYR HD2  H  N N 327 
TYR HE1  H  N N 328 
TYR HE2  H  N N 329 
TYR HH   H  N N 330 
TYR HXT  H  N N 331 
VAL N    N  N N 332 
VAL CA   C  N S 333 
VAL C    C  N N 334 
VAL O    O  N N 335 
VAL CB   C  N N 336 
VAL CG1  C  N N 337 
VAL CG2  C  N N 338 
VAL OXT  O  N N 339 
VAL H    H  N N 340 
VAL H2   H  N N 341 
VAL HA   H  N N 342 
VAL HB   H  N N 343 
VAL HG11 H  N N 344 
VAL HG12 H  N N 345 
VAL HG13 H  N N 346 
VAL HG21 H  N N 347 
VAL HG22 H  N N 348 
VAL HG23 H  N N 349 
VAL HXT  H  N N 350 
# 
loop_
_chem_comp_bond.comp_id 
_chem_comp_bond.atom_id_1 
_chem_comp_bond.atom_id_2 
_chem_comp_bond.value_order 
_chem_comp_bond.pdbx_aromatic_flag 
_chem_comp_bond.pdbx_stereo_config 
_chem_comp_bond.pdbx_ordinal 
ALA N   CA   sing N N 1   
ALA N   H    sing N N 2   
ALA N   H2   sing N N 3   
ALA CA  C    sing N N 4   
ALA CA  CB   sing N N 5   
ALA CA  HA   sing N N 6   
ALA C   O    doub N N 7   
ALA C   OXT  sing N N 8   
ALA CB  HB1  sing N N 9   
ALA CB  HB2  sing N N 10  
ALA CB  HB3  sing N N 11  
ALA OXT HXT  sing N N 12  
ARG N   CA   sing N N 13  
ARG N   H    sing N N 14  
ARG N   H2   sing N N 15  
ARG CA  C    sing N N 16  
ARG CA  CB   sing N N 17  
ARG CA  HA   sing N N 18  
ARG C   O    doub N N 19  
ARG C   OXT  sing N N 20  
ARG CB  CG   sing N N 21  
ARG CB  HB2  sing N N 22  
ARG CB  HB3  sing N N 23  
ARG CG  CD   sing N N 24  
ARG CG  HG2  sing N N 25  
ARG CG  HG3  sing N N 26  
ARG CD  NE   sing N N 27  
ARG CD  HD2  sing N N 28  
ARG CD  HD3  sing N N 29  
ARG NE  CZ   sing N N 30  
ARG NE  HE   sing N N 31  
ARG CZ  NH1  sing N N 32  
ARG CZ  NH2  doub N N 33  
ARG NH1 HH11 sing N N 34  
ARG NH1 HH12 sing N N 35  
ARG NH2 HH21 sing N N 36  
ARG NH2 HH22 sing N N 37  
ARG OXT HXT  sing N N 38  
ASN N   CA   sing N N 39  
ASN N   H    sing N N 40  
ASN N   H2   sing N N 41  
ASN CA  C    sing N N 42  
ASN CA  CB   sing N N 43  
ASN CA  HA   sing N N 44  
ASN C   O    doub N N 45  
ASN C   OXT  sing N N 46  
ASN CB  CG   sing N N 47  
ASN CB  HB2  sing N N 48  
ASN CB  HB3  sing N N 49  
ASN CG  OD1  doub N N 50  
ASN CG  ND2  sing N N 51  
ASN ND2 HD21 sing N N 52  
ASN ND2 HD22 sing N N 53  
ASN OXT HXT  sing N N 54  
ASP N   CA   sing N N 55  
ASP N   H    sing N N 56  
ASP N   H2   sing N N 57  
ASP CA  C    sing N N 58  
ASP CA  CB   sing N N 59  
ASP CA  HA   sing N N 60  
ASP C   O    doub N N 61  
ASP C   OXT  sing N N 62  
ASP CB  CG   sing N N 63  
ASP CB  HB2  sing N N 64  
ASP CB  HB3  sing N N 65  
ASP CG  OD1  doub N N 66  
ASP CG  OD2  sing N N 67  
ASP OD2 HD2  sing N N 68  
ASP OXT HXT  sing N N 69  
GLN N   CA   sing N N 70  
GLN N   H    sing N N 71  
GLN N   H2   sing N N 72  
GLN CA  C    sing N N 73  
GLN CA  CB   sing N N 74  
GLN CA  HA   sing N N 75  
GLN C   O    doub N N 76  
GLN C   OXT  sing N N 77  
GLN CB  CG   sing N N 78  
GLN CB  HB2  sing N N 79  
GLN CB  HB3  sing N N 80  
GLN CG  CD   sing N N 81  
GLN CG  HG2  sing N N 82  
GLN CG  HG3  sing N N 83  
GLN CD  OE1  doub N N 84  
GLN CD  NE2  sing N N 85  
GLN NE2 HE21 sing N N 86  
GLN NE2 HE22 sing N N 87  
GLN OXT HXT  sing N N 88  
GLU N   CA   sing N N 89  
GLU N   H    sing N N 90  
GLU N   H2   sing N N 91  
GLU CA  C    sing N N 92  
GLU CA  CB   sing N N 93  
GLU CA  HA   sing N N 94  
GLU C   O    doub N N 95  
GLU C   OXT  sing N N 96  
GLU CB  CG   sing N N 97  
GLU CB  HB2  sing N N 98  
GLU CB  HB3  sing N N 99  
GLU CG  CD   sing N N 100 
GLU CG  HG2  sing N N 101 
GLU CG  HG3  sing N N 102 
GLU CD  OE1  doub N N 103 
GLU CD  OE2  sing N N 104 
GLU OE2 HE2  sing N N 105 
GLU OXT HXT  sing N N 106 
GLY N   CA   sing N N 107 
GLY N   H    sing N N 108 
GLY N   H2   sing N N 109 
GLY CA  C    sing N N 110 
GLY CA  HA2  sing N N 111 
GLY CA  HA3  sing N N 112 
GLY C   O    doub N N 113 
GLY C   OXT  sing N N 114 
GLY OXT HXT  sing N N 115 
HIS N   CA   sing N N 116 
HIS N   H    sing N N 117 
HIS N   H2   sing N N 118 
HIS CA  C    sing N N 119 
HIS CA  CB   sing N N 120 
HIS CA  HA   sing N N 121 
HIS C   O    doub N N 122 
HIS C   OXT  sing N N 123 
HIS CB  CG   sing N N 124 
HIS CB  HB2  sing N N 125 
HIS CB  HB3  sing N N 126 
HIS CG  ND1  sing Y N 127 
HIS CG  CD2  doub Y N 128 
HIS ND1 CE1  doub Y N 129 
HIS ND1 HD1  sing N N 130 
HIS CD2 NE2  sing Y N 131 
HIS CD2 HD2  sing N N 132 
HIS CE1 NE2  sing Y N 133 
HIS CE1 HE1  sing N N 134 
HIS NE2 HE2  sing N N 135 
HIS OXT HXT  sing N N 136 
HOH O   H1   sing N N 137 
HOH O   H2   sing N N 138 
ILE N   CA   sing N N 139 
ILE N   H    sing N N 140 
ILE N   H2   sing N N 141 
ILE CA  C    sing N N 142 
ILE CA  CB   sing N N 143 
ILE CA  HA   sing N N 144 
ILE C   O    doub N N 145 
ILE C   OXT  sing N N 146 
ILE CB  CG1  sing N N 147 
ILE CB  CG2  sing N N 148 
ILE CB  HB   sing N N 149 
ILE CG1 CD1  sing N N 150 
ILE CG1 HG12 sing N N 151 
ILE CG1 HG13 sing N N 152 
ILE CG2 HG21 sing N N 153 
ILE CG2 HG22 sing N N 154 
ILE CG2 HG23 sing N N 155 
ILE CD1 HD11 sing N N 156 
ILE CD1 HD12 sing N N 157 
ILE CD1 HD13 sing N N 158 
ILE OXT HXT  sing N N 159 
LEU N   CA   sing N N 160 
LEU N   H    sing N N 161 
LEU N   H2   sing N N 162 
LEU CA  C    sing N N 163 
LEU CA  CB   sing N N 164 
LEU CA  HA   sing N N 165 
LEU C   O    doub N N 166 
LEU C   OXT  sing N N 167 
LEU CB  CG   sing N N 168 
LEU CB  HB2  sing N N 169 
LEU CB  HB3  sing N N 170 
LEU CG  CD1  sing N N 171 
LEU CG  CD2  sing N N 172 
LEU CG  HG   sing N N 173 
LEU CD1 HD11 sing N N 174 
LEU CD1 HD12 sing N N 175 
LEU CD1 HD13 sing N N 176 
LEU CD2 HD21 sing N N 177 
LEU CD2 HD22 sing N N 178 
LEU CD2 HD23 sing N N 179 
LEU OXT HXT  sing N N 180 
LYS N   CA   sing N N 181 
LYS N   H    sing N N 182 
LYS N   H2   sing N N 183 
LYS CA  C    sing N N 184 
LYS CA  CB   sing N N 185 
LYS CA  HA   sing N N 186 
LYS C   O    doub N N 187 
LYS C   OXT  sing N N 188 
LYS CB  CG   sing N N 189 
LYS CB  HB2  sing N N 190 
LYS CB  HB3  sing N N 191 
LYS CG  CD   sing N N 192 
LYS CG  HG2  sing N N 193 
LYS CG  HG3  sing N N 194 
LYS CD  CE   sing N N 195 
LYS CD  HD2  sing N N 196 
LYS CD  HD3  sing N N 197 
LYS CE  NZ   sing N N 198 
LYS CE  HE2  sing N N 199 
LYS CE  HE3  sing N N 200 
LYS NZ  HZ1  sing N N 201 
LYS NZ  HZ2  sing N N 202 
LYS NZ  HZ3  sing N N 203 
LYS OXT HXT  sing N N 204 
MET N   CA   sing N N 205 
MET N   H    sing N N 206 
MET N   H2   sing N N 207 
MET CA  C    sing N N 208 
MET CA  CB   sing N N 209 
MET CA  HA   sing N N 210 
MET C   O    doub N N 211 
MET C   OXT  sing N N 212 
MET CB  CG   sing N N 213 
MET CB  HB2  sing N N 214 
MET CB  HB3  sing N N 215 
MET CG  SD   sing N N 216 
MET CG  HG2  sing N N 217 
MET CG  HG3  sing N N 218 
MET SD  CE   sing N N 219 
MET CE  HE1  sing N N 220 
MET CE  HE2  sing N N 221 
MET CE  HE3  sing N N 222 
MET OXT HXT  sing N N 223 
PHE N   CA   sing N N 224 
PHE N   H    sing N N 225 
PHE N   H2   sing N N 226 
PHE CA  C    sing N N 227 
PHE CA  CB   sing N N 228 
PHE CA  HA   sing N N 229 
PHE C   O    doub N N 230 
PHE C   OXT  sing N N 231 
PHE CB  CG   sing N N 232 
PHE CB  HB2  sing N N 233 
PHE CB  HB3  sing N N 234 
PHE CG  CD1  doub Y N 235 
PHE CG  CD2  sing Y N 236 
PHE CD1 CE1  sing Y N 237 
PHE CD1 HD1  sing N N 238 
PHE CD2 CE2  doub Y N 239 
PHE CD2 HD2  sing N N 240 
PHE CE1 CZ   doub Y N 241 
PHE CE1 HE1  sing N N 242 
PHE CE2 CZ   sing Y N 243 
PHE CE2 HE2  sing N N 244 
PHE CZ  HZ   sing N N 245 
PHE OXT HXT  sing N N 246 
PRO N   CA   sing N N 247 
PRO N   CD   sing N N 248 
PRO N   H    sing N N 249 
PRO CA  C    sing N N 250 
PRO CA  CB   sing N N 251 
PRO CA  HA   sing N N 252 
PRO C   O    doub N N 253 
PRO C   OXT  sing N N 254 
PRO CB  CG   sing N N 255 
PRO CB  HB2  sing N N 256 
PRO CB  HB3  sing N N 257 
PRO CG  CD   sing N N 258 
PRO CG  HG2  sing N N 259 
PRO CG  HG3  sing N N 260 
PRO CD  HD2  sing N N 261 
PRO CD  HD3  sing N N 262 
PRO OXT HXT  sing N N 263 
SER N   CA   sing N N 264 
SER N   H    sing N N 265 
SER N   H2   sing N N 266 
SER CA  C    sing N N 267 
SER CA  CB   sing N N 268 
SER CA  HA   sing N N 269 
SER C   O    doub N N 270 
SER C   OXT  sing N N 271 
SER CB  OG   sing N N 272 
SER CB  HB2  sing N N 273 
SER CB  HB3  sing N N 274 
SER OG  HG   sing N N 275 
SER OXT HXT  sing N N 276 
THR N   CA   sing N N 277 
THR N   H    sing N N 278 
THR N   H2   sing N N 279 
THR CA  C    sing N N 280 
THR CA  CB   sing N N 281 
THR CA  HA   sing N N 282 
THR C   O    doub N N 283 
THR C   OXT  sing N N 284 
THR CB  OG1  sing N N 285 
THR CB  CG2  sing N N 286 
THR CB  HB   sing N N 287 
THR OG1 HG1  sing N N 288 
THR CG2 HG21 sing N N 289 
THR CG2 HG22 sing N N 290 
THR CG2 HG23 sing N N 291 
THR OXT HXT  sing N N 292 
TYR N   CA   sing N N 293 
TYR N   H    sing N N 294 
TYR N   H2   sing N N 295 
TYR CA  C    sing N N 296 
TYR CA  CB   sing N N 297 
TYR CA  HA   sing N N 298 
TYR C   O    doub N N 299 
TYR C   OXT  sing N N 300 
TYR CB  CG   sing N N 301 
TYR CB  HB2  sing N N 302 
TYR CB  HB3  sing N N 303 
TYR CG  CD1  doub Y N 304 
TYR CG  CD2  sing Y N 305 
TYR CD1 CE1  sing Y N 306 
TYR CD1 HD1  sing N N 307 
TYR CD2 CE2  doub Y N 308 
TYR CD2 HD2  sing N N 309 
TYR CE1 CZ   doub Y N 310 
TYR CE1 HE1  sing N N 311 
TYR CE2 CZ   sing Y N 312 
TYR CE2 HE2  sing N N 313 
TYR CZ  OH   sing N N 314 
TYR OH  HH   sing N N 315 
TYR OXT HXT  sing N N 316 
VAL N   CA   sing N N 317 
VAL N   H    sing N N 318 
VAL N   H2   sing N N 319 
VAL CA  C    sing N N 320 
VAL CA  CB   sing N N 321 
VAL CA  HA   sing N N 322 
VAL C   O    doub N N 323 
VAL C   OXT  sing N N 324 
VAL CB  CG1  sing N N 325 
VAL CB  CG2  sing N N 326 
VAL CB  HB   sing N N 327 
VAL CG1 HG11 sing N N 328 
VAL CG1 HG12 sing N N 329 
VAL CG1 HG13 sing N N 330 
VAL CG2 HG21 sing N N 331 
VAL CG2 HG22 sing N N 332 
VAL CG2 HG23 sing N N 333 
VAL OXT HXT  sing N N 334 
# 
_atom_sites.entry_id                    1V70 
_atom_sites.fract_transf_matrix[1][1]   -0.01203089 
_atom_sites.fract_transf_matrix[1][2]   0.00925472 
_atom_sites.fract_transf_matrix[1][3]   0.00310910 
_atom_sites.fract_transf_matrix[2][1]   -0.00989735 
_atom_sites.fract_transf_matrix[2][2]   -0.00370313 
_atom_sites.fract_transf_matrix[2][3]   0.01133108 
_atom_sites.fract_transf_matrix[3][1]   0.01365830 
_atom_sites.fract_transf_matrix[3][2]   0.01238750 
_atom_sites.fract_transf_matrix[3][3]   0.01597848 
_atom_sites.fract_transf_vector[1]      0.428278 
_atom_sites.fract_transf_vector[2]      0.535523 
_atom_sites.fract_transf_vector[3]      0.179314 
# 
loop_
_atom_type.symbol 
C  
N  
NA 
O  
S  
# 
loop_
_atom_site.group_PDB 
_atom_site.id 
_atom_site.type_symbol 
_atom_site.label_atom_id 
_atom_site.label_alt_id 
_atom_site.label_comp_id 
_atom_site.label_asym_id 
_atom_site.label_entity_id 
_atom_site.label_seq_id 
_atom_site.pdbx_PDB_ins_code 
_atom_site.Cartn_x 
_atom_site.Cartn_y 
_atom_site.Cartn_z 
_atom_site.occupancy 
_atom_site.B_iso_or_equiv 
_atom_site.pdbx_formal_charge 
_atom_site.auth_seq_id 
_atom_site.auth_comp_id 
_atom_site.auth_asym_id 
_atom_site.auth_atom_id 
_atom_site.pdbx_PDB_model_num 
ATOM   1   N  N   . MET A 1 1   ? -8.195  20.030  -13.561 1.00 16.28 ? 1    MET A N   1 
ATOM   2   C  CA  . MET A 1 1   ? -8.204  18.686  -12.918 1.00 14.67 ? 1    MET A CA  1 
ATOM   3   C  C   . MET A 1 1   ? -6.886  18.444  -12.195 1.00 14.81 ? 1    MET A C   1 
ATOM   4   O  O   . MET A 1 1   ? -5.850  19.018  -12.549 1.00 14.61 ? 1    MET A O   1 
ATOM   5   C  CB  . MET A 1 1   ? -8.385  17.584  -13.972 1.00 16.34 ? 1    MET A CB  1 
ATOM   6   C  CG  . MET A 1 1   ? -7.092  17.211  -14.704 1.00 15.04 ? 1    MET A CG  1 
ATOM   7   S  SD  . MET A 1 1   ? -7.245  15.909  -15.948 1.00 15.17 ? 1    MET A SD  1 
ATOM   8   C  CE  . MET A 1 1   ? -7.862  16.864  -17.330 1.00 13.14 ? 1    MET A CE  1 
ATOM   9   N  N   . GLU A 1 2   ? -6.930  17.588  -11.183 1.00 13.81 ? 2    GLU A N   1 
ATOM   10  C  CA  . GLU A 1 2   ? -5.730  17.221  -10.475 1.00 13.57 ? 2    GLU A CA  1 
ATOM   11  C  C   . GLU A 1 2   ? -5.097  16.101  -11.252 1.00 12.92 ? 2    GLU A C   1 
ATOM   12  O  O   . GLU A 1 2   ? -5.751  15.144  -11.632 1.00 12.12 ? 2    GLU A O   1 
ATOM   13  C  CB  . GLU A 1 2   ? -6.090  16.759  -9.051  1.00 15.05 ? 2    GLU A CB  1 
ATOM   14  C  CG  . GLU A 1 2   ? -6.573  17.903  -8.139  1.00 20.06 ? 2    GLU A CG  1 
ATOM   15  C  CD  . GLU A 1 2   ? -6.884  17.394  -6.736  1.00 25.21 ? 2    GLU A CD  1 
ATOM   16  O  OE1 . GLU A 1 2   ? -6.049  16.730  -6.148  1.00 27.16 ? 2    GLU A OE1 1 
ATOM   17  O  OE2 . GLU A 1 2   ? -7.946  17.729  -6.220  1.00 29.85 ? 2    GLU A OE2 1 
ATOM   18  N  N   . ILE A 1 3   ? -3.811  16.244  -11.539 1.00 13.02 ? 3    ILE A N   1 
ATOM   19  C  CA  . ILE A 1 3   ? -3.088  15.244  -12.310 1.00 13.28 ? 3    ILE A CA  1 
ATOM   20  C  C   . ILE A 1 3   ? -1.662  15.189  -11.782 1.00 13.20 ? 3    ILE A C   1 
ATOM   21  O  O   . ILE A 1 3   ? -1.049  16.222  -11.497 1.00 13.99 ? 3    ILE A O   1 
ATOM   22  C  CB  . ILE A 1 3   ? -3.128  15.594  -13.820 1.00 16.93 ? 3    ILE A CB  1 
ATOM   23  C  CG1 . ILE A 1 3   ? -2.413  14.513  -14.633 1.00 18.41 ? 3    ILE A CG1 1 
ATOM   24  C  CG2 . ILE A 1 3   ? -2.525  16.969  -14.051 1.00 19.56 ? 3    ILE A CG2 1 
ATOM   25  C  CD1 . ILE A 1 3   ? -2.705  14.589  -16.120 1.00 20.18 ? 3    ILE A CD1 1 
ATOM   26  N  N   . LYS A 1 4   ? -1.140  13.980  -11.627 1.00 12.28 ? 4    LYS A N   1 
ATOM   27  C  CA  . LYS A 1 4   ? 0.199   13.796  -11.084 1.00 13.69 ? 4    LYS A CA  1 
ATOM   28  C  C   . LYS A 1 4   ? 0.966   12.699  -11.794 1.00 14.73 ? 4    LYS A C   1 
ATOM   29  O  O   . LYS A 1 4   ? 0.379   11.742  -12.297 1.00 14.47 ? 4    LYS A O   1 
ATOM   30  C  CB  . LYS A 1 4   ? 0.111   13.420  -9.599  1.00 15.31 ? 4    LYS A CB  1 
ATOM   31  C  CG  . LYS A 1 4   ? -0.507  14.472  -8.687  1.00 18.66 ? 4    LYS A CG  1 
ATOM   32  C  CD  . LYS A 1 4   ? 0.458   15.618  -8.443  1.00 20.22 ? 4    LYS A CD  1 
ATOM   33  C  CE  . LYS A 1 4   ? -0.149  16.664  -7.523  1.00 20.53 ? 4    LYS A CE  1 
ATOM   34  N  NZ  . LYS A 1 4   ? 0.830   17.740  -7.211  1.00 21.65 ? 4    LYS A NZ  1 
ATOM   35  N  N   . ASP A 1 5   ? 2.286   12.846  -11.828 1.00 14.99 ? 5    ASP A N   1 
ATOM   36  C  CA  . ASP A 1 5   ? 3.154   11.831  -12.408 1.00 15.10 ? 5    ASP A CA  1 
ATOM   37  C  C   . ASP A 1 5   ? 3.632   11.086  -11.164 1.00 14.84 ? 5    ASP A C   1 
ATOM   38  O  O   . ASP A 1 5   ? 4.478   11.592  -10.419 1.00 15.49 ? 5    ASP A O   1 
ATOM   39  C  CB  . ASP A 1 5   ? 4.347   12.469  -13.125 1.00 16.68 ? 5    ASP A CB  1 
ATOM   40  C  CG  . ASP A 1 5   ? 5.263   11.436  -13.758 1.00 19.45 ? 5    ASP A CG  1 
ATOM   41  O  OD1 . ASP A 1 5   ? 5.189   10.255  -13.359 1.00 19.71 ? 5    ASP A OD1 1 
ATOM   42  O  OD2 . ASP A 1 5   ? 6.064   11.802  -14.645 1.00 20.85 ? 5    ASP A OD2 1 
ATOM   43  N  N   . LEU A 1 6   ? 3.075   9.904   -10.920 1.00 14.30 ? 6    LEU A N   1 
ATOM   44  C  CA  . LEU A 1 6   ? 3.437   9.127   -9.740  1.00 15.61 ? 6    LEU A CA  1 
ATOM   45  C  C   . LEU A 1 6   ? 4.925   8.821   -9.648  1.00 15.74 ? 6    LEU A C   1 
ATOM   46  O  O   . LEU A 1 6   ? 5.465   8.672   -8.550  1.00 16.43 ? 6    LEU A O   1 
ATOM   47  C  CB  . LEU A 1 6   ? 2.627   7.829   -9.689  1.00 16.05 ? 6    LEU A CB  1 
ATOM   48  C  CG  . LEU A 1 6   ? 1.189   7.946   -9.168  1.00 20.02 ? 6    LEU A CG  1 
ATOM   49  C  CD1 . LEU A 1 6   ? 0.410   8.990   -9.951  1.00 22.26 ? 6    LEU A CD1 1 
ATOM   50  C  CD2 . LEU A 1 6   ? 0.512   6.587   -9.257  1.00 20.51 ? 6    LEU A CD2 1 
ATOM   51  N  N   . LYS A 1 7   ? 5.583   8.733   -10.801 1.00 16.26 ? 7    LYS A N   1 
ATOM   52  C  CA  . LYS A 1 7   ? 7.014   8.456   -10.841 1.00 18.96 ? 7    LYS A CA  1 
ATOM   53  C  C   . LYS A 1 7   ? 7.776   9.579   -10.146 1.00 18.44 ? 7    LYS A C   1 
ATOM   54  O  O   . LYS A 1 7   ? 8.793   9.341   -9.491  1.00 21.30 ? 7    LYS A O   1 
ATOM   55  C  CB  . LYS A 1 7   ? 7.492   8.334   -12.293 1.00 20.08 ? 7    LYS A CB  1 
ATOM   56  C  CG  . LYS A 1 7   ? 6.771   7.262   -13.098 1.00 24.64 ? 7    LYS A CG  1 
ATOM   57  C  CD  . LYS A 1 7   ? 7.356   7.119   -14.500 1.00 26.67 ? 7    LYS A CD  1 
ATOM   58  C  CE  . LYS A 1 7   ? 7.173   8.384   -15.330 1.00 27.69 ? 7    LYS A CE  1 
ATOM   59  N  NZ  . LYS A 1 7   ? 5.739   8.688   -15.596 1.00 26.32 ? 7    LYS A NZ  1 
ATOM   60  N  N   . ARG A 1 8   ? 7.275   10.801  -10.285 1.00 16.64 ? 8    ARG A N   1 
ATOM   61  C  CA  . ARG A 1 8   ? 7.916   11.967  -9.669  1.00 17.57 ? 8    ARG A CA  1 
ATOM   62  C  C   . ARG A 1 8   ? 7.681   12.028  -8.165  1.00 16.84 ? 8    ARG A C   1 
ATOM   63  O  O   . ARG A 1 8   ? 8.553   12.448  -7.415  1.00 18.94 ? 8    ARG A O   1 
ATOM   64  C  CB  . ARG A 1 8   ? 7.381   13.239  -10.324 1.00 19.46 ? 8    ARG A CB  1 
ATOM   65  C  CG  . ARG A 1 8   ? 8.028   14.502  -9.742  1.00 25.05 ? 8    ARG A CG  1 
ATOM   66  C  CD  . ARG A 1 8   ? 7.083   15.721  -9.833  1.00 29.10 ? 8    ARG A CD  1 
ATOM   67  N  NE  . ARG A 1 8   ? 7.355   16.628  -8.714  1.00 33.83 ? 8    ARG A NE  1 
ATOM   68  C  CZ  . ARG A 1 8   ? 6.328   17.246  -8.074  1.00 36.03 ? 8    ARG A CZ  1 
ATOM   69  N  NH1 . ARG A 1 8   ? 5.061   17.048  -8.438  1.00 36.85 ? 8    ARG A NH1 1 
ATOM   70  N  NH2 . ARG A 1 8   ? 6.605   18.068  -7.066  1.00 37.47 ? 8    ARG A NH2 1 
ATOM   71  N  N   . LEU A 1 9   ? 6.500   11.612  -7.719  1.00 13.39 ? 9    LEU A N   1 
ATOM   72  C  CA  . LEU A 1 9   ? 6.147   11.650  -6.302  1.00 13.36 ? 9    LEU A CA  1 
ATOM   73  C  C   . LEU A 1 9   ? 6.874   10.630  -5.438  1.00 13.50 ? 9    LEU A C   1 
ATOM   74  O  O   . LEU A 1 9   ? 7.016   10.827  -4.231  1.00 13.61 ? 9    LEU A O   1 
ATOM   75  C  CB  . LEU A 1 9   ? 4.642   11.445  -6.128  1.00 12.92 ? 9    LEU A CB  1 
ATOM   76  C  CG  . LEU A 1 9   ? 3.720   12.516  -6.712  1.00 14.78 ? 9    LEU A CG  1 
ATOM   77  C  CD1 . LEU A 1 9   ? 2.275   12.165  -6.396  1.00 15.50 ? 9    LEU A CD1 1 
ATOM   78  C  CD2 . LEU A 1 9   ? 4.078   13.877  -6.131  1.00 18.50 ? 9    LEU A CD2 1 
ATOM   79  N  N   . ALA A 1 10  ? 7.320   9.539   -6.053  1.00 14.10 ? 10   ALA A N   1 
ATOM   80  C  CA  . ALA A 1 10  ? 8.017   8.483   -5.327  1.00 15.51 ? 10   ALA A CA  1 
ATOM   81  C  C   . ALA A 1 10  ? 9.178   9.007   -4.489  1.00 15.47 ? 10   ALA A C   1 
ATOM   82  O  O   . ALA A 1 10  ? 9.997   9.798   -4.959  1.00 16.04 ? 10   ALA A O   1 
ATOM   83  C  CB  . ALA A 1 10  ? 8.512   7.423   -6.306  1.00 16.60 ? 10   ALA A CB  1 
ATOM   84  N  N   . ARG A 1 11  ? 9.235   8.557   -3.241  1.00 14.22 ? 11   ARG A N   1 
ATOM   85  C  CA  . ARG A 1 11  ? 10.282  8.957   -2.307  1.00 14.05 ? 11   ARG A CA  1 
ATOM   86  C  C   . ARG A 1 11  ? 10.315  7.930   -1.183  1.00 14.28 ? 11   ARG A C   1 
ATOM   87  O  O   . ARG A 1 11  ? 9.341   7.210   -0.968  1.00 14.19 ? 11   ARG A O   1 
ATOM   88  C  CB  . ARG A 1 11  ? 9.989   10.351  -1.736  1.00 14.20 ? 11   ARG A CB  1 
ATOM   89  C  CG  . ARG A 1 11  ? 8.720   10.415  -0.906  1.00 13.88 ? 11   ARG A CG  1 
ATOM   90  C  CD  . ARG A 1 11  ? 8.445   11.809  -0.350  1.00 14.82 ? 11   ARG A CD  1 
ATOM   91  N  NE  . ARG A 1 11  ? 7.223   11.823  0.447   1.00 14.99 ? 11   ARG A NE  1 
ATOM   92  C  CZ  . ARG A 1 11  ? 7.111   11.290  1.662   1.00 16.70 ? 11   ARG A CZ  1 
ATOM   93  N  NH1 . ARG A 1 11  ? 8.154   10.706  2.237   1.00 15.66 ? 11   ARG A NH1 1 
ATOM   94  N  NH2 . ARG A 1 11  ? 5.944   11.317  2.292   1.00 18.34 ? 11   ARG A NH2 1 
ATOM   95  N  N   . TYR A 1 12  ? 11.430  7.863   -0.466  1.00 14.15 ? 12   TYR A N   1 
ATOM   96  C  CA  . TYR A 1 12  ? 11.571  6.908   0.626   1.00 14.54 ? 12   TYR A CA  1 
ATOM   97  C  C   . TYR A 1 12  ? 11.888  7.590   1.952   1.00 14.42 ? 12   TYR A C   1 
ATOM   98  O  O   . TYR A 1 12  ? 12.342  8.733   1.987   1.00 15.46 ? 12   TYR A O   1 
ATOM   99  C  CB  . TYR A 1 12  ? 12.651  5.885   0.270   1.00 15.43 ? 12   TYR A CB  1 
ATOM   100 C  CG  . TYR A 1 12  ? 12.250  5.013   -0.900  1.00 17.00 ? 12   TYR A CG  1 
ATOM   101 C  CD1 . TYR A 1 12  ? 11.453  3.885   -0.711  1.00 18.77 ? 12   TYR A CD1 1 
ATOM   102 C  CD2 . TYR A 1 12  ? 12.614  5.353   -2.202  1.00 19.59 ? 12   TYR A CD2 1 
ATOM   103 C  CE1 . TYR A 1 12  ? 11.023  3.118   -1.792  1.00 21.08 ? 12   TYR A CE1 1 
ATOM   104 C  CE2 . TYR A 1 12  ? 12.189  4.593   -3.290  1.00 21.60 ? 12   TYR A CE2 1 
ATOM   105 C  CZ  . TYR A 1 12  ? 11.393  3.479   -3.077  1.00 21.61 ? 12   TYR A CZ  1 
ATOM   106 O  OH  . TYR A 1 12  ? 10.954  2.732   -4.146  1.00 24.94 ? 12   TYR A OH  1 
ATOM   107 N  N   . ASN A 1 13  ? 11.633  6.878   3.042   1.00 14.12 ? 13   ASN A N   1 
ATOM   108 C  CA  . ASN A 1 13  ? 11.859  7.388   4.389   1.00 15.19 ? 13   ASN A CA  1 
ATOM   109 C  C   . ASN A 1 13  ? 12.703  6.349   5.124   1.00 15.72 ? 13   ASN A C   1 
ATOM   110 O  O   . ASN A 1 13  ? 12.305  5.193   5.240   1.00 15.72 ? 13   ASN A O   1 
ATOM   111 C  CB  . ASN A 1 13  ? 10.508  7.565   5.091   1.00 15.54 ? 13   ASN A CB  1 
ATOM   112 C  CG  . ASN A 1 13  ? 10.632  8.200   6.459   1.00 16.31 ? 13   ASN A CG  1 
ATOM   113 O  OD1 . ASN A 1 13  ? 11.613  7.988   7.170   1.00 19.05 ? 13   ASN A OD1 1 
ATOM   114 N  ND2 . ASN A 1 13  ? 9.622   8.971   6.843   1.00 17.13 ? 13   ASN A ND2 1 
ATOM   115 N  N   . PRO A 1 14  ? 13.883  6.744   5.626   1.00 15.52 ? 14   PRO A N   1 
ATOM   116 C  CA  . PRO A 1 14  ? 14.741  5.790   6.339   1.00 17.32 ? 14   PRO A CA  1 
ATOM   117 C  C   . PRO A 1 14  ? 14.199  5.334   7.693   1.00 17.16 ? 14   PRO A C   1 
ATOM   118 O  O   . PRO A 1 14  ? 14.581  4.276   8.196   1.00 20.68 ? 14   PRO A O   1 
ATOM   119 C  CB  . PRO A 1 14  ? 16.061  6.550   6.467   1.00 19.07 ? 14   PRO A CB  1 
ATOM   120 C  CG  . PRO A 1 14  ? 15.610  7.967   6.594   1.00 19.67 ? 14   PRO A CG  1 
ATOM   121 C  CD  . PRO A 1 14  ? 14.523  8.070   5.544   1.00 16.68 ? 14   PRO A CD  1 
ATOM   122 N  N   . GLU A 1 15  ? 13.297  6.123   8.266   1.00 18.55 ? 15   GLU A N   1 
ATOM   123 C  CA  . GLU A 1 15  ? 12.733  5.841   9.594   1.00 20.68 ? 15   GLU A CA  1 
ATOM   124 C  C   . GLU A 1 15  ? 11.580  4.816   9.558   1.00 20.66 ? 15   GLU A C   1 
ATOM   125 O  O   . GLU A 1 15  ? 11.460  3.973   10.435  1.00 21.08 ? 15   GLU A O   1 
ATOM   126 C  CB  . GLU A 1 15  ? 12.244  7.155   10.220  1.00 22.89 ? 15   GLU A CB  1 
ATOM   127 C  CG  . GLU A 1 15  ? 11.629  6.957   11.611  1.00 27.01 ? 15   GLU A CG  1 
ATOM   128 C  CD  . GLU A 1 15  ? 12.721  6.833   12.661  1.00 29.44 ? 15   GLU A CD  1 
ATOM   129 O  OE1 . GLU A 1 15  ? 13.638  6.054   12.469  1.00 30.93 ? 15   GLU A OE1 1 
ATOM   130 O  OE2 . GLU A 1 15  ? 12.611  7.483   13.699  1.00 32.23 ? 15   GLU A OE2 1 
ATOM   131 N  N   . LYS A 1 16  ? 10.723  4.904   8.547   1.00 19.18 ? 16   LYS A N   1 
ATOM   132 C  CA  . LYS A 1 16  ? 9.578   4.009   8.441   1.00 18.61 ? 16   LYS A CA  1 
ATOM   133 C  C   . LYS A 1 16  ? 9.007   4.088   7.035   1.00 16.62 ? 16   LYS A C   1 
ATOM   134 O  O   . LYS A 1 16  ? 9.421   4.927   6.238   1.00 15.56 ? 16   LYS A O   1 
ATOM   135 C  CB  . LYS A 1 16  ? 8.499   4.430   9.438   1.00 20.82 ? 16   LYS A CB  1 
ATOM   136 C  CG  . LYS A 1 16  ? 7.961   5.833   9.188   1.00 24.80 ? 16   LYS A CG  1 
ATOM   137 C  CD  . LYS A 1 16  ? 6.840   6.188   10.149  1.00 29.29 ? 16   LYS A CD  1 
ATOM   138 C  CE  . LYS A 1 16  ? 6.268   7.561   9.835   1.00 31.48 ? 16   LYS A CE  1 
ATOM   139 N  NZ  . LYS A 1 16  ? 5.151   7.922   10.751  1.00 34.75 ? 16   LYS A NZ  1 
ATOM   140 N  N   . MET A 1 17  ? 8.055   3.215   6.732   1.00 14.62 ? 17   MET A N   1 
ATOM   141 C  CA  . MET A 1 17  ? 7.430   3.223   5.418   1.00 13.72 ? 17   MET A CA  1 
ATOM   142 C  C   . MET A 1 17  ? 6.852   4.601   5.119   1.00 12.90 ? 17   MET A C   1 
ATOM   143 O  O   . MET A 1 17  ? 6.207   5.214   5.969   1.00 14.86 ? 17   MET A O   1 
ATOM   144 C  CB  . MET A 1 17  ? 6.310   2.184   5.354   1.00 13.11 ? 17   MET A CB  1 
ATOM   145 C  CG  . MET A 1 17  ? 5.502   2.247   4.067   1.00 13.31 ? 17   MET A CG  1 
ATOM   146 S  SD  . MET A 1 17  ? 4.093   1.131   4.062   1.00 15.40 ? 17   MET A SD  1 
ATOM   147 C  CE  . MET A 1 17  ? 2.947   2.049   5.048   1.00 19.67 ? 17   MET A CE  1 
ATOM   148 N  N   . ALA A 1 18  ? 7.079   5.080   3.904   1.00 10.89 ? 18   ALA A N   1 
ATOM   149 C  CA  . ALA A 1 18  ? 6.560   6.376   3.502   1.00 11.91 ? 18   ALA A CA  1 
ATOM   150 C  C   . ALA A 1 18  ? 5.178   6.228   2.874   1.00 11.78 ? 18   ALA A C   1 
ATOM   151 O  O   . ALA A 1 18  ? 4.957   5.353   2.030   1.00 12.92 ? 18   ALA A O   1 
ATOM   152 C  CB  . ALA A 1 18  ? 7.511   7.035   2.508   1.00 12.85 ? 18   ALA A CB  1 
ATOM   153 N  N   . LYS A 1 19  ? 4.246   7.067   3.313   1.00 13.15 ? 19   LYS A N   1 
ATOM   154 C  CA  . LYS A 1 19  ? 2.894   7.086   2.774   1.00 14.32 ? 19   LYS A CA  1 
ATOM   155 C  C   . LYS A 1 19  ? 2.817   8.413   2.033   1.00 14.57 ? 19   LYS A C   1 
ATOM   156 O  O   . LYS A 1 19  ? 2.915   9.485   2.631   1.00 15.08 ? 19   LYS A O   1 
ATOM   157 C  CB  . LYS A 1 19  ? 1.858   7.017   3.897   1.00 18.07 ? 19   LYS A CB  1 
ATOM   158 C  CG  . LYS A 1 19  ? 1.865   5.684   4.637   1.00 22.42 ? 19   LYS A CG  1 
ATOM   159 C  CD  . LYS A 1 19  ? 0.772   5.602   5.698   1.00 26.68 ? 19   LYS A CD  1 
ATOM   160 C  CE  . LYS A 1 19  ? -0.620  5.591   5.084   1.00 29.96 ? 19   LYS A CE  1 
ATOM   161 N  NZ  . LYS A 1 19  ? -0.972  6.879   4.424   1.00 32.75 ? 19   LYS A NZ  1 
ATOM   162 N  N   . ILE A 1 20  ? 2.659   8.326   0.721   1.00 12.68 ? 20   ILE A N   1 
ATOM   163 C  CA  . ILE A 1 20  ? 2.636   9.499   -0.138  1.00 12.63 ? 20   ILE A CA  1 
ATOM   164 C  C   . ILE A 1 20  ? 1.249   9.753   -0.718  1.00 12.83 ? 20   ILE A C   1 
ATOM   165 O  O   . ILE A 1 20  ? 0.813   9.044   -1.619  1.00 12.94 ? 20   ILE A O   1 
ATOM   166 C  CB  . ILE A 1 20  ? 3.641   9.294   -1.291  1.00 13.31 ? 20   ILE A CB  1 
ATOM   167 C  CG1 . ILE A 1 20  ? 5.024   8.982   -0.709  1.00 14.27 ? 20   ILE A CG1 1 
ATOM   168 C  CG2 . ILE A 1 20  ? 3.677   10.518  -2.189  1.00 14.35 ? 20   ILE A CG2 1 
ATOM   169 C  CD1 . ILE A 1 20  ? 5.919   8.174   -1.631  1.00 15.24 ? 20   ILE A CD1 1 
ATOM   170 N  N   . PRO A 1 21  ? 0.530   10.765  -0.207  1.00 12.89 ? 21   PRO A N   1 
ATOM   171 C  CA  . PRO A 1 21  ? -0.808  11.057  -0.727  1.00 14.07 ? 21   PRO A CA  1 
ATOM   172 C  C   . PRO A 1 21  ? -0.752  11.595  -2.152  1.00 14.19 ? 21   PRO A C   1 
ATOM   173 O  O   . PRO A 1 21  ? 0.041   12.481  -2.457  1.00 16.99 ? 21   PRO A O   1 
ATOM   174 C  CB  . PRO A 1 21  ? -1.329  12.104  0.258   1.00 15.72 ? 21   PRO A CB  1 
ATOM   175 C  CG  A PRO A 1 21  ? -0.596  11.792  1.525   0.50 14.58 ? 21   PRO A CG  1 
ATOM   176 C  CG  B PRO A 1 21  ? -0.085  12.848  0.628   0.50 14.86 ? 21   PRO A CG  1 
ATOM   177 C  CD  A PRO A 1 21  ? 0.794   11.534  1.021   0.50 14.30 ? 21   PRO A CD  1 
ATOM   178 C  CD  B PRO A 1 21  ? 0.914   11.733  0.837   0.50 14.05 ? 21   PRO A CD  1 
ATOM   179 N  N   . VAL A 1 22  ? -1.581  11.039  -3.027  1.00 12.18 ? 22   VAL A N   1 
ATOM   180 C  CA  . VAL A 1 22  ? -1.640  11.492  -4.410  1.00 12.83 ? 22   VAL A CA  1 
ATOM   181 C  C   . VAL A 1 22  ? -2.908  12.335  -4.541  1.00 13.11 ? 22   VAL A C   1 
ATOM   182 O  O   . VAL A 1 22  ? -2.846  13.520  -4.873  1.00 14.90 ? 22   VAL A O   1 
ATOM   183 C  CB  . VAL A 1 22  ? -1.685  10.297  -5.390  1.00 12.18 ? 22   VAL A CB  1 
ATOM   184 C  CG1 . VAL A 1 22  ? -1.718  10.803  -6.827  1.00 12.81 ? 22   VAL A CG1 1 
ATOM   185 C  CG2 . VAL A 1 22  ? -0.466  9.404   -5.178  1.00 12.44 ? 22   VAL A CG2 1 
ATOM   186 N  N   . PHE A 1 23  ? -4.052  11.713  -4.268  1.00 12.88 ? 23   PHE A N   1 
ATOM   187 C  CA  . PHE A 1 23  ? -5.354  12.376  -4.302  1.00 15.15 ? 23   PHE A CA  1 
ATOM   188 C  C   . PHE A 1 23  ? -6.114  11.935  -3.058  1.00 17.50 ? 23   PHE A C   1 
ATOM   189 O  O   . PHE A 1 23  ? -5.874  10.848  -2.522  1.00 17.76 ? 23   PHE A O   1 
ATOM   190 C  CB  . PHE A 1 23  ? -6.183  11.954  -5.517  1.00 13.68 ? 23   PHE A CB  1 
ATOM   191 C  CG  . PHE A 1 23  ? -5.494  12.140  -6.836  1.00 12.46 ? 23   PHE A CG  1 
ATOM   192 C  CD1 . PHE A 1 23  ? -5.050  13.393  -7.249  1.00 12.09 ? 23   PHE A CD1 1 
ATOM   193 C  CD2 . PHE A 1 23  ? -5.312  11.050  -7.681  1.00 11.82 ? 23   PHE A CD2 1 
ATOM   194 C  CE1 . PHE A 1 23  ? -4.437  13.554  -8.491  1.00 12.84 ? 23   PHE A CE1 1 
ATOM   195 C  CE2 . PHE A 1 23  ? -4.703  11.199  -8.917  1.00 12.69 ? 23   PHE A CE2 1 
ATOM   196 C  CZ  . PHE A 1 23  ? -4.264  12.451  -9.326  1.00 12.90 ? 23   PHE A CZ  1 
ATOM   197 N  N   . GLN A 1 24  ? -7.045  12.765  -2.607  1.00 20.08 ? 24   GLN A N   1 
ATOM   198 C  CA  . GLN A 1 24  ? -7.834  12.412  -1.429  1.00 22.15 ? 24   GLN A CA  1 
ATOM   199 C  C   . GLN A 1 24  ? -9.172  13.130  -1.411  1.00 22.21 ? 24   GLN A C   1 
ATOM   200 O  O   . GLN A 1 24  ? -9.300  14.265  -1.847  1.00 23.91 ? 24   GLN A O   1 
ATOM   201 C  CB  . GLN A 1 24  ? -7.017  12.732  -0.159  1.00 24.89 ? 24   GLN A CB  1 
ATOM   202 C  CG  . GLN A 1 24  ? -6.798  14.240  0.111   1.00 29.63 ? 24   GLN A CG  1 
ATOM   203 C  CD  . GLN A 1 24  ? -5.801  14.815  -0.882  1.00 32.69 ? 24   GLN A CD  1 
ATOM   204 O  OE1 . GLN A 1 24  ? -6.150  15.374  -1.910  1.00 35.19 ? 24   GLN A OE1 1 
ATOM   205 N  NE2 . GLN A 1 24  ? -4.508  14.719  -0.500  1.00 34.53 ? 24   GLN A NE2 1 
ATOM   206 N  N   . SER A 1 25  ? -10.177 12.431  -0.901  1.00 21.54 ? 25   SER A N   1 
ATOM   207 C  CA  . SER A 1 25  ? -11.524 12.966  -0.778  1.00 21.21 ? 25   SER A CA  1 
ATOM   208 C  C   . SER A 1 25  ? -12.183 12.098  0.277   1.00 21.73 ? 25   SER A C   1 
ATOM   209 O  O   . SER A 1 25  ? -11.606 11.097  0.703   1.00 20.68 ? 25   SER A O   1 
ATOM   210 C  CB  . SER A 1 25  ? -12.286 12.848  -2.099  1.00 22.24 ? 25   SER A CB  1 
ATOM   211 O  OG  . SER A 1 25  ? -12.626 11.499  -2.373  1.00 23.48 ? 25   SER A OG  1 
ATOM   212 N  N   . GLU A 1 26  ? -13.381 12.472  0.708   1.00 21.92 ? 26   GLU A N   1 
ATOM   213 C  CA  . GLU A 1 26  ? -14.069 11.677  1.714   1.00 21.42 ? 26   GLU A CA  1 
ATOM   214 C  C   . GLU A 1 26  ? -14.397 10.308  1.132   1.00 20.48 ? 26   GLU A C   1 
ATOM   215 O  O   . GLU A 1 26  ? -14.605 9.339   1.867   1.00 20.74 ? 26   GLU A O   1 
ATOM   216 C  CB  . GLU A 1 26  ? -15.355 12.376  2.170   1.00 23.81 ? 26   GLU A CB  1 
ATOM   217 C  CG  . GLU A 1 26  ? -16.473 12.432  1.133   1.00 26.01 ? 26   GLU A CG  1 
ATOM   218 C  CD  . GLU A 1 26  ? -16.120 13.266  -0.085  0.00 26.35 ? 26   GLU A CD  1 
ATOM   219 O  OE1 . GLU A 1 26  ? -15.240 12.848  -0.865  0.00 26.82 ? 26   GLU A OE1 1 
ATOM   220 O  OE2 . GLU A 1 26  ? -16.727 14.343  -0.261  0.00 26.83 ? 26   GLU A OE2 1 
ATOM   221 N  N   . ARG A 1 27  ? -14.415 10.229  -0.195  1.00 19.40 ? 27   ARG A N   1 
ATOM   222 C  CA  . ARG A 1 27  ? -14.737 8.986   -0.875  1.00 18.06 ? 27   ARG A CA  1 
ATOM   223 C  C   . ARG A 1 27  ? -13.580 8.011   -1.041  1.00 15.93 ? 27   ARG A C   1 
ATOM   224 O  O   . ARG A 1 27  ? -13.806 6.812   -1.173  1.00 16.47 ? 27   ARG A O   1 
ATOM   225 C  CB  . ARG A 1 27  ? -15.371 9.286   -2.234  1.00 19.83 ? 27   ARG A CB  1 
ATOM   226 C  CG  . ARG A 1 27  ? -16.839 9.683   -2.129  1.00 24.51 ? 27   ARG A CG  1 
ATOM   227 C  CD  . ARG A 1 27  ? -17.379 10.199  -3.447  1.00 27.72 ? 27   ARG A CD  1 
ATOM   228 N  NE  . ARG A 1 27  ? -16.938 11.563  -3.711  1.00 33.36 ? 27   ARG A NE  1 
ATOM   229 C  CZ  . ARG A 1 27  ? -17.307 12.618  -2.992  1.00 35.35 ? 27   ARG A CZ  1 
ATOM   230 N  NH1 . ARG A 1 27  ? -18.129 12.467  -1.963  1.00 37.34 ? 27   ARG A NH1 1 
ATOM   231 N  NH2 . ARG A 1 27  ? -16.853 13.825  -3.300  1.00 37.31 ? 27   ARG A NH2 1 
ATOM   232 N  N   . MET A 1 28  ? -12.346 8.501   -1.036  1.00 15.14 ? 28   MET A N   1 
ATOM   233 C  CA  . MET A 1 28  ? -11.215 7.589   -1.179  1.00 16.66 ? 28   MET A CA  1 
ATOM   234 C  C   . MET A 1 28  ? -9.854  8.206   -0.929  1.00 15.97 ? 28   MET A C   1 
ATOM   235 O  O   . MET A 1 28  ? -9.667  9.419   -1.030  1.00 17.01 ? 28   MET A O   1 
ATOM   236 C  CB  . MET A 1 28  ? -11.188 6.967   -2.584  1.00 18.99 ? 28   MET A CB  1 
ATOM   237 C  CG  . MET A 1 28  ? -10.595 7.884   -3.662  1.00 20.43 ? 28   MET A CG  1 
ATOM   238 S  SD  . MET A 1 28  ? -10.119 7.064   -5.229  1.00 24.05 ? 28   MET A SD  1 
ATOM   239 C  CE  . MET A 1 28  ? -11.617 7.278   -6.176  1.00 22.04 ? 28   MET A CE  1 
ATOM   240 N  N   . LEU A 1 29  ? -8.908  7.340   -0.590  1.00 15.75 ? 29   LEU A N   1 
ATOM   241 C  CA  . LEU A 1 29  ? -7.524  7.728   -0.391  1.00 15.02 ? 29   LEU A CA  1 
ATOM   242 C  C   . LEU A 1 29  ? -6.804  7.039   -1.542  1.00 13.28 ? 29   LEU A C   1 
ATOM   243 O  O   . LEU A 1 29  ? -7.012  5.851   -1.790  1.00 13.50 ? 29   LEU A O   1 
ATOM   244 C  CB  . LEU A 1 29  ? -6.975  7.208   0.938   1.00 16.62 ? 29   LEU A CB  1 
ATOM   245 C  CG  . LEU A 1 29  ? -7.526  7.829   2.222   1.00 19.68 ? 29   LEU A CG  1 
ATOM   246 C  CD1 . LEU A 1 29  ? -6.785  7.239   3.409   1.00 22.37 ? 29   LEU A CD1 1 
ATOM   247 C  CD2 . LEU A 1 29  ? -7.359  9.344   2.189   1.00 22.09 ? 29   LEU A CD2 1 
ATOM   248 N  N   . TYR A 1 30  ? -5.988  7.794   -2.262  1.00 11.87 ? 30   TYR A N   1 
ATOM   249 C  CA  . TYR A 1 30  ? -5.236  7.266   -3.396  1.00 10.14 ? 30   TYR A CA  1 
ATOM   250 C  C   . TYR A 1 30  ? -3.802  7.616   -3.031  1.00 10.47 ? 30   TYR A C   1 
ATOM   251 O  O   . TYR A 1 30  ? -3.377  8.767   -3.173  1.00 10.26 ? 30   TYR A O   1 
ATOM   252 C  CB  . TYR A 1 30  ? -5.677  7.983   -4.675  1.00 11.44 ? 30   TYR A CB  1 
ATOM   253 C  CG  . TYR A 1 30  ? -5.344  7.264   -5.963  1.00 10.63 ? 30   TYR A CG  1 
ATOM   254 C  CD1 . TYR A 1 30  ? -6.213  6.312   -6.508  1.00 10.63 ? 30   TYR A CD1 1 
ATOM   255 C  CD2 . TYR A 1 30  ? -4.173  7.557   -6.654  1.00 11.48 ? 30   TYR A CD2 1 
ATOM   256 C  CE1 . TYR A 1 30  ? -5.916  5.677   -7.720  1.00 10.57 ? 30   TYR A CE1 1 
ATOM   257 C  CE2 . TYR A 1 30  ? -3.870  6.933   -7.858  1.00 11.67 ? 30   TYR A CE2 1 
ATOM   258 C  CZ  . TYR A 1 30  ? -4.745  5.998   -8.388  1.00 10.84 ? 30   TYR A CZ  1 
ATOM   259 O  OH  . TYR A 1 30  ? -4.443  5.415   -9.598  1.00 11.40 ? 30   TYR A OH  1 
ATOM   260 N  N   . ASP A 1 31  ? -3.066  6.620   -2.541  1.00 9.62  ? 31   ASP A N   1 
ATOM   261 C  CA  . ASP A 1 31  ? -1.699  6.823   -2.071  1.00 10.47 ? 31   ASP A CA  1 
ATOM   262 C  C   . ASP A 1 31  ? -0.650  5.928   -2.692  1.00 10.88 ? 31   ASP A C   1 
ATOM   263 O  O   . ASP A 1 31  ? -0.954  4.930   -3.343  1.00 10.88 ? 31   ASP A O   1 
ATOM   264 C  CB  . ASP A 1 31  ? -1.614  6.557   -0.561  1.00 12.60 ? 31   ASP A CB  1 
ATOM   265 C  CG  . ASP A 1 31  ? -2.639  7.318   0.239   1.00 15.91 ? 31   ASP A CG  1 
ATOM   266 O  OD1 . ASP A 1 31  ? -2.777  8.532   0.019   1.00 15.92 ? 31   ASP A OD1 1 
ATOM   267 O  OD2 . ASP A 1 31  ? -3.295  6.697   1.107   1.00 19.93 ? 31   ASP A OD2 1 
ATOM   268 N  N   . LEU A 1 32  ? 0.602   6.299   -2.452  1.00 11.25 ? 32   LEU A N   1 
ATOM   269 C  CA  . LEU A 1 32  ? 1.738   5.497   -2.860  1.00 11.34 ? 32   LEU A CA  1 
ATOM   270 C  C   . LEU A 1 32  ? 2.386   5.089   -1.540  1.00 12.10 ? 32   LEU A C   1 
ATOM   271 O  O   . LEU A 1 32  ? 2.510   5.913   -0.630  1.00 13.82 ? 32   LEU A O   1 
ATOM   272 C  CB  . LEU A 1 32  ? 2.761   6.307   -3.660  1.00 13.52 ? 32   LEU A CB  1 
ATOM   273 C  CG  . LEU A 1 32  ? 2.447   6.737   -5.089  1.00 15.03 ? 32   LEU A CG  1 
ATOM   274 C  CD1 . LEU A 1 32  ? 3.636   7.520   -5.636  1.00 17.81 ? 32   LEU A CD1 1 
ATOM   275 C  CD2 . LEU A 1 32  ? 2.167   5.517   -5.957  1.00 18.21 ? 32   LEU A CD2 1 
ATOM   276 N  N   . TYR A 1 33  ? 2.756   3.821   -1.412  1.00 10.89 ? 33   TYR A N   1 
ATOM   277 C  CA  . TYR A 1 33  ? 3.456   3.362   -0.215  1.00 10.97 ? 33   TYR A CA  1 
ATOM   278 C  C   . TYR A 1 33  ? 4.846   3.004   -0.713  1.00 11.65 ? 33   TYR A C   1 
ATOM   279 O  O   . TYR A 1 33  ? 4.986   2.239   -1.667  1.00 12.65 ? 33   TYR A O   1 
ATOM   280 C  CB  . TYR A 1 33  ? 2.826   2.104   0.388   1.00 11.03 ? 33   TYR A CB  1 
ATOM   281 C  CG  . TYR A 1 33  ? 1.563   2.296   1.199   1.00 11.75 ? 33   TYR A CG  1 
ATOM   282 C  CD1 . TYR A 1 33  ? 1.065   1.245   1.969   1.00 11.74 ? 33   TYR A CD1 1 
ATOM   283 C  CD2 . TYR A 1 33  ? 0.843   3.496   1.178   1.00 12.73 ? 33   TYR A CD2 1 
ATOM   284 C  CE1 . TYR A 1 33  ? -0.116  1.371   2.694   1.00 12.59 ? 33   TYR A CE1 1 
ATOM   285 C  CE2 . TYR A 1 33  ? -0.349  3.633   1.905   1.00 14.30 ? 33   TYR A CE2 1 
ATOM   286 C  CZ  . TYR A 1 33  ? -0.818  2.562   2.659   1.00 13.96 ? 33   TYR A CZ  1 
ATOM   287 O  OH  . TYR A 1 33  ? -1.996  2.664   3.367   1.00 16.05 ? 33   TYR A OH  1 
ATOM   288 N  N   . ALA A 1 34  ? 5.872   3.564   -0.084  1.00 10.50 ? 34   ALA A N   1 
ATOM   289 C  CA  . ALA A 1 34  ? 7.250   3.291   -0.471  1.00 10.69 ? 34   ALA A CA  1 
ATOM   290 C  C   . ALA A 1 34  ? 7.913   2.584   0.699   1.00 11.02 ? 34   ALA A C   1 
ATOM   291 O  O   . ALA A 1 34  ? 8.066   3.159   1.781   1.00 10.99 ? 34   ALA A O   1 
ATOM   292 C  CB  . ALA A 1 34  ? 7.977   4.594   -0.795  1.00 11.08 ? 34   ALA A CB  1 
ATOM   293 N  N   . LEU A 1 35  ? 8.299   1.332   0.473   1.00 10.52 ? 35   LEU A N   1 
ATOM   294 C  CA  . LEU A 1 35  ? 8.908   0.515   1.513   1.00 11.55 ? 35   LEU A CA  1 
ATOM   295 C  C   . LEU A 1 35  ? 10.341  0.102   1.235   1.00 10.90 ? 35   LEU A C   1 
ATOM   296 O  O   . LEU A 1 35  ? 10.635  -0.531  0.223   1.00 11.44 ? 35   LEU A O   1 
ATOM   297 C  CB  . LEU A 1 35  ? 8.092   -0.767  1.737   1.00 12.23 ? 35   LEU A CB  1 
ATOM   298 C  CG  . LEU A 1 35  ? 6.624   -0.697  2.161   1.00 12.35 ? 35   LEU A CG  1 
ATOM   299 C  CD1 . LEU A 1 35  ? 5.743   -0.359  0.967   1.00 15.87 ? 35   LEU A CD1 1 
ATOM   300 C  CD2 . LEU A 1 35  ? 6.212   -2.048  2.737   1.00 15.53 ? 35   LEU A CD2 1 
ATOM   301 N  N   . LEU A 1 36  ? 11.242  0.478   2.135   1.00 12.20 ? 36   LEU A N   1 
ATOM   302 C  CA  . LEU A 1 36  ? 12.631  0.068   2.006   1.00 13.55 ? 36   LEU A CA  1 
ATOM   303 C  C   . LEU A 1 36  ? 12.647  -1.340  2.603   1.00 14.51 ? 36   LEU A C   1 
ATOM   304 O  O   . LEU A 1 36  ? 11.706  -1.736  3.298   1.00 13.44 ? 36   LEU A O   1 
ATOM   305 C  CB  . LEU A 1 36  ? 13.544  0.992   2.819   1.00 14.94 ? 36   LEU A CB  1 
ATOM   306 C  CG  . LEU A 1 36  ? 13.685  2.436   2.326   1.00 15.03 ? 36   LEU A CG  1 
ATOM   307 C  CD1 . LEU A 1 36  ? 14.509  3.243   3.322   1.00 16.99 ? 36   LEU A CD1 1 
ATOM   308 C  CD2 . LEU A 1 36  ? 14.342  2.448   0.953   1.00 15.80 ? 36   LEU A CD2 1 
ATOM   309 N  N   . PRO A 1 37  ? 13.699  -2.124  2.326   1.00 15.51 ? 37   PRO A N   1 
ATOM   310 C  CA  . PRO A 1 37  ? 13.772  -3.479  2.876   1.00 16.25 ? 37   PRO A CA  1 
ATOM   311 C  C   . PRO A 1 37  ? 13.566  -3.471  4.390   1.00 17.02 ? 37   PRO A C   1 
ATOM   312 O  O   . PRO A 1 37  ? 14.171  -2.667  5.101   1.00 16.93 ? 37   PRO A O   1 
ATOM   313 C  CB  . PRO A 1 37  ? 15.176  -3.926  2.488   1.00 17.19 ? 37   PRO A CB  1 
ATOM   314 C  CG  . PRO A 1 37  ? 15.375  -3.260  1.175   1.00 17.65 ? 37   PRO A CG  1 
ATOM   315 C  CD  . PRO A 1 37  ? 14.827  -1.867  1.412   1.00 17.60 ? 37   PRO A CD  1 
ATOM   316 N  N   . GLY A 1 38  ? 12.698  -4.355  4.875   1.00 17.04 ? 38   GLY A N   1 
ATOM   317 C  CA  . GLY A 1 38  ? 12.436  -4.437  6.300   1.00 17.41 ? 38   GLY A CA  1 
ATOM   318 C  C   . GLY A 1 38  ? 11.289  -3.576  6.796   1.00 16.97 ? 38   GLY A C   1 
ATOM   319 O  O   . GLY A 1 38  ? 10.818  -3.754  7.920   1.00 19.74 ? 38   GLY A O   1 
ATOM   320 N  N   . GLN A 1 39  ? 10.830  -2.639  5.973   1.00 14.58 ? 39   GLN A N   1 
ATOM   321 C  CA  . GLN A 1 39  ? 9.735   -1.775  6.385   1.00 13.43 ? 39   GLN A CA  1 
ATOM   322 C  C   . GLN A 1 39  ? 8.389   -2.439  6.135   1.00 13.46 ? 39   GLN A C   1 
ATOM   323 O  O   . GLN A 1 39  ? 8.295   -3.423  5.391   1.00 12.79 ? 39   GLN A O   1 
ATOM   324 C  CB  . GLN A 1 39  ? 9.826   -0.428  5.666   1.00 12.73 ? 39   GLN A CB  1 
ATOM   325 C  CG  . GLN A 1 39  ? 11.119  0.310   5.987   1.00 13.57 ? 39   GLN A CG  1 
ATOM   326 C  CD  . GLN A 1 39  ? 11.112  1.741   5.507   1.00 13.47 ? 39   GLN A CD  1 
ATOM   327 O  OE1 . GLN A 1 39  ? 10.588  2.046   4.437   1.00 12.88 ? 39   GLN A OE1 1 
ATOM   328 N  NE2 . GLN A 1 39  ? 11.716  2.631   6.289   1.00 14.72 ? 39   GLN A NE2 1 
ATOM   329 N  N   . ALA A 1 40  ? 7.348   -1.903  6.757   1.00 12.19 ? 40   ALA A N   1 
ATOM   330 C  CA  . ALA A 1 40  ? 6.030   -2.494  6.616   1.00 13.30 ? 40   ALA A CA  1 
ATOM   331 C  C   . ALA A 1 40  ? 4.904   -1.617  7.124   1.00 13.07 ? 40   ALA A C   1 
ATOM   332 O  O   . ALA A 1 40  ? 5.127   -0.634  7.837   1.00 14.38 ? 40   ALA A O   1 
ATOM   333 C  CB  . ALA A 1 40  ? 5.999   -3.826  7.372   1.00 16.58 ? 40   ALA A CB  1 
ATOM   334 N  N   . GLN A 1 41  ? 3.689   -1.970  6.720   1.00 12.18 ? 41   GLN A N   1 
ATOM   335 C  CA  . GLN A 1 41  ? 2.520   -1.358  7.233   1.00 11.75 ? 41   GLN A CA  1 
ATOM   336 C  C   . GLN A 1 41  ? 1.998   -2.342  8.203   1.00 10.99 ? 41   GLN A C   1 
ATOM   337 O  O   . GLN A 1 41  ? 1.673   -3.475  7.876   1.00 11.46 ? 41   GLN A O   1 
ATOM   338 C  CB  . GLN A 1 41  ? 1.499   -1.176  6.109   1.00 12.73 ? 41   GLN A CB  1 
ATOM   339 C  CG  A GLN A 1 41  ? 0.142   -0.560  6.697   0.50 13.50 ? 41   GLN A CG  1 
ATOM   340 C  CG  B GLN A 1 41  ? 0.168   -0.631  6.636   0.50 15.06 ? 41   GLN A CG  1 
ATOM   341 C  CD  A GLN A 1 41  ? -0.824  -0.153  5.606   0.50 14.09 ? 41   GLN A CD  1 
ATOM   342 C  CD  B GLN A 1 41  ? -0.988  -1.317  5.945   0.50 16.03 ? 41   GLN A CD  1 
ATOM   343 O  OE1 A GLN A 1 41  ? -1.274  -0.944  4.789   0.50 14.91 ? 41   GLN A OE1 1 
ATOM   344 O  OE1 B GLN A 1 41  ? -1.698  -2.147  6.498   0.50 17.52 ? 41   GLN A OE1 1 
ATOM   345 N  NE2 A GLN A 1 41  ? -1.188  1.144   5.646   0.50 14.93 ? 41   GLN A NE2 1 
ATOM   346 N  NE2 B GLN A 1 41  ? -1.230  -0.856  4.703   0.50 17.77 ? 41   GLN A NE2 1 
ATOM   347 N  N   . LYS A 1 42  ? 1.949   -1.977  9.479   0.50 6.19  ? 42   LYS A N   1 
ATOM   348 C  CA  . LYS A 1 42  ? 1.499   -2.907  10.508  0.50 6.82  ? 42   LYS A CA  1 
ATOM   349 C  C   . LYS A 1 42  ? 0.092   -3.390  10.205  0.50 6.39  ? 42   LYS A C   1 
ATOM   350 O  O   . LYS A 1 42  ? -0.702  -2.684  9.584   0.50 6.19  ? 42   LYS A O   1 
ATOM   351 C  CB  . LYS A 1 42  ? 1.518   -2.246  11.890  0.50 8.97  ? 42   LYS A CB  1 
ATOM   352 C  CG  A LYS A 1 42  ? 2.848   -1.643  12.298  0.50 12.23 ? 42   LYS A CG  1 
ATOM   353 C  CG  B LYS A 1 42  ? 0.596   -1.055  12.037  0.50 10.89 ? 42   LYS A CG  1 
ATOM   354 C  CD  A LYS A 1 42  ? 2.752   -1.028  13.689  0.50 14.57 ? 42   LYS A CD  1 
ATOM   355 C  CD  B LYS A 1 42  ? 0.685   -0.461  13.438  0.50 14.82 ? 42   LYS A CD  1 
ATOM   356 C  CE  A LYS A 1 42  ? 4.048   -0.351  14.093  0.50 16.15 ? 42   LYS A CE  1 
ATOM   357 C  CE  B LYS A 1 42  ? 2.095   0.019   13.753  0.50 15.80 ? 42   LYS A CE  1 
ATOM   358 N  NZ  A LYS A 1 42  ? 4.389   0.770   13.173  0.50 17.55 ? 42   LYS A NZ  1 
ATOM   359 N  NZ  B LYS A 1 42  ? 2.528   1.111   12.835  0.50 17.79 ? 42   LYS A NZ  1 
ATOM   360 N  N   . VAL A 1 43  ? -0.209  -4.603  10.652  1.00 10.03 ? 43   VAL A N   1 
ATOM   361 C  CA  . VAL A 1 43  ? -1.520  -5.187  10.436  1.00 11.90 ? 43   VAL A CA  1 
ATOM   362 C  C   . VAL A 1 43  ? -2.578  -4.365  11.150  1.00 12.91 ? 43   VAL A C   1 
ATOM   363 O  O   . VAL A 1 43  ? -2.405  -3.980  12.307  1.00 13.18 ? 43   VAL A O   1 
ATOM   364 C  CB  . VAL A 1 43  ? -1.570  -6.631  10.963  1.00 11.48 ? 43   VAL A CB  1 
ATOM   365 C  CG1 . VAL A 1 43  ? -2.974  -7.200  10.812  1.00 12.64 ? 43   VAL A CG1 1 
ATOM   366 C  CG2 . VAL A 1 43  ? -0.564  -7.482  10.209  1.00 13.37 ? 43   VAL A CG2 1 
ATOM   367 N  N   . HIS A 1 44  ? -3.672  -4.085  10.457  1.00 13.34 ? 44   HIS A N   1 
ATOM   368 C  CA  . HIS A 1 44  ? -4.748  -3.390  11.119  1.00 15.02 ? 44   HIS A CA  1 
ATOM   369 C  C   . HIS A 1 44  ? -6.077  -3.660  10.422  1.00 13.92 ? 44   HIS A C   1 
ATOM   370 O  O   . HIS A 1 44  ? -6.148  -4.363  9.422   1.00 12.56 ? 44   HIS A O   1 
ATOM   371 C  CB  . HIS A 1 44  ? -4.415  -1.899  11.076  1.00 19.11 ? 44   HIS A CB  1 
ATOM   372 C  CG  . HIS A 1 44  ? -4.408  -1.426  9.646   1.00 20.14 ? 44   HIS A CG  1 
ATOM   373 N  ND1 . HIS A 1 44  ? -5.351  -0.596  9.137   1.00 24.63 ? 44   HIS A ND1 1 
ATOM   374 C  CD2 . HIS A 1 44  ? -3.445  -1.656  8.652   1.00 21.56 ? 44   HIS A CD2 1 
ATOM   375 C  CE1 . HIS A 1 44  ? -4.963  -0.325  7.879   1.00 23.39 ? 44   HIS A CE1 1 
ATOM   376 N  NE2 . HIS A 1 44  ? -3.825  -0.946  7.559   1.00 25.00 ? 44   HIS A NE2 1 
ATOM   377 N  N   . VAL A 1 45  ? -7.142  -3.163  11.034  1.00 13.74 ? 45   VAL A N   1 
ATOM   378 C  CA  . VAL A 1 45  ? -8.489  -3.399  10.551  1.00 15.26 ? 45   VAL A CA  1 
ATOM   379 C  C   . VAL A 1 45  ? -9.221  -2.085  10.336  1.00 17.19 ? 45   VAL A C   1 
ATOM   380 O  O   . VAL A 1 45  ? -9.182  -1.196  11.188  1.00 17.33 ? 45   VAL A O   1 
ATOM   381 C  CB  . VAL A 1 45  ? -9.307  -4.243  11.563  1.00 16.56 ? 45   VAL A CB  1 
ATOM   382 C  CG1 . VAL A 1 45  ? -10.759 -4.333  11.116  1.00 17.15 ? 45   VAL A CG1 1 
ATOM   383 C  CG2 . VAL A 1 45  ? -8.712  -5.632  11.689  1.00 16.05 ? 45   VAL A CG2 1 
ATOM   384 N  N   . HIS A 1 46  ? -9.866  -1.961  9.180   1.00 17.21 ? 46   HIS A N   1 
ATOM   385 C  CA  . HIS A 1 46  ? -10.663 -0.782  8.865   1.00 19.75 ? 46   HIS A CA  1 
ATOM   386 C  C   . HIS A 1 46  ? -12.103 -1.246  9.010   1.00 21.34 ? 46   HIS A C   1 
ATOM   387 O  O   . HIS A 1 46  ? -12.545 -2.135  8.283   1.00 22.61 ? 46   HIS A O   1 
ATOM   388 C  CB  . HIS A 1 46  ? -10.432 -0.311  7.428   1.00 20.63 ? 46   HIS A CB  1 
ATOM   389 C  CG  . HIS A 1 46  ? -9.123  0.380   7.217   1.00 24.01 ? 46   HIS A CG  1 
ATOM   390 N  ND1 . HIS A 1 46  ? -8.730  1.473   7.959   1.00 25.27 ? 46   HIS A ND1 1 
ATOM   391 C  CD2 . HIS A 1 46  ? -8.129  0.153   6.325   1.00 25.63 ? 46   HIS A CD2 1 
ATOM   392 C  CE1 . HIS A 1 46  ? -7.550  1.888   7.535   1.00 25.83 ? 46   HIS A CE1 1 
ATOM   393 N  NE2 . HIS A 1 46  ? -7.164  1.105   6.544   1.00 26.51 ? 46   HIS A NE2 1 
ATOM   394 N  N   . GLU A 1 47  ? -12.830 -0.651  9.949   1.00 22.36 ? 47   GLU A N   1 
ATOM   395 C  CA  . GLU A 1 47  ? -14.217 -1.026  10.196  1.00 23.74 ? 47   GLU A CA  1 
ATOM   396 C  C   . GLU A 1 47  ? -15.126 -0.934  8.974   1.00 23.19 ? 47   GLU A C   1 
ATOM   397 O  O   . GLU A 1 47  ? -15.954 -1.818  8.747   1.00 24.87 ? 47   GLU A O   1 
ATOM   398 C  CB  . GLU A 1 47  ? -14.797 -0.169  11.326  1.00 25.36 ? 47   GLU A CB  1 
ATOM   399 C  CG  . GLU A 1 47  ? -14.779 1.328   11.050  1.00 25.97 ? 47   GLU A CG  1 
ATOM   400 C  CD  . GLU A 1 47  ? -15.378 2.137   12.183  0.00 25.69 ? 47   GLU A CD  1 
ATOM   401 O  OE1 . GLU A 1 47  ? -16.568 1.925   12.503  0.00 25.71 ? 47   GLU A OE1 1 
ATOM   402 O  OE2 . GLU A 1 47  ? -14.662 2.985   12.754  0.00 25.71 ? 47   GLU A OE2 1 
ATOM   403 N  N   . GLY A 1 48  ? -14.980 0.126   8.185   1.00 21.19 ? 48   GLY A N   1 
ATOM   404 C  CA  . GLY A 1 48  ? -15.843 0.275   7.027   1.00 20.54 ? 48   GLY A CA  1 
ATOM   405 C  C   . GLY A 1 48  ? -15.188 0.722   5.737   1.00 19.72 ? 48   GLY A C   1 
ATOM   406 O  O   . GLY A 1 48  ? -15.818 1.396   4.926   1.00 20.85 ? 48   GLY A O   1 
ATOM   407 N  N   . SER A 1 49  ? -13.929 0.352   5.537   1.00 17.69 ? 49   SER A N   1 
ATOM   408 C  CA  . SER A 1 49  ? -13.223 0.727   4.317   1.00 16.52 ? 49   SER A CA  1 
ATOM   409 C  C   . SER A 1 49  ? -12.548 -0.479  3.683   1.00 16.10 ? 49   SER A C   1 
ATOM   410 O  O   . SER A 1 49  ? -12.009 -1.333  4.384   1.00 16.64 ? 49   SER A O   1 
ATOM   411 C  CB  . SER A 1 49  ? -12.154 1.785   4.609   1.00 16.87 ? 49   SER A CB  1 
ATOM   412 O  OG  . SER A 1 49  ? -12.719 3.002   5.064   1.00 17.92 ? 49   SER A OG  1 
ATOM   413 N  N   . ASP A 1 50  ? -12.597 -0.553  2.356   1.00 15.00 ? 50   ASP A N   1 
ATOM   414 C  CA  . ASP A 1 50  ? -11.933 -1.630  1.634   1.00 14.19 ? 50   ASP A CA  1 
ATOM   415 C  C   . ASP A 1 50  ? -10.607 -1.046  1.168   1.00 13.54 ? 50   ASP A C   1 
ATOM   416 O  O   . ASP A 1 50  ? -10.491 0.162   0.973   1.00 13.68 ? 50   ASP A O   1 
ATOM   417 C  CB  . ASP A 1 50  ? -12.738 -2.076  0.407   1.00 16.53 ? 50   ASP A CB  1 
ATOM   418 C  CG  . ASP A 1 50  ? -14.028 -2.785  0.770   1.00 18.50 ? 50   ASP A CG  1 
ATOM   419 O  OD1 . ASP A 1 50  ? -14.065 -3.480  1.803   1.00 19.47 ? 50   ASP A OD1 1 
ATOM   420 O  OD2 . ASP A 1 50  ? -15.004 -2.661  0.004   1.00 23.75 ? 50   ASP A OD2 1 
ATOM   421 N  N   . LYS A 1 51  ? -9.605  -1.899  0.998   1.00 12.50 ? 51   LYS A N   1 
ATOM   422 C  CA  . LYS A 1 51  ? -8.306  -1.434  0.539   1.00 12.65 ? 51   LYS A CA  1 
ATOM   423 C  C   . LYS A 1 51  ? -7.746  -2.375  -0.515  1.00 12.17 ? 51   LYS A C   1 
ATOM   424 O  O   . LYS A 1 51  ? -7.951  -3.585  -0.452  1.00 11.93 ? 51   LYS A O   1 
ATOM   425 C  CB  . LYS A 1 51  ? -7.324  -1.331  1.715   1.00 14.31 ? 51   LYS A CB  1 
ATOM   426 C  CG  A LYS A 1 51  ? -5.933  -0.868  1.306   0.50 14.40 ? 51   LYS A CG  1 
ATOM   427 C  CG  B LYS A 1 51  ? -5.903  -0.956  1.307   0.50 15.28 ? 51   LYS A CG  1 
ATOM   428 C  CD  A LYS A 1 51  ? -4.955  -0.919  2.466   0.50 17.12 ? 51   LYS A CD  1 
ATOM   429 C  CD  B LYS A 1 51  ? -4.960  -0.863  2.502   0.50 18.32 ? 51   LYS A CD  1 
ATOM   430 C  CE  A LYS A 1 51  ? -5.333  0.067   3.550   0.50 17.59 ? 51   LYS A CE  1 
ATOM   431 C  CE  B LYS A 1 51  ? -5.084  0.469   3.225   0.50 18.42 ? 51   LYS A CE  1 
ATOM   432 N  NZ  A LYS A 1 51  ? -4.376  0.005   4.686   0.50 16.42 ? 51   LYS A NZ  1 
ATOM   433 N  NZ  B LYS A 1 51  ? -6.450  0.708   3.762   0.50 21.39 ? 51   LYS A NZ  1 
ATOM   434 N  N   . VAL A 1 52  ? -7.061  -1.810  -1.500  1.00 11.22 ? 52   VAL A N   1 
ATOM   435 C  CA  . VAL A 1 52  ? -6.435  -2.608  -2.545  1.00 10.62 ? 52   VAL A CA  1 
ATOM   436 C  C   . VAL A 1 52  ? -4.983  -2.176  -2.703  1.00 9.46  ? 52   VAL A C   1 
ATOM   437 O  O   . VAL A 1 52  ? -4.689  -0.981  -2.826  1.00 10.26 ? 52   VAL A O   1 
ATOM   438 C  CB  . VAL A 1 52  ? -7.134  -2.446  -3.916  1.00 10.02 ? 52   VAL A CB  1 
ATOM   439 C  CG1 . VAL A 1 52  ? -6.399  -3.267  -4.974  1.00 11.70 ? 52   VAL A CG1 1 
ATOM   440 C  CG2 . VAL A 1 52  ? -8.583  -2.893  -3.823  1.00 12.49 ? 52   VAL A CG2 1 
ATOM   441 N  N   . TYR A 1 53  ? -4.082  -3.153  -2.673  1.00 9.26  ? 53   TYR A N   1 
ATOM   442 C  CA  . TYR A 1 53  ? -2.649  -2.922  -2.851  1.00 10.06 ? 53   TYR A CA  1 
ATOM   443 C  C   . TYR A 1 53  ? -2.286  -3.355  -4.267  1.00 9.66  ? 53   TYR A C   1 
ATOM   444 O  O   . TYR A 1 53  ? -2.679  -4.442  -4.697  1.00 9.88  ? 53   TYR A O   1 
ATOM   445 C  CB  . TYR A 1 53  ? -1.822  -3.794  -1.905  1.00 10.66 ? 53   TYR A CB  1 
ATOM   446 C  CG  . TYR A 1 53  ? -1.989  -3.535  -0.429  1.00 11.33 ? 53   TYR A CG  1 
ATOM   447 C  CD1 . TYR A 1 53  ? -1.350  -2.462  0.194   1.00 11.21 ? 53   TYR A CD1 1 
ATOM   448 C  CD2 . TYR A 1 53  ? -2.726  -4.412  0.362   1.00 13.54 ? 53   TYR A CD2 1 
ATOM   449 C  CE1 . TYR A 1 53  ? -1.435  -2.278  1.572   1.00 11.75 ? 53   TYR A CE1 1 
ATOM   450 C  CE2 . TYR A 1 53  ? -2.820  -4.236  1.736   1.00 14.40 ? 53   TYR A CE2 1 
ATOM   451 C  CZ  . TYR A 1 53  ? -2.170  -3.174  2.334   1.00 13.34 ? 53   TYR A CZ  1 
ATOM   452 O  OH  . TYR A 1 53  ? -2.233  -3.029  3.702   1.00 15.58 ? 53   TYR A OH  1 
ATOM   453 N  N   . TYR A 1 54  ? -1.540  -2.523  -4.986  1.00 8.79  ? 54   TYR A N   1 
ATOM   454 C  CA  . TYR A 1 54  ? -1.087  -2.858  -6.336  1.00 9.17  ? 54   TYR A CA  1 
ATOM   455 C  C   . TYR A 1 54  ? 0.422   -2.622  -6.368  1.00 8.90  ? 54   TYR A C   1 
ATOM   456 O  O   . TYR A 1 54  ? 0.894   -1.544  -6.001  1.00 8.83  ? 54   TYR A O   1 
ATOM   457 C  CB  . TYR A 1 54  ? -1.770  -1.979  -7.385  1.00 9.77  ? 54   TYR A CB  1 
ATOM   458 C  CG  . TYR A 1 54  ? -1.216  -2.179  -8.782  1.00 9.72  ? 54   TYR A CG  1 
ATOM   459 C  CD1 . TYR A 1 54  ? -1.494  -3.337  -9.506  1.00 11.28 ? 54   TYR A CD1 1 
ATOM   460 C  CD2 . TYR A 1 54  ? -0.384  -1.223  -9.367  1.00 12.30 ? 54   TYR A CD2 1 
ATOM   461 C  CE1 . TYR A 1 54  ? -0.956  -3.540  -10.779 1.00 11.85 ? 54   TYR A CE1 1 
ATOM   462 C  CE2 . TYR A 1 54  ? 0.158   -1.416  -10.637 1.00 13.34 ? 54   TYR A CE2 1 
ATOM   463 C  CZ  . TYR A 1 54  ? -0.133  -2.575  -11.335 1.00 12.13 ? 54   TYR A CZ  1 
ATOM   464 O  OH  . TYR A 1 54  ? 0.391   -2.767  -12.595 1.00 14.45 ? 54   TYR A OH  1 
ATOM   465 N  N   . ALA A 1 55  ? 1.182   -3.627  -6.788  1.00 8.42  ? 55   ALA A N   1 
ATOM   466 C  CA  . ALA A 1 55  ? 2.637   -3.493  -6.835  1.00 8.96  ? 55   ALA A CA  1 
ATOM   467 C  C   . ALA A 1 55  ? 3.137   -2.804  -8.104  1.00 9.94  ? 55   ALA A C   1 
ATOM   468 O  O   . ALA A 1 55  ? 2.933   -3.299  -9.215  1.00 10.77 ? 55   ALA A O   1 
ATOM   469 C  CB  . ALA A 1 55  ? 3.294   -4.871  -6.687  1.00 10.21 ? 55   ALA A CB  1 
ATOM   470 N  N   . LEU A 1 56  ? 3.788   -1.656  -7.927  1.00 10.76 ? 56   LEU A N   1 
ATOM   471 C  CA  . LEU A 1 56  ? 4.343   -0.890  -9.041  1.00 11.39 ? 56   LEU A CA  1 
ATOM   472 C  C   . LEU A 1 56  ? 5.788   -1.314  -9.290  1.00 12.59 ? 56   LEU A C   1 
ATOM   473 O  O   . LEU A 1 56  ? 6.211   -1.475  -10.436 1.00 14.26 ? 56   LEU A O   1 
ATOM   474 C  CB  . LEU A 1 56  ? 4.307   0.608   -8.728  1.00 12.03 ? 56   LEU A CB  1 
ATOM   475 C  CG  . LEU A 1 56  ? 2.929   1.262   -8.614  1.00 11.98 ? 56   LEU A CG  1 
ATOM   476 C  CD1 . LEU A 1 56  ? 3.073   2.636   -7.974  1.00 13.88 ? 56   LEU A CD1 1 
ATOM   477 C  CD2 . LEU A 1 56  ? 2.288   1.364   -9.993  1.00 15.32 ? 56   LEU A CD2 1 
ATOM   478 N  N   . GLU A 1 57  ? 6.541   -1.484  -8.207  1.00 13.43 ? 57   GLU A N   1 
ATOM   479 C  CA  . GLU A 1 57  ? 7.968   -1.851  -8.253  1.00 15.02 ? 57   GLU A CA  1 
ATOM   480 C  C   . GLU A 1 57  ? 8.299   -2.739  -7.074  1.00 14.36 ? 57   GLU A C   1 
ATOM   481 O  O   . GLU A 1 57  ? 7.806   -2.559  -5.968  1.00 14.54 ? 57   GLU A O   1 
ATOM   482 C  CB  . GLU A 1 57  ? 8.882   -0.612  -8.202  1.00 18.67 ? 57   GLU A CB  1 
ATOM   483 C  CG  . GLU A 1 57  ? 8.624   0.428   -9.290  1.00 25.38 ? 57   GLU A CG  1 
ATOM   484 C  CD  . GLU A 1 57  ? 9.727   1.479   -9.271  1.00 29.57 ? 57   GLU A CD  1 
ATOM   485 O  OE1 . GLU A 1 57  ? 10.071  1.938   -8.191  1.00 32.65 ? 57   GLU A OE1 1 
ATOM   486 O  OE2 . GLU A 1 57  ? 10.224  1.823   -10.337 1.00 33.13 ? 57   GLU A OE2 1 
ATOM   487 N  N   . GLY A 1 58  ? 9.200   -3.694  -7.275  1.00 14.23 ? 58   GLY A N   1 
ATOM   488 C  CA  . GLY A 1 58  ? 9.625   -4.551  -6.185  1.00 14.70 ? 58   GLY A CA  1 
ATOM   489 C  C   . GLY A 1 58  ? 8.589   -5.583  -5.796  1.00 14.63 ? 58   GLY A C   1 
ATOM   490 O  O   . GLY A 1 58  ? 7.577   -5.762  -6.480  1.00 15.18 ? 58   GLY A O   1 
ATOM   491 N  N   . GLU A 1 59  ? 8.842   -6.270  -4.690  1.00 15.89 ? 59   GLU A N   1 
ATOM   492 C  CA  . GLU A 1 59  ? 7.877   -7.253  -4.231  1.00 16.54 ? 59   GLU A CA  1 
ATOM   493 C  C   . GLU A 1 59  ? 7.709   -7.167  -2.718  1.00 15.61 ? 59   GLU A C   1 
ATOM   494 O  O   . GLU A 1 59  ? 8.637   -6.867  -1.979  1.00 16.57 ? 59   GLU A O   1 
ATOM   495 C  CB  . GLU A 1 59  ? 8.345   -8.657  -4.658  1.00 20.21 ? 59   GLU A CB  1 
ATOM   496 C  CG  . GLU A 1 59  ? 9.667   -9.086  -4.006  1.00 25.89 ? 59   GLU A CG  1 
ATOM   497 C  CD  . GLU A 1 59  ? 10.121  -10.420 -4.564  1.00 29.31 ? 59   GLU A CD  1 
ATOM   498 O  OE1 . GLU A 1 59  ? 10.803  -11.152 -3.860  1.00 31.85 ? 59   GLU A OE1 1 
ATOM   499 O  OE2 . GLU A 1 59  ? 9.826   -10.699 -5.723  1.00 31.40 ? 59   GLU A OE2 1 
ATOM   500 N  N   . VAL A 1 60  ? 6.472   -7.389  -2.292  1.00 13.37 ? 60   VAL A N   1 
ATOM   501 C  CA  . VAL A 1 60  ? 6.129   -7.315  -0.881  1.00 12.60 ? 60   VAL A CA  1 
ATOM   502 C  C   . VAL A 1 60  ? 5.280   -8.512  -0.500  1.00 12.12 ? 60   VAL A C   1 
ATOM   503 O  O   . VAL A 1 60  ? 4.706   -9.184  -1.360  1.00 12.30 ? 60   VAL A O   1 
ATOM   504 C  CB  . VAL A 1 60  ? 5.311   -6.035  -0.558  1.00 11.65 ? 60   VAL A CB  1 
ATOM   505 C  CG1 . VAL A 1 60  ? 6.152   -4.794  -0.822  1.00 13.35 ? 60   VAL A CG1 1 
ATOM   506 C  CG2 . VAL A 1 60  ? 4.036   -6.000  -1.398  1.00 14.01 ? 60   VAL A CG2 1 
ATOM   507 N  N   . VAL A 1 61  ? 5.214   -8.776  0.795   1.00 11.65 ? 61   VAL A N   1 
ATOM   508 C  CA  . VAL A 1 61  ? 4.389   -9.856  1.305   1.00 12.37 ? 61   VAL A CA  1 
ATOM   509 C  C   . VAL A 1 61  ? 3.144   -9.173  1.851   1.00 12.08 ? 61   VAL A C   1 
ATOM   510 O  O   . VAL A 1 61  ? 3.225   -8.363  2.778   1.00 13.69 ? 61   VAL A O   1 
ATOM   511 C  CB  . VAL A 1 61  ? 5.079   -10.624 2.449   1.00 13.35 ? 61   VAL A CB  1 
ATOM   512 C  CG1 . VAL A 1 61  ? 4.127   -11.673 3.008   1.00 14.47 ? 61   VAL A CG1 1 
ATOM   513 C  CG2 . VAL A 1 61  ? 6.350   -11.286 1.943   1.00 16.02 ? 61   VAL A CG2 1 
ATOM   514 N  N   . VAL A 1 62  ? 1.999   -9.471  1.254   1.00 10.64 ? 62   VAL A N   1 
ATOM   515 C  CA  . VAL A 1 62  ? 0.742   -8.890  1.702   1.00 10.80 ? 62   VAL A CA  1 
ATOM   516 C  C   . VAL A 1 62  ? -0.002  -9.907  2.555   1.00 11.19 ? 62   VAL A C   1 
ATOM   517 O  O   . VAL A 1 62  ? -0.064  -11.092 2.214   1.00 11.82 ? 62   VAL A O   1 
ATOM   518 C  CB  . VAL A 1 62  ? -0.159  -8.461  0.505   1.00 10.49 ? 62   VAL A CB  1 
ATOM   519 C  CG1 A VAL A 1 62  ? -0.416  -9.645  -0.408  0.50 13.15 ? 62   VAL A CG1 1 
ATOM   520 C  CG1 B VAL A 1 62  ? 0.483   -7.318  -0.255  0.50 11.20 ? 62   VAL A CG1 1 
ATOM   521 C  CG2 A VAL A 1 62  ? -1.469  -7.885  1.016   0.50 9.25  ? 62   VAL A CG2 1 
ATOM   522 C  CG2 B VAL A 1 62  ? -0.388  -9.640  -0.423  0.50 13.53 ? 62   VAL A CG2 1 
ATOM   523 N  N   . ARG A 1 63  ? -0.543  -9.447  3.677   1.00 10.42 ? 63   ARG A N   1 
ATOM   524 C  CA  . ARG A 1 63  ? -1.299  -10.315 4.570   1.00 10.58 ? 63   ARG A CA  1 
ATOM   525 C  C   . ARG A 1 63  ? -2.733  -9.817  4.622   1.00 10.45 ? 63   ARG A C   1 
ATOM   526 O  O   . ARG A 1 63  ? -2.980  -8.626  4.833   1.00 11.18 ? 63   ARG A O   1 
ATOM   527 C  CB  . ARG A 1 63  ? -0.684  -10.296 5.977   1.00 11.98 ? 63   ARG A CB  1 
ATOM   528 C  CG  . ARG A 1 63  ? -1.383  -11.190 7.012   1.00 13.44 ? 63   ARG A CG  1 
ATOM   529 C  CD  . ARG A 1 63  ? -2.482  -10.449 7.764   1.00 16.02 ? 63   ARG A CD  1 
ATOM   530 N  NE  . ARG A 1 63  ? -3.184  -11.311 8.719   1.00 16.76 ? 63   ARG A NE  1 
ATOM   531 C  CZ  . ARG A 1 63  ? -2.685  -11.744 9.876   1.00 16.33 ? 63   ARG A CZ  1 
ATOM   532 N  NH1 . ARG A 1 63  ? -1.462  -11.404 10.262  1.00 17.44 ? 63   ARG A NH1 1 
ATOM   533 N  NH2 . ARG A 1 63  ? -3.420  -12.532 10.652  1.00 15.40 ? 63   ARG A NH2 1 
ATOM   534 N  N   . VAL A 1 64  ? -3.675  -10.724 4.391   1.00 10.37 ? 64   VAL A N   1 
ATOM   535 C  CA  . VAL A 1 64  ? -5.092  -10.392 4.456   1.00 11.69 ? 64   VAL A CA  1 
ATOM   536 C  C   . VAL A 1 64  ? -5.772  -11.572 5.130   1.00 12.23 ? 64   VAL A C   1 
ATOM   537 O  O   . VAL A 1 64  ? -5.763  -12.684 4.604   1.00 13.27 ? 64   VAL A O   1 
ATOM   538 C  CB  . VAL A 1 64  ? -5.717  -10.184 3.058   1.00 11.77 ? 64   VAL A CB  1 
ATOM   539 C  CG1 . VAL A 1 64  ? -7.205  -9.897  3.198   1.00 13.05 ? 64   VAL A CG1 1 
ATOM   540 C  CG2 . VAL A 1 64  ? -5.023  -9.031  2.342   1.00 12.97 ? 64   VAL A CG2 1 
ATOM   541 N  N   . GLY A 1 65  ? -6.343  -11.330 6.303   1.00 12.60 ? 65   GLY A N   1 
ATOM   542 C  CA  . GLY A 1 65  ? -6.996  -12.409 7.020   1.00 13.39 ? 65   GLY A CA  1 
ATOM   543 C  C   . GLY A 1 65  ? -5.978  -13.459 7.423   1.00 14.37 ? 65   GLY A C   1 
ATOM   544 O  O   . GLY A 1 65  ? -4.926  -13.130 7.969   1.00 14.72 ? 65   GLY A O   1 
ATOM   545 N  N   . GLU A 1 66  ? -6.273  -14.721 7.132   1.00 15.13 ? 66   GLU A N   1 
ATOM   546 C  CA  . GLU A 1 66  ? -5.365  -15.817 7.501   1.00 17.02 ? 66   GLU A CA  1 
ATOM   547 C  C   . GLU A 1 66  ? -4.501  -16.281 6.321   1.00 17.28 ? 66   GLU A C   1 
ATOM   548 O  O   . GLU A 1 66  ? -4.017  -17.404 6.304   1.00 19.12 ? 66   GLU A O   1 
ATOM   549 C  CB  . GLU A 1 66  ? -6.190  -17.006 8.031   1.00 19.55 ? 66   GLU A CB  1 
ATOM   550 C  CG  . GLU A 1 66  ? -7.309  -16.569 8.990   1.00 22.62 ? 66   GLU A CG  1 
ATOM   551 C  CD  . GLU A 1 66  ? -7.974  -17.771 9.641   1.00 25.62 ? 66   GLU A CD  1 
ATOM   552 O  OE1 . GLU A 1 66  ? -7.893  -18.871 9.102   1.00 28.62 ? 66   GLU A OE1 1 
ATOM   553 O  OE2 . GLU A 1 66  ? -8.601  -17.588 10.679  1.00 25.94 ? 66   GLU A OE2 1 
ATOM   554 N  N   . GLU A 1 67  ? -4.293  -15.408 5.339   1.00 14.65 ? 67   GLU A N   1 
ATOM   555 C  CA  . GLU A 1 67  ? -3.491  -15.762 4.174   1.00 12.62 ? 67   GLU A CA  1 
ATOM   556 C  C   . GLU A 1 67  ? -2.460  -14.682 3.845   1.00 11.76 ? 67   GLU A C   1 
ATOM   557 O  O   . GLU A 1 67  ? -2.673  -13.500 4.117   1.00 12.47 ? 67   GLU A O   1 
ATOM   558 C  CB  . GLU A 1 67  ? -4.416  -15.968 2.968   1.00 14.28 ? 67   GLU A CB  1 
ATOM   559 C  CG  . GLU A 1 67  ? -3.766  -16.576 1.730   1.00 16.07 ? 67   GLU A CG  1 
ATOM   560 C  CD  . GLU A 1 67  ? -4.728  -16.647 0.553   1.00 18.19 ? 67   GLU A CD  1 
ATOM   561 O  OE1 . GLU A 1 67  ? -4.974  -17.759 0.033   1.00 17.80 ? 67   GLU A OE1 1 
ATOM   562 O  OE2 . GLU A 1 67  ? -5.240  -15.583 0.144   1.00 19.11 ? 67   GLU A OE2 1 
ATOM   563 N  N   . GLU A 1 68  ? -1.338  -15.103 3.269   1.00 10.83 ? 68   GLU A N   1 
ATOM   564 C  CA  . GLU A 1 68  ? -0.287  -14.187 2.842   1.00 11.81 ? 68   GLU A CA  1 
ATOM   565 C  C   . GLU A 1 68  ? 0.018   -14.478 1.381   1.00 11.41 ? 68   GLU A C   1 
ATOM   566 O  O   . GLU A 1 68  ? -0.177  -15.601 0.902   1.00 12.33 ? 68   GLU A O   1 
ATOM   567 C  CB  . GLU A 1 68  ? 0.987   -14.368 3.668   1.00 14.03 ? 68   GLU A CB  1 
ATOM   568 C  CG  . GLU A 1 68  ? 0.865   -13.908 5.104   1.00 16.70 ? 68   GLU A CG  1 
ATOM   569 C  CD  . GLU A 1 68  ? 2.191   -13.953 5.830   1.00 20.61 ? 68   GLU A CD  1 
ATOM   570 O  OE1 . GLU A 1 68  ? 2.845   -15.014 5.796   1.00 23.24 ? 68   GLU A OE1 1 
ATOM   571 O  OE2 . GLU A 1 68  ? 2.576   -12.931 6.433   1.00 23.24 ? 68   GLU A OE2 1 
ATOM   572 N  N   . ALA A 1 69  ? 0.494   -13.462 0.674   1.00 11.33 ? 69   ALA A N   1 
ATOM   573 C  CA  . ALA A 1 69  ? 0.822   -13.600 -0.734  1.00 10.96 ? 69   ALA A CA  1 
ATOM   574 C  C   . ALA A 1 69  ? 2.027   -12.749 -1.085  1.00 11.25 ? 69   ALA A C   1 
ATOM   575 O  O   . ALA A 1 69  ? 2.306   -11.741 -0.427  1.00 12.55 ? 69   ALA A O   1 
ATOM   576 C  CB  . ALA A 1 69  ? -0.368  -13.176 -1.588  1.00 12.41 ? 69   ALA A CB  1 
ATOM   577 N  N   . LEU A 1 70  ? 2.751   -13.173 -2.113  1.00 11.05 ? 70   LEU A N   1 
ATOM   578 C  CA  . LEU A 1 70  ? 3.902   -12.427 -2.595  1.00 12.03 ? 70   LEU A CA  1 
ATOM   579 C  C   . LEU A 1 70  ? 3.366   -11.590 -3.744  1.00 12.01 ? 70   LEU A C   1 
ATOM   580 O  O   . LEU A 1 70  ? 2.977   -12.117 -4.788  1.00 12.68 ? 70   LEU A O   1 
ATOM   581 C  CB  . LEU A 1 70  ? 4.997   -13.378 -3.088  1.00 14.01 ? 70   LEU A CB  1 
ATOM   582 C  CG  A LEU A 1 70  ? 5.674   -14.233 -2.015  0.50 15.97 ? 70   LEU A CG  1 
ATOM   583 C  CG  B LEU A 1 70  ? 6.363   -12.778 -3.450  0.50 14.40 ? 70   LEU A CG  1 
ATOM   584 C  CD1 A LEU A 1 70  ? 6.790   -15.047 -2.652  0.50 16.93 ? 70   LEU A CD1 1 
ATOM   585 C  CD1 B LEU A 1 70  ? 6.241   -11.874 -4.666  0.50 16.99 ? 70   LEU A CD1 1 
ATOM   586 C  CD2 A LEU A 1 70  ? 6.232   -13.341 -0.915  0.50 16.85 ? 70   LEU A CD2 1 
ATOM   587 C  CD2 B LEU A 1 70  ? 6.912   -12.010 -2.257  0.50 15.46 ? 70   LEU A CD2 1 
ATOM   588 N  N   . LEU A 1 71  ? 3.322   -10.284 -3.530  1.00 11.86 ? 71   LEU A N   1 
ATOM   589 C  CA  . LEU A 1 71  ? 2.814   -9.359  -4.526  1.00 13.58 ? 71   LEU A CA  1 
ATOM   590 C  C   . LEU A 1 71  ? 3.972   -8.797  -5.347  1.00 13.24 ? 71   LEU A C   1 
ATOM   591 O  O   . LEU A 1 71  ? 4.772   -8.004  -4.840  1.00 14.85 ? 71   LEU A O   1 
ATOM   592 C  CB  . LEU A 1 71  ? 2.063   -8.228  -3.820  1.00 15.39 ? 71   LEU A CB  1 
ATOM   593 C  CG  . LEU A 1 71  ? 1.013   -7.438  -4.601  1.00 15.85 ? 71   LEU A CG  1 
ATOM   594 C  CD1 . LEU A 1 71  ? -0.193  -8.330  -4.894  1.00 18.24 ? 71   LEU A CD1 1 
ATOM   595 C  CD2 . LEU A 1 71  ? 0.591   -6.226  -3.782  1.00 17.22 ? 71   LEU A CD2 1 
ATOM   596 N  N   . ALA A 1 72  ? 4.062   -9.229  -6.604  1.00 12.83 ? 72   ALA A N   1 
ATOM   597 C  CA  . ALA A 1 72  ? 5.099   -8.777  -7.530  1.00 13.55 ? 72   ALA A CA  1 
ATOM   598 C  C   . ALA A 1 72  ? 4.489   -7.722  -8.456  1.00 13.17 ? 72   ALA A C   1 
ATOM   599 O  O   . ALA A 1 72  ? 3.268   -7.596  -8.541  1.00 11.31 ? 72   ALA A O   1 
ATOM   600 C  CB  . ALA A 1 72  ? 5.628   -9.959  -8.341  1.00 16.39 ? 72   ALA A CB  1 
ATOM   601 N  N   . PRO A 1 73  ? 5.329   -6.960  -9.177  1.00 12.93 ? 73   PRO A N   1 
ATOM   602 C  CA  . PRO A 1 73  ? 4.814   -5.921  -10.075 1.00 12.91 ? 73   PRO A CA  1 
ATOM   603 C  C   . PRO A 1 73  ? 3.693   -6.390  -11.000 1.00 12.91 ? 73   PRO A C   1 
ATOM   604 O  O   . PRO A 1 73  ? 3.821   -7.408  -11.683 1.00 13.01 ? 73   PRO A O   1 
ATOM   605 C  CB  . PRO A 1 73  ? 6.060   -5.480  -10.841 1.00 13.87 ? 73   PRO A CB  1 
ATOM   606 C  CG  . PRO A 1 73  ? 7.148   -5.672  -9.832  1.00 15.13 ? 73   PRO A CG  1 
ATOM   607 C  CD  . PRO A 1 73  ? 6.801   -7.021  -9.241  1.00 14.06 ? 73   PRO A CD  1 
ATOM   608 N  N   . GLY A 1 74  ? 2.596   -5.636  -11.009 1.00 11.25 ? 74   GLY A N   1 
ATOM   609 C  CA  . GLY A 1 74  ? 1.458   -5.972  -11.846 1.00 11.79 ? 74   GLY A CA  1 
ATOM   610 C  C   . GLY A 1 74  ? 0.366   -6.734  -11.118 1.00 10.35 ? 74   GLY A C   1 
ATOM   611 O  O   . GLY A 1 74  ? -0.717  -6.943  -11.662 1.00 11.83 ? 74   GLY A O   1 
ATOM   612 N  N   . MET A 1 75  ? 0.650   -7.145  -9.885  1.00 10.50 ? 75   MET A N   1 
ATOM   613 C  CA  . MET A 1 75  ? -0.315  -7.887  -9.080  1.00 10.57 ? 75   MET A CA  1 
ATOM   614 C  C   . MET A 1 75  ? -1.023  -6.993  -8.072  1.00 10.47 ? 75   MET A C   1 
ATOM   615 O  O   . MET A 1 75  ? -0.434  -6.045  -7.542  1.00 10.21 ? 75   MET A O   1 
ATOM   616 C  CB  . MET A 1 75  ? 0.381   -9.028  -8.335  1.00 11.60 ? 75   MET A CB  1 
ATOM   617 C  CG  . MET A 1 75  ? 0.922   -10.126 -9.239  1.00 13.23 ? 75   MET A CG  1 
ATOM   618 S  SD  . MET A 1 75  ? 1.895   -11.362 -8.351  1.00 13.43 ? 75   MET A SD  1 
ATOM   619 C  CE  . MET A 1 75  ? 0.628   -12.145 -7.346  1.00 15.13 ? 75   MET A CE  1 
ATOM   620 N  N   . ALA A 1 76  ? -2.289  -7.302  -7.814  1.00 9.91  ? 76   ALA A N   1 
ATOM   621 C  CA  . ALA A 1 76  ? -3.099  -6.552  -6.861  1.00 9.66  ? 76   ALA A CA  1 
ATOM   622 C  C   . ALA A 1 76  ? -3.784  -7.504  -5.888  1.00 9.92  ? 76   ALA A C   1 
ATOM   623 O  O   . ALA A 1 76  ? -4.163  -8.622  -6.259  1.00 11.07 ? 76   ALA A O   1 
ATOM   624 C  CB  . ALA A 1 76  ? -4.145  -5.718  -7.600  1.00 11.59 ? 76   ALA A CB  1 
ATOM   625 N  N   . ALA A 1 77  ? -3.944  -7.053  -4.648  1.00 9.54  ? 77   ALA A N   1 
ATOM   626 C  CA  . ALA A 1 77  ? -4.594  -7.836  -3.603  1.00 9.13  ? 77   ALA A CA  1 
ATOM   627 C  C   . ALA A 1 77  ? -5.655  -6.970  -2.927  1.00 8.81  ? 77   ALA A C   1 
ATOM   628 O  O   . ALA A 1 77  ? -5.422  -5.788  -2.645  1.00 8.91  ? 77   ALA A O   1 
ATOM   629 C  CB  . ALA A 1 77  ? -3.567  -8.305  -2.582  1.00 11.24 ? 77   ALA A CB  1 
ATOM   630 N  N   . PHE A 1 78  ? -6.810  -7.573  -2.662  1.00 9.18  ? 78   PHE A N   1 
ATOM   631 C  CA  . PHE A 1 78  ? -7.947  -6.896  -2.048  1.00 10.04 ? 78   PHE A CA  1 
ATOM   632 C  C   . PHE A 1 78  ? -8.098  -7.234  -0.559  1.00 10.52 ? 78   PHE A C   1 
ATOM   633 O  O   . PHE A 1 78  ? -8.118  -8.404  -0.184  1.00 11.80 ? 78   PHE A O   1 
ATOM   634 C  CB  . PHE A 1 78  ? -9.222  -7.310  -2.794  1.00 13.14 ? 78   PHE A CB  1 
ATOM   635 C  CG  . PHE A 1 78  ? -10.460 -6.578  -2.361  1.00 14.92 ? 78   PHE A CG  1 
ATOM   636 C  CD1 . PHE A 1 78  ? -10.722 -5.293  -2.823  1.00 20.39 ? 78   PHE A CD1 1 
ATOM   637 C  CD2 . PHE A 1 78  ? -11.372 -7.176  -1.497  1.00 21.30 ? 78   PHE A CD2 1 
ATOM   638 C  CE1 . PHE A 1 78  ? -11.878 -4.612  -2.432  1.00 22.10 ? 78   PHE A CE1 1 
ATOM   639 C  CE2 . PHE A 1 78  ? -12.529 -6.504  -1.099  1.00 23.26 ? 78   PHE A CE2 1 
ATOM   640 C  CZ  . PHE A 1 78  ? -12.781 -5.221  -1.569  1.00 22.09 ? 78   PHE A CZ  1 
ATOM   641 N  N   . ALA A 1 79  ? -8.209  -6.206  0.276   1.00 10.59 ? 79   ALA A N   1 
ATOM   642 C  CA  . ALA A 1 79  ? -8.390  -6.387  1.715   1.00 11.43 ? 79   ALA A CA  1 
ATOM   643 C  C   . ALA A 1 79  ? -9.747  -5.783  2.069   1.00 12.67 ? 79   ALA A C   1 
ATOM   644 O  O   . ALA A 1 79  ? -9.884  -4.568  2.215   1.00 12.11 ? 79   ALA A O   1 
ATOM   645 C  CB  . ALA A 1 79  ? -7.279  -5.679  2.481   1.00 12.07 ? 79   ALA A CB  1 
ATOM   646 N  N   . PRO A 1 80  ? -10.778 -6.629  2.203   1.00 14.00 ? 80   PRO A N   1 
ATOM   647 C  CA  . PRO A 1 80  ? -12.113 -6.129  2.537   1.00 15.09 ? 80   PRO A CA  1 
ATOM   648 C  C   . PRO A 1 80  ? -12.231 -5.591  3.957   1.00 15.32 ? 80   PRO A C   1 
ATOM   649 O  O   . PRO A 1 80  ? -11.506 -6.012  4.857   1.00 15.17 ? 80   PRO A O   1 
ATOM   650 C  CB  . PRO A 1 80  ? -13.001 -7.348  2.303   1.00 16.27 ? 80   PRO A CB  1 
ATOM   651 C  CG  . PRO A 1 80  ? -12.110 -8.480  2.698   1.00 19.26 ? 80   PRO A CG  1 
ATOM   652 C  CD  . PRO A 1 80  ? -10.781 -8.096  2.068   1.00 15.69 ? 80   PRO A CD  1 
ATOM   653 N  N   . ALA A 1 81  ? -13.151 -4.650  4.142   1.00 16.32 ? 81   ALA A N   1 
ATOM   654 C  CA  . ALA A 1 81  ? -13.391 -4.050  5.446   1.00 18.01 ? 81   ALA A CA  1 
ATOM   655 C  C   . ALA A 1 81  ? -13.593 -5.142  6.488   1.00 17.93 ? 81   ALA A C   1 
ATOM   656 O  O   . ALA A 1 81  ? -14.296 -6.126  6.242   1.00 18.97 ? 81   ALA A O   1 
ATOM   657 C  CB  . ALA A 1 81  ? -14.622 -3.152  5.384   1.00 18.94 ? 81   ALA A CB  1 
ATOM   658 N  N   . GLY A 1 82  ? -12.970 -4.970  7.648   1.00 18.19 ? 82   GLY A N   1 
ATOM   659 C  CA  . GLY A 1 82  ? -13.100 -5.944  8.713   1.00 18.56 ? 82   GLY A CA  1 
ATOM   660 C  C   . GLY A 1 82  ? -11.991 -6.979  8.762   1.00 19.29 ? 82   GLY A C   1 
ATOM   661 O  O   . GLY A 1 82  ? -11.777 -7.619  9.791   1.00 20.92 ? 82   GLY A O   1 
ATOM   662 N  N   . ALA A 1 83  ? -11.280 -7.148  7.652   1.00 17.72 ? 83   ALA A N   1 
ATOM   663 C  CA  . ALA A 1 83  ? -10.199 -8.121  7.597   1.00 16.52 ? 83   ALA A CA  1 
ATOM   664 C  C   . ALA A 1 83  ? -8.866  -7.522  8.021   1.00 15.64 ? 83   ALA A C   1 
ATOM   665 O  O   . ALA A 1 83  ? -8.490  -6.439  7.570   1.00 15.14 ? 83   ALA A O   1 
ATOM   666 C  CB  . ALA A 1 83  ? -10.079 -8.687  6.188   1.00 17.82 ? 83   ALA A CB  1 
ATOM   667 N  N   . PRO A 1 84  ? -8.141  -8.209  8.919   1.00 14.46 ? 84   PRO A N   1 
ATOM   668 C  CA  . PRO A 1 84  ? -6.843  -7.685  9.351   1.00 13.67 ? 84   PRO A CA  1 
ATOM   669 C  C   . PRO A 1 84  ? -5.933  -7.748  8.128   1.00 13.28 ? 84   PRO A C   1 
ATOM   670 O  O   . PRO A 1 84  ? -5.900  -8.759  7.425   1.00 14.50 ? 84   PRO A O   1 
ATOM   671 C  CB  . PRO A 1 84  ? -6.424  -8.667  10.443  1.00 14.76 ? 84   PRO A CB  1 
ATOM   672 C  CG  . PRO A 1 84  ? -7.749  -9.105  11.014  1.00 15.91 ? 84   PRO A CG  1 
ATOM   673 C  CD  . PRO A 1 84  ? -8.561  -9.337  9.768   1.00 16.12 ? 84   PRO A CD  1 
ATOM   674 N  N   . HIS A 1 85  ? -5.208  -6.671  7.855   1.00 11.30 ? 85   HIS A N   1 
ATOM   675 C  CA  . HIS A 1 85  ? -4.336  -6.658  6.687   1.00 10.67 ? 85   HIS A CA  1 
ATOM   676 C  C   . HIS A 1 85  ? -3.091  -5.809  6.893   1.00 10.25 ? 85   HIS A C   1 
ATOM   677 O  O   . HIS A 1 85  ? -3.086  -4.866  7.685   1.00 10.61 ? 85   HIS A O   1 
ATOM   678 C  CB  . HIS A 1 85  ? -5.101  -6.134  5.466   1.00 11.03 ? 85   HIS A CB  1 
ATOM   679 C  CG  . HIS A 1 85  ? -5.556  -4.717  5.612   1.00 10.26 ? 85   HIS A CG  1 
ATOM   680 N  ND1 . HIS A 1 85  ? -6.642  -4.359  6.381   1.00 12.32 ? 85   HIS A ND1 1 
ATOM   681 C  CD2 . HIS A 1 85  ? -5.023  -3.559  5.154   1.00 12.26 ? 85   HIS A CD2 1 
ATOM   682 C  CE1 . HIS A 1 85  ? -6.756  -3.043  6.394   1.00 12.99 ? 85   HIS A CE1 1 
ATOM   683 N  NE2 . HIS A 1 85  ? -5.784  -2.534  5.658   1.00 14.19 ? 85   HIS A NE2 1 
ATOM   684 N  N   . GLY A 1 86  ? -2.038  -6.154  6.164   1.00 9.94  ? 86   GLY A N   1 
ATOM   685 C  CA  . GLY A 1 86  ? -0.800  -5.407  6.251   1.00 10.59 ? 86   GLY A CA  1 
ATOM   686 C  C   . GLY A 1 86  ? 0.104   -5.798  5.104   1.00 10.69 ? 86   GLY A C   1 
ATOM   687 O  O   . GLY A 1 86  ? -0.238  -6.676  4.309   1.00 10.66 ? 86   GLY A O   1 
ATOM   688 N  N   . VAL A 1 87  ? 1.250   -5.142  5.003   1.00 9.84  ? 87   VAL A N   1 
ATOM   689 C  CA  . VAL A 1 87  ? 2.206   -5.446  3.948   1.00 10.58 ? 87   VAL A CA  1 
ATOM   690 C  C   . VAL A 1 87  ? 3.614   -5.260  4.494   1.00 10.83 ? 87   VAL A C   1 
ATOM   691 O  O   . VAL A 1 87  ? 3.873   -4.331  5.260   1.00 11.55 ? 87   VAL A O   1 
ATOM   692 C  CB  . VAL A 1 87  ? 1.985   -4.549  2.691   1.00 11.73 ? 87   VAL A CB  1 
ATOM   693 C  CG1 A VAL A 1 87  ? 2.216   -3.084  3.029   0.50 11.54 ? 87   VAL A CG1 1 
ATOM   694 C  CG1 B VAL A 1 87  ? 0.708   -4.949  1.988   0.50 12.78 ? 87   VAL A CG1 1 
ATOM   695 C  CG2 A VAL A 1 87  ? 2.897   -4.992  1.575   0.50 12.08 ? 87   VAL A CG2 1 
ATOM   696 C  CG2 B VAL A 1 87  ? 1.922   -3.081  3.088   0.50 11.16 ? 87   VAL A CG2 1 
ATOM   697 N  N   . ARG A 1 88  ? 4.516   -6.158  4.114   1.00 11.98 ? 88   ARG A N   1 
ATOM   698 C  CA  . ARG A 1 88  ? 5.895   -6.166  4.598   1.00 13.63 ? 88   ARG A CA  1 
ATOM   699 C  C   . ARG A 1 88  ? 6.873   -6.305  3.436   1.00 13.11 ? 88   ARG A C   1 
ATOM   700 O  O   . ARG A 1 88  ? 6.682   -7.101  2.527   1.00 14.12 ? 88   ARG A O   1 
ATOM   701 C  CB  . ARG A 1 88  ? 6.100   -7.346  5.553   1.00 16.28 ? 88   ARG A CB  1 
ATOM   702 C  CG  . ARG A 1 88  ? 5.026   -7.469  6.626   1.00 20.44 ? 88   ARG A CG  1 
ATOM   703 C  CD  . ARG A 1 88  ? 5.382   -8.526  7.679   1.00 22.92 ? 88   ARG A CD  1 
ATOM   704 N  NE  . ARG A 1 88  ? 5.972   -9.716  7.057   1.00 27.30 ? 88   ARG A NE  1 
ATOM   705 C  CZ  . ARG A 1 88  ? 5.170   -10.785 6.855   1.00 27.91 ? 88   ARG A CZ  1 
ATOM   706 N  NH1 . ARG A 1 88  ? 3.884   -10.717 7.158   1.00 29.50 ? 88   ARG A NH1 1 
ATOM   707 N  NH2 . ARG A 1 88  ? 5.696   -11.918 6.366   1.00 28.69 ? 88   ARG A NH2 1 
ATOM   708 N  N   . ASN A 1 89  ? 7.971   -5.560  3.456   1.00 12.17 ? 89   ASN A N   1 
ATOM   709 C  CA  . ASN A 1 89  ? 8.979   -5.729  2.428   1.00 12.67 ? 89   ASN A CA  1 
ATOM   710 C  C   . ASN A 1 89  ? 10.044  -6.645  3.019   1.00 13.69 ? 89   ASN A C   1 
ATOM   711 O  O   . ASN A 1 89  ? 10.872  -6.210  3.821   1.00 15.03 ? 89   ASN A O   1 
ATOM   712 C  CB  . ASN A 1 89  ? 9.613   -4.392  2.034   1.00 12.77 ? 89   ASN A CB  1 
ATOM   713 C  CG  . ASN A 1 89  ? 10.595  -4.540  0.892   1.00 12.40 ? 89   ASN A CG  1 
ATOM   714 O  OD1 . ASN A 1 89  ? 11.003  -5.653  0.560   1.00 14.26 ? 89   ASN A OD1 1 
ATOM   715 N  ND2 . ASN A 1 89  ? 10.987  -3.422  0.289   1.00 13.68 ? 89   ASN A ND2 1 
ATOM   716 N  N   . GLU A 1 90  ? 9.998   -7.918  2.640   1.00 14.88 ? 90   GLU A N   1 
ATOM   717 C  CA  . GLU A 1 90  ? 10.962  -8.895  3.140   1.00 18.43 ? 90   GLU A CA  1 
ATOM   718 C  C   . GLU A 1 90  ? 12.056  -9.166  2.109   1.00 19.14 ? 90   GLU A C   1 
ATOM   719 O  O   . GLU A 1 90  ? 12.836  -10.098 2.246   1.00 21.51 ? 90   GLU A O   1 
ATOM   720 C  CB  . GLU A 1 90  ? 10.242  -10.218 3.461   1.00 20.66 ? 90   GLU A CB  1 
ATOM   721 C  CG  . GLU A 1 90  ? 9.235   -10.118 4.624   1.00 25.62 ? 90   GLU A CG  1 
ATOM   722 C  CD  . GLU A 1 90  ? 9.917   -9.740  5.925   1.00 29.19 ? 90   GLU A CD  1 
ATOM   723 O  OE1 . GLU A 1 90  ? 11.135  -9.835  6.013   1.00 32.41 ? 90   GLU A OE1 1 
ATOM   724 O  OE2 . GLU A 1 90  ? 9.211   -9.361  6.854   1.00 32.30 ? 90   GLU A OE2 1 
ATOM   725 N  N   . SER A 1 91  ? 12.117  -8.334  1.074   1.00 18.64 ? 91   SER A N   1 
ATOM   726 C  CA  . SER A 1 91  ? 13.124  -8.485  0.029   1.00 18.59 ? 91   SER A CA  1 
ATOM   727 C  C   . SER A 1 91  ? 14.350  -7.642  0.355   1.00 19.51 ? 91   SER A C   1 
ATOM   728 O  O   . SER A 1 91  ? 14.408  -6.993  1.399   1.00 20.81 ? 91   SER A O   1 
ATOM   729 C  CB  . SER A 1 91  ? 12.564  -8.045  -1.324  1.00 17.35 ? 91   SER A CB  1 
ATOM   730 O  OG  . SER A 1 91  ? 12.518  -6.628  -1.419  1.00 16.65 ? 91   SER A OG  1 
ATOM   731 N  N   . ALA A 1 92  ? 15.325  -7.651  -0.549  1.00 20.75 ? 92   ALA A N   1 
ATOM   732 C  CA  . ALA A 1 92  ? 16.550  -6.883  -0.356  1.00 21.33 ? 92   ALA A CA  1 
ATOM   733 C  C   . ALA A 1 92  ? 16.557  -5.620  -1.215  1.00 21.59 ? 92   ALA A C   1 
ATOM   734 O  O   . ALA A 1 92  ? 17.595  -4.981  -1.385  1.00 22.37 ? 92   ALA A O   1 
ATOM   735 C  CB  . ALA A 1 92  ? 17.761  -7.750  -0.689  1.00 22.32 ? 92   ALA A CB  1 
ATOM   736 N  N   . SER A 1 93  ? 15.392  -5.260  -1.750  1.00 19.73 ? 93   SER A N   1 
ATOM   737 C  CA  . SER A 1 93  ? 15.269  -4.075  -2.592  1.00 18.85 ? 93   SER A CA  1 
ATOM   738 C  C   . SER A 1 93  ? 14.025  -3.273  -2.223  1.00 16.89 ? 93   SER A C   1 
ATOM   739 O  O   . SER A 1 93  ? 13.104  -3.795  -1.595  1.00 16.31 ? 93   SER A O   1 
ATOM   740 C  CB  . SER A 1 93  ? 15.182  -4.481  -4.066  1.00 20.71 ? 93   SER A CB  1 
ATOM   741 O  OG  . SER A 1 93  ? 16.335  -5.196  -4.471  1.00 23.77 ? 93   SER A OG  1 
ATOM   742 N  N   . PRO A 1 94  ? 13.987  -1.988  -2.603  1.00 16.30 ? 94   PRO A N   1 
ATOM   743 C  CA  . PRO A 1 94  ? 12.815  -1.171  -2.281  1.00 15.43 ? 94   PRO A CA  1 
ATOM   744 C  C   . PRO A 1 94  ? 11.578  -1.658  -3.032  1.00 14.03 ? 94   PRO A C   1 
ATOM   745 O  O   . PRO A 1 94  ? 11.679  -2.387  -4.021  1.00 14.89 ? 94   PRO A O   1 
ATOM   746 C  CB  . PRO A 1 94  ? 13.234  0.230   -2.729  1.00 16.68 ? 94   PRO A CB  1 
ATOM   747 C  CG  . PRO A 1 94  ? 14.733  0.204   -2.592  1.00 17.78 ? 94   PRO A CG  1 
ATOM   748 C  CD  . PRO A 1 94  ? 15.070  -1.154  -3.154  1.00 16.90 ? 94   PRO A CD  1 
ATOM   749 N  N   . ALA A 1 95  ? 10.409  -1.259  -2.547  1.00 12.20 ? 95   ALA A N   1 
ATOM   750 C  CA  . ALA A 1 95  ? 9.150   -1.618  -3.182  1.00 11.12 ? 95   ALA A CA  1 
ATOM   751 C  C   . ALA A 1 95  ? 8.250   -0.391  -3.168  1.00 11.37 ? 95   ALA A C   1 
ATOM   752 O  O   . ALA A 1 95  ? 8.296   0.413   -2.232  1.00 11.09 ? 95   ALA A O   1 
ATOM   753 C  CB  . ALA A 1 95  ? 8.483   -2.773  -2.436  1.00 12.22 ? 95   ALA A CB  1 
ATOM   754 N  N   . LEU A 1 96  ? 7.447   -0.249  -4.217  1.00 11.03 ? 96   LEU A N   1 
ATOM   755 C  CA  . LEU A 1 96  ? 6.518   0.867   -4.349  1.00 10.81 ? 96   LEU A CA  1 
ATOM   756 C  C   . LEU A 1 96  ? 5.143   0.306   -4.677  1.00 9.99  ? 96   LEU A C   1 
ATOM   757 O  O   . LEU A 1 96  ? 4.996   -0.486  -5.605  1.00 10.19 ? 96   LEU A O   1 
ATOM   758 C  CB  . LEU A 1 96  ? 6.952   1.809   -5.476  1.00 11.40 ? 96   LEU A CB  1 
ATOM   759 C  CG  A LEU A 1 96  ? 6.201   3.141   -5.555  0.50 10.15 ? 96   LEU A CG  1 
ATOM   760 C  CG  B LEU A 1 96  ? 8.161   2.714   -5.258  0.50 13.97 ? 96   LEU A CG  1 
ATOM   761 C  CD1 A LEU A 1 96  ? 6.455   3.951   -4.288  0.50 11.18 ? 96   LEU A CD1 1 
ATOM   762 C  CD1 B LEU A 1 96  ? 8.413   3.519   -6.520  0.50 15.73 ? 96   LEU A CD1 1 
ATOM   763 C  CD2 A LEU A 1 96  ? 6.666   3.914   -6.776  0.50 11.99 ? 96   LEU A CD2 1 
ATOM   764 C  CD2 B LEU A 1 96  ? 7.905   3.643   -4.084  0.50 15.05 ? 96   LEU A CD2 1 
ATOM   765 N  N   . LEU A 1 97  ? 4.140   0.734   -3.918  1.00 8.96  ? 97   LEU A N   1 
ATOM   766 C  CA  . LEU A 1 97  ? 2.775   0.264   -4.115  1.00 8.96  ? 97   LEU A CA  1 
ATOM   767 C  C   . LEU A 1 97  ? 1.814   1.413   -4.341  1.00 8.86  ? 97   LEU A C   1 
ATOM   768 O  O   . LEU A 1 97  ? 2.017   2.507   -3.816  1.00 9.89  ? 97   LEU A O   1 
ATOM   769 C  CB  . LEU A 1 97  ? 2.290   -0.493  -2.875  1.00 9.18  ? 97   LEU A CB  1 
ATOM   770 C  CG  . LEU A 1 97  ? 3.226   -1.523  -2.248  1.00 10.03 ? 97   LEU A CG  1 
ATOM   771 C  CD1 . LEU A 1 97  ? 2.604   -2.053  -0.967  1.00 10.75 ? 97   LEU A CD1 1 
ATOM   772 C  CD2 . LEU A 1 97  ? 3.496   -2.640  -3.241  1.00 10.81 ? 97   LEU A CD2 1 
ATOM   773 N  N   . LEU A 1 98  ? 0.781   1.154   -5.133  1.00 8.18  ? 98   LEU A N   1 
ATOM   774 C  CA  . LEU A 1 98  ? -0.291  2.110   -5.364  1.00 9.30  ? 98   LEU A CA  1 
ATOM   775 C  C   . LEU A 1 98  ? -1.367  1.514   -4.456  1.00 8.58  ? 98   LEU A C   1 
ATOM   776 O  O   . LEU A 1 98  ? -1.761  0.350   -4.624  1.00 9.07  ? 98   LEU A O   1 
ATOM   777 C  CB  . LEU A 1 98  ? -0.734  2.098   -6.826  1.00 10.35 ? 98   LEU A CB  1 
ATOM   778 C  CG  . LEU A 1 98  ? -1.929  2.993   -7.173  1.00 13.71 ? 98   LEU A CG  1 
ATOM   779 C  CD1 . LEU A 1 98  ? -1.654  4.431   -6.763  1.00 17.25 ? 98   LEU A CD1 1 
ATOM   780 C  CD2 . LEU A 1 98  ? -2.201  2.907   -8.664  1.00 18.03 ? 98   LEU A CD2 1 
ATOM   781 N  N   . VAL A 1 99  ? -1.818  2.296   -3.481  1.00 10.19 ? 99   VAL A N   1 
ATOM   782 C  CA  . VAL A 1 99  ? -2.792  1.823   -2.505  1.00 10.08 ? 99   VAL A CA  1 
ATOM   783 C  C   . VAL A 1 99  ? -4.043  2.682   -2.483  1.00 10.28 ? 99   VAL A C   1 
ATOM   784 O  O   . VAL A 1 99  ? -3.964  3.906   -2.341  1.00 12.03 ? 99   VAL A O   1 
ATOM   785 C  CB  . VAL A 1 99  ? -2.166  1.815   -1.089  1.00 10.44 ? 99   VAL A CB  1 
ATOM   786 C  CG1 . VAL A 1 99  ? -3.095  1.125   -0.101  1.00 12.10 ? 99   VAL A CG1 1 
ATOM   787 C  CG2 . VAL A 1 99  ? -0.809  1.130   -1.125  1.00 11.37 ? 99   VAL A CG2 1 
ATOM   788 N  N   . VAL A 1 100 ? -5.195  2.036   -2.616  1.00 10.32 ? 100  VAL A N   1 
ATOM   789 C  CA  . VAL A 1 100 ? -6.469  2.738   -2.612  1.00 11.32 ? 100  VAL A CA  1 
ATOM   790 C  C   . VAL A 1 100 ? -7.326  2.257   -1.450  1.00 11.33 ? 100  VAL A C   1 
ATOM   791 O  O   . VAL A 1 100 ? -7.486  1.053   -1.241  1.00 11.85 ? 100  VAL A O   1 
ATOM   792 C  CB  . VAL A 1 100 ? -7.245  2.496   -3.926  1.00 12.95 ? 100  VAL A CB  1 
ATOM   793 C  CG1 . VAL A 1 100 ? -8.559  3.272   -3.907  1.00 15.83 ? 100  VAL A CG1 1 
ATOM   794 C  CG2 . VAL A 1 100 ? -6.401  2.916   -5.118  1.00 13.44 ? 100  VAL A CG2 1 
ATOM   795 N  N   . THR A 1 101 ? -7.866  3.206   -0.694  1.00 11.86 ? 101  THR A N   1 
ATOM   796 C  CA  . THR A 1 101 ? -8.720  2.899   0.448   1.00 13.33 ? 101  THR A CA  1 
ATOM   797 C  C   . THR A 1 101 ? -10.025 3.660   0.253   1.00 13.32 ? 101  THR A C   1 
ATOM   798 O  O   . THR A 1 101 ? -10.011 4.858   -0.030  1.00 14.04 ? 101  THR A O   1 
ATOM   799 C  CB  . THR A 1 101 ? -8.074  3.353   1.770   1.00 13.70 ? 101  THR A CB  1 
ATOM   800 O  OG1 . THR A 1 101 ? -6.752  2.811   1.870   1.00 14.39 ? 101  THR A OG1 1 
ATOM   801 C  CG2 . THR A 1 101 ? -8.902  2.874   2.957   1.00 15.06 ? 101  THR A CG2 1 
ATOM   802 N  N   . ALA A 1 102 ? -11.150 2.967   0.398   1.00 13.62 ? 102  ALA A N   1 
ATOM   803 C  CA  . ALA A 1 102 ? -12.453 3.601   0.211   1.00 13.11 ? 102  ALA A CA  1 
ATOM   804 C  C   . ALA A 1 102 ? -13.538 3.000   1.096   1.00 14.71 ? 102  ALA A C   1 
ATOM   805 O  O   . ALA A 1 102 ? -13.680 1.782   1.184   1.00 14.23 ? 102  ALA A O   1 
ATOM   806 C  CB  . ALA A 1 102 ? -12.872 3.503   -1.254  1.00 14.80 ? 102  ALA A CB  1 
ATOM   807 N  N   . PRO A 1 103 ? -14.297 3.858   1.796   1.00 16.38 ? 103  PRO A N   1 
ATOM   808 C  CA  . PRO A 1 103 ? -14.130 5.315   1.761   1.00 17.08 ? 103  PRO A CA  1 
ATOM   809 C  C   . PRO A 1 103 ? -12.943 5.713   2.637   1.00 18.16 ? 103  PRO A C   1 
ATOM   810 O  O   . PRO A 1 103 ? -12.261 4.848   3.191   1.00 17.55 ? 103  PRO A O   1 
ATOM   811 C  CB  . PRO A 1 103 ? -15.460 5.825   2.311   1.00 19.56 ? 103  PRO A CB  1 
ATOM   812 C  CG  . PRO A 1 103 ? -15.842 4.758   3.281   1.00 19.02 ? 103  PRO A CG  1 
ATOM   813 C  CD  . PRO A 1 103 ? -15.521 3.487   2.526   1.00 16.92 ? 103  PRO A CD  1 
ATOM   814 N  N   . ARG A 1 104 ? -12.683 7.010   2.753   1.00 19.90 ? 104  ARG A N   1 
ATOM   815 C  CA  . ARG A 1 104 ? -11.577 7.471   3.585   1.00 22.69 ? 104  ARG A CA  1 
ATOM   816 C  C   . ARG A 1 104 ? -11.882 7.085   5.031   1.00 24.19 ? 104  ARG A C   1 
ATOM   817 O  O   . ARG A 1 104 ? -12.967 7.365   5.537   1.00 24.96 ? 104  ARG A O   1 
ATOM   818 C  CB  . ARG A 1 104 ? -11.415 8.989   3.461   1.00 23.36 ? 104  ARG A CB  1 
ATOM   819 C  CG  . ARG A 1 104 ? -10.282 9.570   4.299   1.00 25.69 ? 104  ARG A CG  1 
ATOM   820 C  CD  . ARG A 1 104 ? -9.974  11.006  3.894   1.00 28.05 ? 104  ARG A CD  1 
ATOM   821 N  NE  . ARG A 1 104 ? -11.143 11.873  3.999   1.00 31.33 ? 104  ARG A NE  1 
ATOM   822 C  CZ  . ARG A 1 104 ? -11.171 13.143  3.606   1.00 32.34 ? 104  ARG A CZ  1 
ATOM   823 N  NH1 . ARG A 1 104 ? -10.090 13.703  3.079   1.00 33.49 ? 104  ARG A NH1 1 
ATOM   824 N  NH2 . ARG A 1 104 ? -12.282 13.856  3.738   1.00 33.23 ? 104  ARG A NH2 1 
ATOM   825 N  N   . PRO A 1 105 ? -10.931 6.419   5.708   1.00 25.21 ? 105  PRO A N   1 
ATOM   826 C  CA  . PRO A 1 105 ? -11.139 6.008   7.101   1.00 27.15 ? 105  PRO A CA  1 
ATOM   827 C  C   . PRO A 1 105 ? -11.420 7.189   8.027   1.00 28.84 ? 105  PRO A C   1 
ATOM   828 O  O   . PRO A 1 105 ? -11.167 8.340   7.610   1.00 30.40 ? 105  PRO A O   1 
ATOM   829 C  CB  . PRO A 1 105 ? -9.830  5.304   7.450   1.00 27.01 ? 105  PRO A CB  1 
ATOM   830 C  CG  . PRO A 1 105 ? -9.382  4.750   6.134   1.00 25.82 ? 105  PRO A CG  1 
ATOM   831 C  CD  . PRO A 1 105 ? -9.651  5.900   5.197   1.00 25.14 ? 105  PRO A CD  1 
ATOM   832 O  OXT . PRO A 1 105 ? -11.875 6.943   9.164   1.00 31.27 ? 105  PRO A OXT 1 
HETATM 833 NA NA  . NA  B 2 .   ? -2.267  15.690  -4.270  1.00 35.98 ? 1001 NA  A NA  1 
HETATM 834 O  O   . HOH C 3 .   ? 3.376   15.612  -10.861 1.00 16.48 ? 1002 HOH A O   1 
HETATM 835 O  O   . HOH C 3 .   ? 10.446  4.329   2.755   1.00 12.99 ? 1003 HOH A O   1 
HETATM 836 O  O   . HOH C 3 .   ? -0.483  -17.929 3.799   1.00 15.10 ? 1004 HOH A O   1 
HETATM 837 O  O   . HOH C 3 .   ? -9.861  -4.074  7.269   1.00 15.09 ? 1005 HOH A O   1 
HETATM 838 O  O   . HOH C 3 .   ? -9.777  -2.952  4.588   1.00 13.86 ? 1006 HOH A O   1 
HETATM 839 O  O   . HOH C 3 .   ? 8.921   -8.746  0.148   1.00 17.12 ? 1007 HOH A O   1 
HETATM 840 O  O   . HOH C 3 .   ? 3.876   -13.874 -6.762  1.00 15.70 ? 1008 HOH A O   1 
HETATM 841 O  O   . HOH C 3 .   ? 9.193   11.393  8.894   1.00 19.37 ? 1009 HOH A O   1 
HETATM 842 O  O   . HOH C 3 .   ? 2.674   -5.925  8.731   1.00 17.11 ? 1010 HOH A O   1 
HETATM 843 O  O   . HOH C 3 .   ? -9.933  -10.424 -0.522  1.00 19.63 ? 1011 HOH A O   1 
HETATM 844 O  O   . HOH C 3 .   ? 11.517  -5.358  -3.715  1.00 17.49 ? 1012 HOH A O   1 
HETATM 845 O  O   . HOH C 3 .   ? 2.154   1.118   9.813   1.00 21.95 ? 1013 HOH A O   1 
HETATM 846 O  O   . HOH C 3 .   ? -5.362  -15.051 12.086  1.00 21.88 ? 1014 HOH A O   1 
HETATM 847 O  O   . HOH C 3 .   ? -0.562  18.885  -11.044 1.00 22.18 ? 1015 HOH A O   1 
HETATM 848 O  O   . HOH C 3 .   ? 6.163   12.928  -2.542  1.00 18.32 ? 1016 HOH A O   1 
HETATM 849 O  O   . HOH C 3 .   ? 1.744   -8.504  7.754   1.00 20.01 ? 1017 HOH A O   1 
HETATM 850 O  O   . HOH C 3 .   ? -7.828  -13.800 3.124   1.00 19.78 ? 1018 HOH A O   1 
HETATM 851 O  O   . HOH C 3 .   ? 13.812  9.260   -1.554  1.00 25.52 ? 1019 HOH A O   1 
HETATM 852 O  O   . HOH C 3 .   ? -8.791  -15.438 5.665   1.00 24.25 ? 1020 HOH A O   1 
HETATM 853 O  O   . HOH C 3 .   ? -3.299  5.004   3.267   1.00 25.08 ? 1021 HOH A O   1 
HETATM 854 O  O   . HOH C 3 .   ? 4.852   1.680   9.184   1.00 41.14 ? 1022 HOH A O   1 
HETATM 855 O  O   . HOH C 3 .   ? 10.432  -4.098  -9.957  1.00 25.27 ? 1023 HOH A O   1 
HETATM 856 O  O   . HOH C 3 .   ? 2.050   -17.494 5.216   1.00 24.71 ? 1024 HOH A O   1 
HETATM 857 O  O   . HOH C 3 .   ? -4.568  10.342  -0.258  1.00 26.92 ? 1025 HOH A O   1 
HETATM 858 O  O   . HOH C 3 .   ? -1.635  -18.864 5.988   1.00 38.10 ? 1026 HOH A O   1 
HETATM 859 O  O   . HOH C 3 .   ? -13.077 2.374   7.974   1.00 26.63 ? 1027 HOH A O   1 
HETATM 860 O  O   . HOH C 3 .   ? 12.987  1.684   8.818   1.00 27.51 ? 1028 HOH A O   1 
HETATM 861 O  O   . HOH C 3 .   ? 2.664   13.845  -2.258  1.00 44.74 ? 1029 HOH A O   1 
HETATM 862 O  O   . HOH C 3 .   ? 15.476  -10.048 -2.695  1.00 36.50 ? 1030 HOH A O   1 
HETATM 863 O  O   . HOH C 3 .   ? 10.752  10.110  -7.590  1.00 31.24 ? 1031 HOH A O   1 
HETATM 864 O  O   . HOH C 3 .   ? 14.494  -0.989  7.645   1.00 46.10 ? 1032 HOH A O   1 
HETATM 865 O  O   . HOH C 3 .   ? -14.200 15.307  -0.120  1.00 32.96 ? 1033 HOH A O   1 
HETATM 866 O  O   . HOH C 3 .   ? 11.267  16.279  -9.222  1.00 35.44 ? 1034 HOH A O   1 
HETATM 867 O  O   . HOH C 3 .   ? 0.179   14.721  -4.344  1.00 38.24 ? 1035 HOH A O   1 
HETATM 868 O  O   . HOH C 3 .   ? -16.219 -6.762  4.207   1.00 30.68 ? 1036 HOH A O   1 
HETATM 869 O  O   . HOH C 3 .   ? -3.208  9.020   3.138   1.00 36.74 ? 1037 HOH A O   1 
HETATM 870 O  O   . HOH C 3 .   ? -7.470  15.180  -4.380  1.00 51.49 ? 1038 HOH A O   1 
HETATM 871 O  O   . HOH C 3 .   ? -13.180 10.401  7.096   1.00 56.56 ? 1039 HOH A O   1 
HETATM 872 O  O   . HOH C 3 .   ? 11.251  13.114  -8.459  1.00 31.92 ? 1040 HOH A O   1 
HETATM 873 O  O   . HOH C 3 .   ? 8.261   -3.081  -12.577 1.00 41.64 ? 1041 HOH A O   1 
HETATM 874 O  O   . HOH C 3 .   ? 5.308   -0.426  10.814  1.00 31.99 ? 1042 HOH A O   1 
HETATM 875 O  O   . HOH C 3 .   ? 13.689  2.688   12.318  1.00 45.34 ? 1043 HOH A O   1 
HETATM 876 O  O   . HOH C 3 .   ? -15.857 -5.588  1.212   1.00 33.65 ? 1044 HOH A O   1 
HETATM 877 O  O   . HOH C 3 .   ? 10.800  5.159   -9.780  1.00 46.98 ? 1045 HOH A O   1 
HETATM 878 O  O   . HOH C 3 .   ? 3.098   12.898  3.773   1.00 54.82 ? 1046 HOH A O   1 
HETATM 879 O  O   . HOH C 3 .   ? 13.915  -7.413  4.071   1.00 36.74 ? 1047 HOH A O   1 
HETATM 880 O  O   . HOH C 3 .   ? 13.180  -1.880  -6.394  1.00 37.41 ? 1048 HOH A O   1 
HETATM 881 O  O   . HOH C 3 .   ? 2.316   -1.104  -13.450 1.00 21.55 ? 1049 HOH A O   1 
HETATM 882 O  O   . HOH C 3 .   ? 2.117   19.003  -9.650  1.00 25.02 ? 1050 HOH A O   1 
HETATM 883 O  O   . HOH C 3 .   ? -16.472 6.206   -1.036  1.00 26.27 ? 1051 HOH A O   1 
HETATM 884 O  O   . HOH C 3 .   ? 12.700  -7.089  -5.647  1.00 43.39 ? 1052 HOH A O   1 
HETATM 885 O  O   . HOH C 3 .   ? -4.478  11.890  2.336   1.00 40.44 ? 1053 HOH A O   1 
HETATM 886 O  O   . HOH C 3 .   ? 10.345  -11.240 -1.037  1.00 35.35 ? 1054 HOH A O   1 
HETATM 887 O  O   . HOH C 3 .   ? -1.859  15.139  -1.807  1.00 41.21 ? 1055 HOH A O   1 
HETATM 888 O  O   . HOH C 3 .   ? -10.288 -12.401 4.225   1.00 46.40 ? 1056 HOH A O   1 
HETATM 889 O  O   . HOH C 3 .   ? 13.538  12.280  -2.590  1.00 50.80 ? 1057 HOH A O   1 
HETATM 890 O  O   . HOH C 3 .   ? 11.330  3.958   -6.651  1.00 45.73 ? 1058 HOH A O   1 
HETATM 891 O  O   . HOH C 3 .   ? 0.167   2.891   8.163   1.00 44.14 ? 1059 HOH A O   1 
HETATM 892 O  O   . HOH C 3 .   ? -9.925  16.622  -5.014  1.00 50.58 ? 1060 HOH A O   1 
HETATM 893 O  O   . HOH C 3 .   ? 6.077   -8.796  -12.368 1.00 30.43 ? 1061 HOH A O   1 
HETATM 894 O  O   . HOH C 3 .   ? -17.941 3.162   5.623   1.00 39.95 ? 1062 HOH A O   1 
HETATM 895 O  O   . HOH C 3 .   ? 14.708  -7.122  7.021   1.00 45.97 ? 1063 HOH A O   1 
HETATM 896 O  O   . HOH C 3 .   ? 14.592  17.264  -13.778 1.00 45.00 ? 1064 HOH A O   1 
HETATM 897 O  O   . HOH C 3 .   ? -10.542 -15.067 -0.084  1.00 45.72 ? 1065 HOH A O   1 
HETATM 898 O  O   . HOH C 3 .   ? -6.872  12.629  3.527   1.00 40.81 ? 1066 HOH A O   1 
HETATM 899 O  O   . HOH C 3 .   ? -9.261  -1.263  13.901  1.00 42.62 ? 1067 HOH A O   1 
HETATM 900 O  O   . HOH C 3 .   ? -4.363  -0.124  -5.532  1.00 10.06 ? 1068 HOH A O   1 
HETATM 901 O  O   . HOH C 3 .   ? -4.892  4.201   0.439   1.00 15.66 ? 1069 HOH A O   1 
HETATM 902 O  O   . HOH C 3 .   ? -11.582 -2.840  15.021  1.00 46.72 ? 1070 HOH A O   1 
HETATM 903 O  O   . HOH C 3 .   ? -2.928  -16.487 10.188  1.00 43.25 ? 1071 HOH A O   1 
HETATM 904 O  O   . HOH C 3 .   ? -9.732  17.680  -0.833  1.00 54.92 ? 1072 HOH A O   1 
HETATM 905 O  O   . HOH C 3 .   ? 9.303   -6.099  7.191   1.00 38.00 ? 1073 HOH A O   1 
HETATM 906 O  O   . HOH C 3 .   ? 4.245   4.708   7.840   1.00 42.56 ? 1074 HOH A O   1 
HETATM 907 O  O   . HOH C 3 .   ? 4.195   8.638   5.892   1.00 44.79 ? 1075 HOH A O   1 
HETATM 908 O  O   . HOH C 3 .   ? -11.469 -18.008 -1.393  1.00 51.26 ? 1076 HOH A O   1 
HETATM 909 O  O   . HOH C 3 .   ? 12.645  11.372  -4.673  1.00 45.37 ? 1077 HOH A O   1 
HETATM 910 O  O   . HOH C 3 .   ? 2.312   7.867   8.125   1.00 50.98 ? 1078 HOH A O   1 
HETATM 911 O  O   . HOH C 3 .   ? -1.667  0.591   10.278  1.00 44.49 ? 1079 HOH A O   1 
HETATM 912 O  O   . HOH C 3 .   ? 10.765  -7.346  -8.977  1.00 46.35 ? 1080 HOH A O   1 
HETATM 913 O  O   . HOH C 3 .   ? -1.008  17.931  -3.805  1.00 49.92 ? 1081 HOH A O   1 
HETATM 914 O  O   . HOH C 3 .   ? -10.670 2.773   10.124  1.00 40.95 ? 1082 HOH A O   1 
HETATM 915 O  O   . HOH C 3 .   ? 16.283  1.474   7.010   1.00 46.47 ? 1083 HOH A O   1 
HETATM 916 O  O   . HOH C 3 .   ? 15.358  13.888  -4.307  1.00 43.32 ? 1084 HOH A O   1 
HETATM 917 O  O   . HOH C 3 .   ? -4.263  16.727  -2.989  1.00 48.23 ? 1085 HOH A O   1 
HETATM 918 O  O   . HOH C 3 .   ? 3.079   10.646  4.745   1.00 21.31 ? 1086 HOH A O   1 
HETATM 919 O  O   . HOH C 3 .   ? -8.504  16.441  -2.547  1.00 22.28 ? 1087 HOH A O   1 
HETATM 920 O  O   . HOH C 3 .   ? 4.891   -15.496 7.513   1.00 40.29 ? 1088 HOH A O   1 
HETATM 921 O  O   . HOH C 3 .   ? -12.163 16.953  -3.383  1.00 53.91 ? 1089 HOH A O   1 
HETATM 922 O  O   . HOH C 3 .   ? 13.065  -4.724  -7.941  1.00 45.37 ? 1090 HOH A O   1 
HETATM 923 O  O   . HOH C 3 .   ? 9.478   -13.480 1.499   1.00 43.58 ? 1091 HOH A O   1 
HETATM 924 O  O   . HOH C 3 .   ? 11.075  11.285  1.863   0.50 16.34 ? 1092 HOH A O   1 
HETATM 925 O  O   . HOH C 3 .   ? -11.891 0.983   12.075  1.00 38.06 ? 1093 HOH A O   1 
HETATM 926 O  O   . HOH C 3 .   ? -13.715 -6.365  11.574  1.00 29.51 ? 1094 HOH A O   1 
HETATM 927 O  O   . HOH C 3 .   ? 12.578  -13.363 0.338   1.00 51.15 ? 1095 HOH A O   1 
HETATM 928 O  O   . HOH C 3 .   ? -18.269 8.146   0.845   1.00 39.62 ? 1096 HOH A O   1 
HETATM 929 O  O   . HOH C 3 .   ? -8.001  8.513   7.283   1.00 48.28 ? 1097 HOH A O   1 
HETATM 930 O  O   . HOH C 3 .   ? 18.993  -4.730  -3.958  1.00 48.23 ? 1098 HOH A O   1 
HETATM 931 O  O   . HOH C 3 .   ? 17.636  -2.567  -6.165  1.00 46.45 ? 1099 HOH A O   1 
HETATM 932 O  O   . HOH C 3 .   ? 13.131  7.900   -6.143  1.00 51.66 ? 1100 HOH A O   1 
HETATM 933 O  O   . HOH C 3 .   ? 15.454  6.928   -5.504  1.00 47.13 ? 1101 HOH A O   1 
HETATM 934 O  O   . HOH C 3 .   ? 1.967   -13.013 9.222   1.00 41.96 ? 1102 HOH A O   1 
HETATM 935 O  O   . HOH C 3 .   ? -19.988 10.172  -1.085  1.00 44.73 ? 1103 HOH A O   1 
HETATM 936 O  O   . HOH C 3 .   ? -6.957  11.058  6.413   1.00 50.06 ? 1104 HOH A O   1 
HETATM 937 O  O   . HOH C 3 .   ? -8.148  1.765   14.769  1.00 43.58 ? 1105 HOH A O   1 
HETATM 938 O  O   . HOH C 3 .   ? 19.524  -4.637  0.900   1.00 46.40 ? 1106 HOH A O   1 
HETATM 939 O  O   . HOH C 3 .   ? -14.919 8.621   9.193   1.00 51.80 ? 1107 HOH A O   1 
HETATM 940 O  O   . HOH C 3 .   ? -10.963 -11.867 1.594   1.00 46.30 ? 1108 HOH A O   1 
HETATM 941 O  O   . HOH C 3 .   ? 2.623   -9.600  5.437   1.00 43.53 ? 1109 HOH A O   1 
HETATM 942 O  O   . HOH C 3 .   ? 5.873   3.159   11.760  1.00 46.34 ? 1110 HOH A O   1 
HETATM 943 O  O   . HOH C 3 .   ? -0.499  9.763   5.044   1.00 49.33 ? 1111 HOH A O   1 
HETATM 944 O  O   . HOH C 3 .   ? -7.260  18.325  -3.468  1.00 52.13 ? 1112 HOH A O   1 
HETATM 945 O  O   . HOH C 3 .   ? 3.884   -2.682  -12.368 1.00 46.67 ? 1113 HOH A O   1 
HETATM 946 O  O   . HOH C 3 .   ? 21.952  -3.772  -2.836  1.00 48.70 ? 1114 HOH A O   1 
HETATM 947 O  O   . HOH C 3 .   ? -15.235 5.865   7.085   1.00 49.26 ? 1115 HOH A O   1 
HETATM 948 O  O   . HOH C 3 .   ? 8.292   0.515   8.835   1.00 16.12 ? 1116 HOH A O   1 
HETATM 949 O  O   . HOH C 3 .   ? 7.361   9.789   5.000   1.00 17.82 ? 1117 HOH A O   1 
HETATM 950 O  O   . HOH C 3 .   ? 10.244  14.036  -13.279 1.00 35.71 ? 1118 HOH A O   1 
HETATM 951 O  O   . HOH C 3 .   ? -11.994 8.225   12.002  1.00 53.77 ? 1119 HOH A O   1 
HETATM 952 O  O   . HOH C 3 .   ? -15.234 9.065   4.711   1.00 41.45 ? 1120 HOH A O   1 
HETATM 953 O  O   . HOH C 3 .   ? 12.251  5.980   -7.962  1.00 56.10 ? 1121 HOH A O   1 
HETATM 954 O  O   . HOH C 3 .   ? 11.569  16.337  -12.415 1.00 48.86 ? 1122 HOH A O   1 
HETATM 955 O  O   . HOH C 3 .   ? -3.321  16.629  -6.289  1.00 41.38 ? 1123 HOH A O   1 
# 
